data_7UOR
#
_entry.id   7UOR
#
_cell.length_a   190.213
_cell.length_b   190.213
_cell.length_c   266.773
_cell.angle_alpha   90.000
_cell.angle_beta   90.000
_cell.angle_gamma   90.000
#
_symmetry.space_group_name_H-M   'I 4'
#
loop_
_entity.id
_entity.type
_entity.pdbx_description
1 polymer Cytochrome
2 non-polymer 'methyliridium(III) mesoporphyrin'
3 non-polymer 2-[BIS-(2-HYDROXY-ETHYL)-AMINO]-2-HYDROXYMETHYL-PROPANE-1,3-DIOL
4 non-polymer 'NICKEL (II) ION'
#
_entity_poly.entity_id   1
_entity_poly.type   'polypeptide(L)'
_entity_poly.pdbx_seq_one_letter_code
;MKSSHHHHHHENLYFQSNYDWFSEMRKKDPVYYDGNIWQVFSYRYTKEVLNNFSKFSSDLTGYHERLEDLRNGKIRFDIP
TRYTMLTSDPPLHDELRSMSADIFSPQKLQTLETFIRETTRSLLDSIDPREDDIVKKLAVPLPIIVISKILGLPIEDKEK
FKEWSDLVAFRWGKPGEIFELGKKYLELIGYVKDHLNSGTEVVSRVVNSNLSDIEKLGYIILLLIAGNEGTTNLISNSVI
DFTRFNLWQRIREENLYLKAIEEALRYSPPLMRTVRKTKERVKLGDQTIEEGEYVRVWIASANRDEEVFHDGEKFIPDRN
PNPHLSFGSGIHLGLGAPLARLEARIAIEEFSKRFRHIEILDTEKVPNEVLNGYKRLVVRLKSNE
;
_entity_poly.pdbx_strand_id   A,B,C,D,E,F
#
# COMPACT_ATOMS: atom_id res chain seq x y z
N HIS A 6 2.72 -49.41 -44.01
CA HIS A 6 2.43 -49.77 -42.63
C HIS A 6 3.31 -48.95 -41.70
N HIS A 7 2.84 -47.79 -41.18
CA HIS A 7 3.61 -46.99 -40.20
C HIS A 7 4.66 -46.10 -40.87
N HIS A 8 4.78 -44.83 -40.45
CA HIS A 8 5.44 -43.93 -41.39
C HIS A 8 6.07 -42.60 -40.92
N HIS A 9 5.79 -42.10 -39.72
CA HIS A 9 6.34 -40.82 -39.18
C HIS A 9 6.51 -39.62 -40.12
N HIS A 10 5.83 -38.53 -39.77
CA HIS A 10 6.21 -37.14 -39.93
C HIS A 10 6.59 -36.63 -38.55
N GLU A 11 6.39 -35.34 -38.33
CA GLU A 11 6.40 -34.74 -37.01
C GLU A 11 6.94 -33.33 -37.08
N ASN A 12 6.38 -32.47 -36.26
CA ASN A 12 6.78 -31.07 -36.23
C ASN A 12 8.23 -31.01 -35.78
N LEU A 13 9.10 -30.41 -36.60
CA LEU A 13 10.50 -30.31 -36.21
C LEU A 13 10.86 -28.86 -35.91
N TYR A 14 12.03 -28.69 -35.31
CA TYR A 14 12.34 -27.50 -34.54
C TYR A 14 12.11 -26.22 -35.31
N PHE A 15 12.51 -26.19 -36.56
CA PHE A 15 12.47 -24.96 -37.35
C PHE A 15 11.14 -24.69 -38.00
N GLN A 16 10.04 -25.32 -37.58
CA GLN A 16 8.87 -25.35 -38.44
C GLN A 16 7.66 -24.60 -37.89
N SER A 17 7.27 -24.81 -36.64
CA SER A 17 6.04 -24.15 -36.12
C SER A 17 4.77 -24.94 -36.46
N ASN A 18 3.85 -25.02 -35.48
CA ASN A 18 2.77 -25.98 -35.62
C ASN A 18 1.96 -25.73 -36.88
N TYR A 19 1.72 -24.47 -37.25
CA TYR A 19 0.85 -24.26 -38.39
C TYR A 19 1.56 -24.59 -39.70
N ASP A 20 2.89 -24.37 -39.78
CA ASP A 20 3.64 -24.83 -40.95
C ASP A 20 3.60 -26.36 -41.05
N TRP A 21 3.73 -27.05 -39.94
CA TRP A 21 3.59 -28.50 -39.98
C TRP A 21 2.19 -28.89 -40.43
N PHE A 22 1.15 -28.25 -39.88
CA PHE A 22 -0.22 -28.55 -40.30
C PHE A 22 -0.36 -28.34 -41.80
N SER A 23 0.18 -27.23 -42.32
CA SER A 23 0.07 -26.97 -43.74
C SER A 23 0.72 -28.10 -44.52
N GLU A 24 1.90 -28.55 -44.08
CA GLU A 24 2.54 -29.65 -44.78
C GLU A 24 1.70 -30.89 -44.71
N MET A 25 1.12 -31.18 -43.57
CA MET A 25 0.43 -32.44 -43.45
C MET A 25 -0.84 -32.37 -44.28
N ARG A 26 -1.48 -31.21 -44.30
CA ARG A 26 -2.66 -31.04 -45.14
C ARG A 26 -2.32 -31.29 -46.60
N LYS A 27 -1.10 -30.95 -47.03
CA LYS A 27 -0.82 -31.08 -48.47
C LYS A 27 -0.36 -32.48 -48.82
N LYS A 28 0.48 -33.05 -47.97
CA LYS A 28 1.25 -34.28 -48.19
C LYS A 28 0.58 -35.53 -47.59
N ASP A 29 0.08 -35.47 -46.35
CA ASP A 29 -0.40 -36.68 -45.68
C ASP A 29 -1.57 -36.36 -44.71
N PRO A 30 -2.76 -36.10 -45.26
CA PRO A 30 -3.89 -35.66 -44.41
C PRO A 30 -4.50 -36.69 -43.46
N VAL A 31 -4.35 -37.96 -43.72
CA VAL A 31 -4.73 -39.04 -42.81
C VAL A 31 -3.50 -39.86 -42.63
N TYR A 32 -2.96 -39.81 -41.42
CA TYR A 32 -1.61 -40.26 -41.15
C TYR A 32 -1.56 -41.21 -39.99
N TYR A 33 -0.90 -42.35 -40.21
CA TYR A 33 -0.63 -43.31 -39.15
C TYR A 33 0.81 -43.13 -38.71
N ASP A 34 1.03 -42.90 -37.43
CA ASP A 34 2.38 -42.63 -36.98
C ASP A 34 2.97 -43.84 -36.32
N GLY A 35 2.30 -44.97 -36.46
CA GLY A 35 2.78 -46.17 -35.83
C GLY A 35 2.05 -46.45 -34.55
N ASN A 36 1.34 -45.46 -34.03
CA ASN A 36 0.64 -45.54 -32.75
C ASN A 36 -0.82 -45.09 -32.83
N ILE A 37 -1.07 -43.92 -33.44
CA ILE A 37 -2.42 -43.32 -33.53
C ILE A 37 -2.63 -42.67 -34.88
N TRP A 38 -3.85 -42.71 -35.37
CA TRP A 38 -4.18 -41.95 -36.57
C TRP A 38 -4.36 -40.45 -36.29
N GLN A 39 -3.76 -39.61 -37.12
CA GLN A 39 -3.87 -38.17 -37.03
C GLN A 39 -4.55 -37.66 -38.31
N VAL A 40 -5.54 -36.79 -38.16
CA VAL A 40 -6.30 -36.24 -39.28
C VAL A 40 -6.19 -34.72 -39.32
N PHE A 41 -5.88 -34.18 -40.50
CA PHE A 41 -5.54 -32.77 -40.64
C PHE A 41 -6.45 -31.97 -41.55
N SER A 42 -7.16 -32.60 -42.48
CA SER A 42 -7.97 -31.87 -43.45
C SER A 42 -9.36 -31.56 -42.90
N TYR A 43 -9.96 -30.47 -43.40
CA TYR A 43 -11.32 -30.14 -43.01
C TYR A 43 -12.27 -31.30 -43.37
N ARG A 44 -12.17 -31.81 -44.62
CA ARG A 44 -13.09 -32.84 -45.09
C ARG A 44 -13.11 -34.05 -44.16
N TYR A 45 -11.94 -34.60 -43.87
CA TYR A 45 -11.86 -35.81 -43.06
C TYR A 45 -12.09 -35.53 -41.57
N THR A 46 -11.67 -34.37 -41.07
CA THR A 46 -12.00 -34.01 -39.69
C THR A 46 -13.50 -33.99 -39.46
N LYS A 47 -14.21 -33.25 -40.32
CA LYS A 47 -15.65 -33.20 -40.19
C LYS A 47 -16.23 -34.60 -40.34
N GLU A 48 -15.71 -35.37 -41.30
CA GLU A 48 -16.23 -36.73 -41.46
C GLU A 48 -16.11 -37.51 -40.16
N VAL A 49 -14.95 -37.47 -39.51
CA VAL A 49 -14.75 -38.23 -38.28
C VAL A 49 -15.71 -37.74 -37.21
N LEU A 50 -15.89 -36.43 -37.10
CA LEU A 50 -16.71 -35.91 -36.01
C LEU A 50 -18.18 -36.24 -36.18
N ASN A 51 -18.64 -36.39 -37.42
CA ASN A 51 -20.07 -36.56 -37.66
C ASN A 51 -20.52 -38.01 -37.67
N ASN A 52 -19.59 -38.94 -37.82
CA ASN A 52 -19.91 -40.34 -38.01
C ASN A 52 -19.63 -41.03 -36.67
N PHE A 53 -20.54 -40.78 -35.73
CA PHE A 53 -20.33 -41.28 -34.37
C PHE A 53 -20.55 -42.78 -34.27
N SER A 54 -21.29 -43.35 -35.21
CA SER A 54 -21.51 -44.78 -35.18
C SER A 54 -20.22 -45.56 -35.42
N LYS A 55 -19.24 -44.96 -36.12
CA LYS A 55 -17.98 -45.59 -36.46
C LYS A 55 -16.78 -45.05 -35.66
N PHE A 56 -16.82 -43.77 -35.28
CA PHE A 56 -15.76 -43.12 -34.52
C PHE A 56 -16.42 -42.72 -33.23
N SER A 57 -16.00 -43.38 -32.17
CA SER A 57 -16.64 -43.34 -30.87
C SER A 57 -16.02 -42.33 -29.93
N SER A 58 -16.87 -41.73 -29.07
CA SER A 58 -16.35 -40.93 -27.99
C SER A 58 -16.24 -41.72 -26.71
N ASP A 59 -16.68 -42.98 -26.66
CA ASP A 59 -16.52 -43.74 -25.42
C ASP A 59 -15.06 -44.12 -25.27
N LEU A 60 -14.27 -43.25 -24.65
CA LEU A 60 -12.83 -43.46 -24.53
C LEU A 60 -12.44 -43.74 -23.09
N THR A 61 -13.42 -43.78 -22.20
CA THR A 61 -13.21 -43.85 -20.77
C THR A 61 -13.85 -45.08 -20.15
N GLY A 62 -14.54 -45.89 -20.95
CA GLY A 62 -15.22 -47.04 -20.43
C GLY A 62 -16.52 -46.71 -19.78
N TYR A 63 -17.05 -45.51 -20.02
CA TYR A 63 -18.28 -45.13 -19.38
C TYR A 63 -19.30 -46.23 -19.65
N HIS A 64 -19.38 -46.69 -20.91
CA HIS A 64 -20.41 -47.67 -21.28
C HIS A 64 -20.11 -49.03 -20.69
N GLU A 65 -18.83 -49.42 -20.68
CA GLU A 65 -18.44 -50.71 -20.15
C GLU A 65 -18.65 -50.82 -18.65
N ARG A 66 -18.70 -49.69 -17.96
CA ARG A 66 -18.76 -49.59 -16.52
C ARG A 66 -20.12 -49.12 -16.04
N LEU A 67 -21.04 -48.81 -16.96
CA LEU A 67 -22.30 -48.16 -16.61
C LEU A 67 -23.04 -48.95 -15.54
N GLU A 68 -23.16 -50.27 -15.75
CA GLU A 68 -23.92 -51.09 -14.80
C GLU A 68 -23.26 -51.06 -13.42
N ASP A 69 -21.94 -51.28 -13.35
CA ASP A 69 -21.25 -51.22 -12.06
C ASP A 69 -21.33 -49.82 -11.45
N LEU A 70 -22.06 -48.93 -12.11
CA LEU A 70 -22.27 -47.56 -11.69
C LEU A 70 -23.72 -47.31 -11.29
N ARG A 71 -24.68 -47.82 -12.04
CA ARG A 71 -26.06 -47.45 -11.75
C ARG A 71 -26.61 -48.33 -10.64
N ASN A 72 -26.00 -49.48 -10.44
CA ASN A 72 -26.37 -50.36 -9.34
C ASN A 72 -25.48 -50.11 -8.12
N GLY A 73 -24.52 -49.19 -8.21
CA GLY A 73 -23.74 -48.83 -7.04
C GLY A 73 -22.62 -49.82 -6.89
N LYS A 74 -21.34 -49.43 -6.90
CA LYS A 74 -20.30 -50.44 -6.71
C LYS A 74 -18.87 -49.90 -6.84
N ILE A 75 -18.62 -48.90 -7.70
CA ILE A 75 -17.33 -48.20 -7.76
C ILE A 75 -17.42 -46.93 -6.92
N ARG A 76 -16.30 -46.59 -6.28
CA ARG A 76 -16.21 -45.50 -5.30
C ARG A 76 -15.01 -44.56 -5.43
N PHE A 77 -13.86 -44.95 -6.00
CA PHE A 77 -12.72 -44.05 -6.12
C PHE A 77 -12.19 -44.08 -7.53
N ASP A 78 -13.08 -43.66 -8.42
CA ASP A 78 -12.77 -43.47 -9.82
C ASP A 78 -12.91 -41.97 -10.00
N ILE A 79 -12.30 -41.44 -11.06
CA ILE A 79 -12.34 -40.02 -11.39
C ILE A 79 -13.61 -39.63 -12.14
N PRO A 80 -14.47 -38.81 -11.54
CA PRO A 80 -15.78 -38.49 -12.12
C PRO A 80 -15.75 -37.96 -13.54
N THR A 81 -14.74 -37.17 -13.91
CA THR A 81 -14.81 -36.54 -15.21
C THR A 81 -14.65 -37.57 -16.31
N ARG A 82 -14.43 -38.82 -15.93
CA ARG A 82 -14.44 -39.88 -16.90
C ARG A 82 -15.87 -40.18 -17.36
N TYR A 83 -16.89 -39.84 -16.55
CA TYR A 83 -18.28 -40.28 -16.76
C TYR A 83 -19.20 -39.09 -17.00
N THR A 84 -19.08 -38.43 -18.17
CA THR A 84 -19.91 -37.29 -18.57
C THR A 84 -20.49 -37.54 -19.96
N MET A 85 -21.31 -36.61 -20.42
CA MET A 85 -21.86 -36.80 -21.76
C MET A 85 -20.83 -36.71 -22.86
N LEU A 86 -19.67 -36.12 -22.59
CA LEU A 86 -18.63 -35.89 -23.57
C LEU A 86 -17.88 -37.14 -23.96
N THR A 87 -17.85 -38.14 -23.10
CA THR A 87 -17.11 -39.37 -23.29
C THR A 87 -18.04 -40.57 -23.48
N SER A 88 -19.26 -40.30 -23.99
CA SER A 88 -20.30 -41.31 -24.18
C SER A 88 -20.86 -41.23 -25.60
N ASP A 89 -21.49 -42.32 -26.02
CA ASP A 89 -22.19 -42.47 -27.30
C ASP A 89 -23.66 -42.74 -27.10
N PRO A 90 -24.48 -42.49 -28.12
CA PRO A 90 -25.89 -42.82 -28.01
C PRO A 90 -26.06 -44.29 -27.68
N PRO A 91 -27.10 -44.64 -26.93
CA PRO A 91 -28.22 -43.79 -26.49
C PRO A 91 -27.90 -43.03 -25.20
N LEU A 92 -26.86 -43.43 -24.46
CA LEU A 92 -26.50 -42.77 -23.21
C LEU A 92 -26.23 -41.28 -23.40
N HIS A 93 -25.50 -40.92 -24.46
CA HIS A 93 -25.26 -39.51 -24.75
C HIS A 93 -26.54 -38.71 -24.87
N ASP A 94 -27.50 -39.20 -25.63
CA ASP A 94 -28.72 -38.44 -25.84
C ASP A 94 -29.48 -38.26 -24.52
N GLU A 95 -29.55 -39.32 -23.72
CA GLU A 95 -30.17 -39.25 -22.40
C GLU A 95 -29.51 -38.20 -21.52
N LEU A 96 -28.17 -38.19 -21.48
CA LEU A 96 -27.47 -37.23 -20.62
C LEU A 96 -27.63 -35.80 -21.14
N ARG A 97 -27.40 -35.59 -22.43
CA ARG A 97 -27.49 -34.25 -22.99
C ARG A 97 -28.90 -33.68 -22.86
N SER A 98 -29.93 -34.51 -22.98
CA SER A 98 -31.30 -33.99 -23.01
C SER A 98 -31.71 -33.32 -21.70
N MET A 99 -30.96 -33.55 -20.64
CA MET A 99 -31.24 -33.00 -19.33
C MET A 99 -30.96 -31.52 -19.32
N SER A 100 -30.12 -31.04 -20.22
CA SER A 100 -29.64 -29.67 -20.20
C SER A 100 -29.66 -28.92 -21.53
N ALA A 101 -30.12 -29.52 -22.64
CA ALA A 101 -29.97 -28.86 -23.96
C ALA A 101 -30.55 -27.45 -23.93
N ASP A 102 -31.66 -27.31 -23.23
CA ASP A 102 -32.52 -26.15 -23.07
C ASP A 102 -31.87 -25.01 -22.25
N ILE A 103 -30.80 -25.30 -21.49
CA ILE A 103 -30.21 -24.30 -20.60
C ILE A 103 -29.59 -23.07 -21.26
N PHE A 104 -29.07 -23.14 -22.48
CA PHE A 104 -28.44 -21.93 -22.98
C PHE A 104 -29.28 -21.22 -24.03
N SER A 105 -30.59 -21.56 -24.11
CA SER A 105 -31.60 -20.97 -25.00
C SER A 105 -31.48 -19.46 -25.22
N PRO A 106 -31.88 -18.98 -26.40
CA PRO A 106 -31.80 -17.53 -26.67
C PRO A 106 -32.45 -16.64 -25.63
N GLN A 107 -33.62 -17.04 -25.09
CA GLN A 107 -34.31 -16.20 -24.10
C GLN A 107 -33.47 -16.04 -22.85
N LYS A 108 -32.89 -17.15 -22.35
CA LYS A 108 -32.12 -17.05 -21.11
C LYS A 108 -30.86 -16.24 -21.33
N LEU A 109 -30.23 -16.37 -22.51
CA LEU A 109 -29.02 -15.59 -22.58
C LEU A 109 -29.37 -14.12 -22.79
N GLN A 110 -30.52 -13.85 -23.42
CA GLN A 110 -30.88 -12.45 -23.55
C GLN A 110 -31.13 -11.87 -22.16
N THR A 111 -31.64 -12.69 -21.24
CA THR A 111 -31.87 -12.15 -19.91
C THR A 111 -30.57 -12.02 -19.14
N LEU A 112 -29.48 -12.65 -19.61
CA LEU A 112 -28.23 -12.56 -18.86
C LEU A 112 -27.32 -11.51 -19.44
N GLU A 113 -27.71 -10.91 -20.56
CA GLU A 113 -26.79 -9.99 -21.20
C GLU A 113 -26.44 -8.90 -20.19
N THR A 114 -27.45 -8.33 -19.55
CA THR A 114 -27.18 -7.27 -18.59
C THR A 114 -26.25 -7.72 -17.47
N PHE A 115 -26.45 -8.92 -16.93
CA PHE A 115 -25.57 -9.37 -15.85
C PHE A 115 -24.14 -9.46 -16.36
N ILE A 116 -23.97 -10.08 -17.53
CA ILE A 116 -22.65 -10.26 -18.11
C ILE A 116 -22.00 -8.92 -18.41
N ARG A 117 -22.76 -7.99 -18.96
CA ARG A 117 -22.21 -6.69 -19.31
C ARG A 117 -21.79 -5.95 -18.06
N GLU A 118 -22.66 -5.95 -17.04
CA GLU A 118 -22.31 -5.28 -15.79
C GLU A 118 -21.09 -5.92 -15.12
N THR A 119 -21.02 -7.25 -15.12
CA THR A 119 -19.86 -7.96 -14.56
C THR A 119 -18.59 -7.59 -15.33
N THR A 120 -18.67 -7.58 -16.65
CA THR A 120 -17.54 -7.19 -17.48
C THR A 120 -17.08 -5.77 -17.15
N ARG A 121 -18.03 -4.85 -16.98
CA ARG A 121 -17.65 -3.48 -16.66
C ARG A 121 -16.96 -3.45 -15.32
N SER A 122 -17.51 -4.18 -14.34
CA SER A 122 -16.90 -4.24 -13.03
C SER A 122 -15.46 -4.77 -13.09
N LEU A 123 -15.24 -5.85 -13.84
CA LEU A 123 -13.90 -6.41 -13.98
C LEU A 123 -12.96 -5.43 -14.68
N LEU A 124 -13.48 -4.70 -15.67
CA LEU A 124 -12.67 -3.73 -16.38
C LEU A 124 -12.28 -2.58 -15.48
N ASP A 125 -13.13 -2.28 -14.49
CA ASP A 125 -12.86 -1.18 -13.58
C ASP A 125 -11.57 -1.39 -12.81
N SER A 126 -11.12 -2.64 -12.69
CA SER A 126 -9.98 -3.05 -11.86
C SER A 126 -8.65 -3.06 -12.61
N ILE A 127 -8.61 -2.75 -13.89
CA ILE A 127 -7.37 -2.86 -14.67
C ILE A 127 -6.55 -1.58 -14.48
N ASP A 128 -5.26 -1.73 -14.16
CA ASP A 128 -4.30 -0.60 -14.18
C ASP A 128 -3.77 -0.31 -15.59
N PRO A 129 -4.05 0.86 -16.16
CA PRO A 129 -3.68 1.11 -17.55
C PRO A 129 -2.21 1.22 -17.75
N ARG A 130 -1.45 1.44 -16.70
CA ARG A 130 -0.01 1.55 -16.83
C ARG A 130 0.60 0.21 -17.18
N GLU A 131 0.08 -0.83 -16.57
CA GLU A 131 0.57 -2.17 -16.76
C GLU A 131 -0.31 -3.16 -16.07
N ASP A 132 -0.93 -4.06 -16.80
CA ASP A 132 -1.69 -5.04 -16.02
C ASP A 132 -1.88 -6.33 -16.83
N ASP A 133 -2.28 -7.38 -16.12
CA ASP A 133 -2.45 -8.69 -16.74
C ASP A 133 -3.95 -8.89 -16.93
N ILE A 134 -4.39 -8.85 -18.19
CA ILE A 134 -5.81 -8.92 -18.53
C ILE A 134 -6.28 -10.36 -18.28
N VAL A 135 -5.39 -11.33 -18.51
CA VAL A 135 -5.78 -12.71 -18.25
C VAL A 135 -6.23 -12.83 -16.80
N LYS A 136 -5.47 -12.22 -15.87
CA LYS A 136 -5.79 -12.30 -14.44
C LYS A 136 -7.02 -11.46 -14.08
N LYS A 137 -7.19 -10.30 -14.68
CA LYS A 137 -8.17 -9.31 -14.23
C LYS A 137 -9.52 -9.45 -14.92
N LEU A 138 -9.56 -10.11 -16.08
CA LEU A 138 -10.74 -10.18 -16.92
C LEU A 138 -11.01 -11.59 -17.44
N ALA A 139 -10.03 -12.20 -18.12
CA ALA A 139 -10.28 -13.43 -18.86
C ALA A 139 -10.64 -14.59 -17.92
N VAL A 140 -10.03 -14.62 -16.74
CA VAL A 140 -10.26 -15.73 -15.84
C VAL A 140 -11.53 -15.51 -15.05
N PRO A 141 -11.74 -14.33 -14.43
CA PRO A 141 -12.90 -14.19 -13.53
C PRO A 141 -14.26 -14.15 -14.23
N LEU A 142 -14.33 -13.66 -15.47
CA LEU A 142 -15.64 -13.47 -16.10
C LEU A 142 -16.39 -14.78 -16.25
N PRO A 143 -15.84 -15.81 -16.88
CA PRO A 143 -16.62 -17.04 -17.03
C PRO A 143 -16.94 -17.70 -15.72
N ILE A 144 -16.07 -17.56 -14.70
CA ILE A 144 -16.36 -18.19 -13.42
C ILE A 144 -17.56 -17.52 -12.77
N ILE A 145 -17.60 -16.18 -12.81
CA ILE A 145 -18.71 -15.46 -12.22
C ILE A 145 -20.03 -15.74 -12.97
N VAL A 146 -19.98 -15.74 -14.31
CA VAL A 146 -21.20 -15.92 -15.10
C VAL A 146 -21.74 -17.34 -14.92
N ILE A 147 -20.85 -18.35 -14.99
CA ILE A 147 -21.35 -19.71 -14.86
C ILE A 147 -21.86 -19.92 -13.45
N SER A 148 -21.20 -19.30 -12.45
CA SER A 148 -21.70 -19.38 -11.09
C SER A 148 -23.12 -18.83 -10.99
N LYS A 149 -23.40 -17.70 -11.67
CA LYS A 149 -24.76 -17.18 -11.66
C LYS A 149 -25.73 -18.14 -12.34
N ILE A 150 -25.34 -18.70 -13.48
CA ILE A 150 -26.24 -19.58 -14.21
C ILE A 150 -26.58 -20.84 -13.44
N LEU A 151 -25.64 -21.40 -12.71
CA LEU A 151 -25.92 -22.67 -12.04
C LEU A 151 -26.40 -22.47 -10.60
N GLY A 152 -26.28 -21.26 -10.10
CA GLY A 152 -26.66 -20.91 -8.76
C GLY A 152 -25.72 -21.43 -7.69
N LEU A 153 -24.45 -21.67 -8.02
CA LEU A 153 -23.43 -22.12 -7.06
C LEU A 153 -22.65 -20.90 -6.59
N PRO A 154 -22.92 -20.35 -5.42
CA PRO A 154 -22.16 -19.17 -4.99
C PRO A 154 -20.68 -19.50 -4.82
N ILE A 155 -19.82 -18.67 -5.40
CA ILE A 155 -18.38 -18.92 -5.42
C ILE A 155 -17.69 -17.87 -4.55
N GLU A 156 -17.28 -18.30 -3.35
CA GLU A 156 -16.67 -17.44 -2.35
C GLU A 156 -15.28 -16.98 -2.79
N ASP A 157 -14.34 -17.91 -2.80
CA ASP A 157 -12.94 -17.64 -3.10
C ASP A 157 -12.62 -17.96 -4.56
N LYS A 158 -12.67 -16.93 -5.40
CA LYS A 158 -12.52 -17.19 -6.83
C LYS A 158 -11.19 -17.87 -7.14
N GLU A 159 -10.14 -17.56 -6.38
CA GLU A 159 -8.81 -18.15 -6.57
C GLU A 159 -8.74 -19.64 -6.22
N LYS A 160 -9.46 -20.07 -5.16
CA LYS A 160 -9.45 -21.52 -4.90
C LYS A 160 -10.12 -22.19 -6.07
N PHE A 161 -11.18 -21.57 -6.58
CA PHE A 161 -11.94 -22.13 -7.68
C PHE A 161 -11.08 -22.20 -8.94
N LYS A 162 -10.23 -21.20 -9.15
CA LYS A 162 -9.35 -21.25 -10.32
C LYS A 162 -8.47 -22.46 -10.18
N GLU A 163 -7.90 -22.64 -9.00
CA GLU A 163 -7.03 -23.79 -8.78
C GLU A 163 -7.77 -25.11 -9.05
N TRP A 164 -9.02 -25.22 -8.58
CA TRP A 164 -9.75 -26.46 -8.78
C TRP A 164 -10.03 -26.67 -10.25
N SER A 165 -10.38 -25.58 -10.95
CA SER A 165 -10.67 -25.67 -12.37
C SER A 165 -9.44 -26.12 -13.16
N ASP A 166 -8.27 -25.54 -12.87
CA ASP A 166 -7.07 -25.99 -13.59
C ASP A 166 -6.71 -27.42 -13.25
N LEU A 167 -7.00 -27.83 -12.02
CA LEU A 167 -6.63 -29.17 -11.59
C LEU A 167 -7.47 -30.19 -12.32
N VAL A 168 -8.74 -29.90 -12.49
CA VAL A 168 -9.61 -30.90 -13.06
C VAL A 168 -9.51 -30.88 -14.56
N ALA A 169 -9.45 -29.68 -15.13
CA ALA A 169 -9.40 -29.55 -16.58
C ALA A 169 -8.15 -30.20 -17.14
N PHE A 170 -7.00 -29.97 -16.49
CA PHE A 170 -5.75 -30.43 -17.08
C PHE A 170 -5.72 -31.96 -17.17
N ARG A 171 -6.18 -32.66 -16.13
CA ARG A 171 -6.03 -34.10 -16.04
C ARG A 171 -7.32 -34.86 -16.41
N TRP A 172 -8.26 -34.19 -17.10
CA TRP A 172 -9.45 -34.81 -17.70
C TRP A 172 -9.48 -36.10 -18.49
N GLY A 173 -9.94 -37.14 -17.79
CA GLY A 173 -10.15 -38.46 -18.32
C GLY A 173 -9.08 -39.44 -17.92
N LYS A 174 -8.11 -39.00 -17.15
CA LYS A 174 -6.99 -39.81 -16.70
C LYS A 174 -7.36 -40.97 -15.82
N PRO A 175 -7.37 -42.18 -16.38
CA PRO A 175 -7.78 -43.36 -15.63
C PRO A 175 -6.94 -43.48 -14.37
N GLY A 176 -7.53 -43.26 -13.21
CA GLY A 176 -6.74 -43.25 -12.00
C GLY A 176 -7.64 -43.28 -10.79
N GLU A 177 -7.02 -43.05 -9.64
CA GLU A 177 -7.71 -43.16 -8.37
C GLU A 177 -8.08 -41.74 -7.97
N ILE A 178 -9.12 -41.57 -7.16
CA ILE A 178 -9.50 -40.20 -6.83
C ILE A 178 -8.46 -39.55 -5.95
N PHE A 179 -7.69 -40.36 -5.19
CA PHE A 179 -6.69 -39.82 -4.29
C PHE A 179 -5.57 -39.10 -5.01
N GLU A 180 -5.24 -39.51 -6.25
CA GLU A 180 -4.17 -38.92 -7.08
C GLU A 180 -3.82 -37.51 -6.61
N LEU A 181 -4.83 -36.69 -6.30
CA LEU A 181 -4.63 -35.34 -5.81
C LEU A 181 -5.36 -35.43 -4.48
N GLY A 182 -6.60 -34.99 -4.38
CA GLY A 182 -7.12 -34.88 -3.05
C GLY A 182 -6.91 -33.60 -2.28
N LYS A 183 -5.81 -32.88 -2.46
CA LYS A 183 -5.64 -31.80 -1.50
C LYS A 183 -6.57 -30.69 -1.95
N LYS A 184 -6.62 -30.47 -3.24
CA LYS A 184 -7.46 -29.46 -3.85
C LYS A 184 -8.79 -30.08 -4.28
N TYR A 185 -8.70 -31.27 -4.86
CA TYR A 185 -9.85 -32.02 -5.32
C TYR A 185 -10.83 -32.42 -4.23
N LEU A 186 -10.36 -32.82 -3.04
CA LEU A 186 -11.34 -33.16 -2.01
C LEU A 186 -12.12 -31.92 -1.61
N GLU A 187 -11.45 -30.77 -1.60
CA GLU A 187 -12.12 -29.51 -1.32
C GLU A 187 -13.20 -29.22 -2.37
N LEU A 188 -12.90 -29.47 -3.64
CA LEU A 188 -13.89 -29.22 -4.70
C LEU A 188 -15.12 -30.09 -4.50
N ILE A 189 -14.92 -31.37 -4.21
CA ILE A 189 -16.06 -32.25 -3.99
C ILE A 189 -16.88 -31.79 -2.80
N GLY A 190 -16.21 -31.46 -1.69
CA GLY A 190 -16.93 -30.98 -0.52
C GLY A 190 -17.77 -29.78 -0.88
N TYR A 191 -17.22 -28.89 -1.70
CA TYR A 191 -17.98 -27.73 -2.12
C TYR A 191 -19.23 -28.09 -2.89
N VAL A 192 -19.11 -28.97 -3.88
CA VAL A 192 -20.33 -29.26 -4.65
C VAL A 192 -21.40 -29.93 -3.80
N LYS A 193 -21.03 -30.89 -2.96
CA LYS A 193 -22.09 -31.47 -2.14
C LYS A 193 -22.69 -30.42 -1.20
N ASP A 194 -21.86 -29.55 -0.61
CA ASP A 194 -22.43 -28.59 0.34
C ASP A 194 -23.34 -27.58 -0.36
N HIS A 195 -23.27 -27.47 -1.70
CA HIS A 195 -24.02 -26.44 -2.41
C HIS A 195 -25.01 -27.00 -3.43
N LEU A 196 -25.29 -28.32 -3.38
CA LEU A 196 -26.21 -29.07 -4.24
C LEU A 196 -27.65 -28.72 -4.01
N ASN A 197 -27.94 -27.84 -3.06
CA ASN A 197 -29.30 -27.41 -2.82
C ASN A 197 -29.58 -26.08 -3.48
N SER A 198 -28.76 -25.07 -3.20
CA SER A 198 -29.00 -23.72 -3.72
C SER A 198 -29.18 -23.71 -5.24
N GLY A 199 -28.63 -24.70 -5.93
CA GLY A 199 -28.83 -24.85 -7.36
C GLY A 199 -30.11 -24.53 -8.13
N THR A 200 -29.85 -24.07 -9.35
CA THR A 200 -30.73 -23.72 -10.48
C THR A 200 -31.37 -24.98 -11.05
N GLU A 201 -32.45 -24.77 -11.80
CA GLU A 201 -33.23 -25.87 -12.33
C GLU A 201 -32.38 -26.99 -12.95
N VAL A 202 -31.37 -26.64 -13.72
CA VAL A 202 -30.62 -27.73 -14.37
C VAL A 202 -29.88 -28.58 -13.33
N VAL A 203 -29.24 -27.96 -12.35
CA VAL A 203 -28.51 -28.74 -11.36
C VAL A 203 -29.46 -29.67 -10.59
N SER A 204 -30.63 -29.17 -10.22
CA SER A 204 -31.62 -29.99 -9.50
C SER A 204 -32.08 -31.16 -10.36
N ARG A 205 -32.25 -30.93 -11.67
CA ARG A 205 -32.66 -32.01 -12.54
C ARG A 205 -31.60 -33.09 -12.50
N VAL A 206 -30.34 -32.69 -12.52
CA VAL A 206 -29.29 -33.70 -12.51
C VAL A 206 -29.23 -34.43 -11.16
N VAL A 207 -29.32 -33.71 -10.03
CA VAL A 207 -29.17 -34.43 -8.76
C VAL A 207 -30.31 -35.42 -8.54
N ASN A 208 -31.52 -35.02 -8.92
CA ASN A 208 -32.71 -35.84 -8.72
C ASN A 208 -32.96 -36.63 -10.00
N SER A 209 -32.03 -37.54 -10.29
CA SER A 209 -32.10 -38.37 -11.47
C SER A 209 -31.60 -39.76 -11.11
N ASN A 210 -31.66 -40.67 -12.07
CA ASN A 210 -31.25 -42.05 -11.84
C ASN A 210 -29.77 -42.27 -12.08
N LEU A 211 -29.00 -41.21 -12.22
CA LEU A 211 -27.56 -41.34 -12.37
C LEU A 211 -26.95 -41.79 -11.07
N SER A 212 -25.87 -42.53 -11.18
CA SER A 212 -25.09 -42.84 -10.00
C SER A 212 -24.56 -41.53 -9.40
N ASP A 213 -24.11 -41.59 -8.14
CA ASP A 213 -23.56 -40.39 -7.52
C ASP A 213 -22.34 -39.88 -8.28
N ILE A 214 -21.54 -40.79 -8.83
CA ILE A 214 -20.33 -40.39 -9.56
C ILE A 214 -20.71 -39.73 -10.88
N GLU A 215 -21.75 -40.22 -11.53
CA GLU A 215 -22.19 -39.58 -12.76
C GLU A 215 -22.73 -38.20 -12.44
N LYS A 216 -23.46 -38.07 -11.33
CA LYS A 216 -24.03 -36.77 -10.95
C LYS A 216 -22.92 -35.76 -10.75
N LEU A 217 -21.85 -36.16 -10.04
CA LEU A 217 -20.71 -35.27 -9.85
C LEU A 217 -20.01 -34.93 -11.14
N GLY A 218 -19.75 -35.93 -11.98
CA GLY A 218 -19.11 -35.66 -13.26
C GLY A 218 -19.91 -34.66 -14.08
N TYR A 219 -21.22 -34.78 -14.06
CA TYR A 219 -22.05 -33.89 -14.85
C TYR A 219 -21.99 -32.47 -14.31
N ILE A 220 -22.08 -32.33 -12.99
CA ILE A 220 -22.03 -30.98 -12.42
C ILE A 220 -20.66 -30.36 -12.64
N ILE A 221 -19.60 -31.14 -12.46
CA ILE A 221 -18.27 -30.61 -12.72
C ILE A 221 -18.14 -30.22 -14.18
N LEU A 222 -18.67 -31.04 -15.10
CA LEU A 222 -18.59 -30.67 -16.49
C LEU A 222 -19.19 -29.29 -16.73
N LEU A 223 -20.43 -29.09 -16.31
CA LEU A 223 -21.05 -27.79 -16.55
C LEU A 223 -20.36 -26.64 -15.82
N LEU A 224 -20.03 -26.83 -14.55
CA LEU A 224 -19.44 -25.74 -13.79
C LEU A 224 -18.02 -25.36 -14.17
N ILE A 225 -17.18 -26.36 -14.43
CA ILE A 225 -15.74 -26.14 -14.57
C ILE A 225 -15.17 -26.27 -15.98
N ALA A 226 -15.74 -27.11 -16.85
CA ALA A 226 -15.11 -27.33 -18.13
C ALA A 226 -15.02 -26.09 -18.99
N GLY A 227 -16.13 -25.49 -19.35
CA GLY A 227 -16.04 -24.21 -20.05
C GLY A 227 -15.22 -23.02 -19.58
N ASN A 228 -14.75 -23.04 -18.35
CA ASN A 228 -14.01 -21.90 -17.83
C ASN A 228 -12.71 -21.64 -18.56
N GLU A 229 -11.89 -22.67 -18.76
CA GLU A 229 -10.60 -22.43 -19.38
C GLU A 229 -10.77 -22.10 -20.85
N GLY A 230 -11.72 -22.77 -21.51
CA GLY A 230 -11.97 -22.47 -22.91
C GLY A 230 -12.38 -21.04 -23.14
N THR A 231 -13.31 -20.54 -22.32
CA THR A 231 -13.77 -19.17 -22.56
C THR A 231 -12.71 -18.17 -22.16
N THR A 232 -12.00 -18.42 -21.06
CA THR A 232 -10.87 -17.55 -20.73
C THR A 232 -9.91 -17.44 -21.92
N ASN A 233 -9.58 -18.58 -22.55
CA ASN A 233 -8.61 -18.57 -23.63
C ASN A 233 -9.15 -17.96 -24.90
N LEU A 234 -10.45 -18.11 -25.16
CA LEU A 234 -11.05 -17.42 -26.30
C LEU A 234 -10.89 -15.91 -26.16
N ILE A 235 -11.19 -15.39 -24.98
CA ILE A 235 -11.13 -13.96 -24.73
C ILE A 235 -9.70 -13.45 -24.85
N SER A 236 -8.75 -14.14 -24.21
CA SER A 236 -7.36 -13.68 -24.28
C SER A 236 -6.81 -13.82 -25.70
N ASN A 237 -7.09 -14.96 -26.38
CA ASN A 237 -6.64 -15.10 -27.76
C ASN A 237 -7.18 -14.00 -28.66
N SER A 238 -8.45 -13.62 -28.46
CA SER A 238 -9.06 -12.55 -29.24
C SER A 238 -8.32 -11.24 -28.99
N VAL A 239 -7.99 -10.95 -27.72
CA VAL A 239 -7.26 -9.72 -27.43
C VAL A 239 -5.93 -9.69 -28.16
N ILE A 240 -5.20 -10.80 -28.13
CA ILE A 240 -3.90 -10.82 -28.80
C ILE A 240 -4.10 -10.63 -30.28
N ASP A 241 -4.98 -11.42 -30.90
CA ASP A 241 -5.13 -11.36 -32.35
C ASP A 241 -5.57 -9.99 -32.81
N PHE A 242 -6.53 -9.36 -32.11
CA PHE A 242 -6.99 -8.06 -32.57
C PHE A 242 -5.86 -7.06 -32.43
N THR A 243 -5.00 -7.22 -31.42
CA THR A 243 -3.87 -6.29 -31.27
C THR A 243 -2.78 -6.57 -32.32
N ARG A 244 -2.42 -7.84 -32.53
CA ARG A 244 -1.36 -8.22 -33.46
C ARG A 244 -1.68 -7.80 -34.87
N PHE A 245 -2.95 -7.85 -35.24
CA PHE A 245 -3.29 -7.56 -36.60
C PHE A 245 -3.84 -6.14 -36.74
N ASN A 246 -3.76 -5.35 -35.67
CA ASN A 246 -4.19 -3.97 -35.69
C ASN A 246 -5.63 -3.81 -36.18
N LEU A 247 -6.55 -4.45 -35.48
CA LEU A 247 -7.91 -4.55 -35.97
C LEU A 247 -8.89 -3.82 -35.05
N TRP A 248 -8.42 -3.30 -33.92
CA TRP A 248 -9.32 -2.75 -32.92
C TRP A 248 -10.13 -1.59 -33.48
N GLN A 249 -9.45 -0.68 -34.18
CA GLN A 249 -10.14 0.48 -34.73
C GLN A 249 -11.15 0.02 -35.75
N ARG A 250 -10.72 -0.86 -36.65
CA ARG A 250 -11.60 -1.34 -37.69
C ARG A 250 -12.79 -2.09 -37.08
N ILE A 251 -12.51 -2.99 -36.13
CA ILE A 251 -13.58 -3.77 -35.49
C ILE A 251 -14.60 -2.83 -34.86
N ARG A 252 -14.13 -1.72 -34.29
CA ARG A 252 -15.03 -0.77 -33.63
C ARG A 252 -15.87 -0.02 -34.65
N GLU A 253 -15.21 0.54 -35.66
CA GLU A 253 -15.86 1.43 -36.62
C GLU A 253 -16.85 0.68 -37.47
N GLU A 254 -16.60 -0.60 -37.72
CA GLU A 254 -17.41 -1.44 -38.60
C GLU A 254 -18.30 -2.41 -37.84
N ASN A 255 -18.30 -2.36 -36.50
CA ASN A 255 -19.11 -3.26 -35.69
C ASN A 255 -18.88 -4.73 -36.02
N LEU A 256 -17.62 -5.16 -36.00
CA LEU A 256 -17.29 -6.51 -36.44
C LEU A 256 -17.22 -7.52 -35.30
N TYR A 257 -17.82 -7.20 -34.16
CA TYR A 257 -17.60 -8.02 -32.99
C TYR A 257 -17.97 -9.47 -33.24
N LEU A 258 -19.16 -9.76 -33.80
CA LEU A 258 -19.50 -11.19 -33.91
C LEU A 258 -18.60 -11.88 -34.91
N LYS A 259 -18.40 -11.27 -36.07
CA LYS A 259 -17.54 -11.90 -37.07
C LYS A 259 -16.10 -11.99 -36.58
N ALA A 260 -15.58 -10.94 -35.94
CA ALA A 260 -14.18 -10.97 -35.49
C ALA A 260 -13.96 -12.03 -34.41
N ILE A 261 -14.92 -12.18 -33.51
CA ILE A 261 -14.79 -13.22 -32.49
C ILE A 261 -14.79 -14.59 -33.16
N GLU A 262 -15.62 -14.76 -34.19
CA GLU A 262 -15.60 -16.03 -34.92
C GLU A 262 -14.27 -16.27 -35.57
N GLU A 263 -13.67 -15.23 -36.13
CA GLU A 263 -12.37 -15.42 -36.76
C GLU A 263 -11.35 -15.79 -35.71
N ALA A 264 -11.45 -15.23 -34.51
CA ALA A 264 -10.56 -15.70 -33.45
C ALA A 264 -10.79 -17.18 -33.17
N LEU A 265 -12.04 -17.60 -33.13
CA LEU A 265 -12.28 -19.03 -32.93
C LEU A 265 -11.64 -19.89 -34.03
N ARG A 266 -11.64 -19.42 -35.28
CA ARG A 266 -11.05 -20.19 -36.37
C ARG A 266 -9.55 -20.16 -36.30
N TYR A 267 -9.00 -18.95 -36.19
CA TYR A 267 -7.58 -18.72 -36.31
C TYR A 267 -6.85 -19.20 -35.05
N SER A 268 -7.40 -18.91 -33.86
CA SER A 268 -6.79 -19.29 -32.60
C SER A 268 -7.71 -20.15 -31.75
N PRO A 269 -8.04 -21.35 -32.18
CA PRO A 269 -9.01 -22.16 -31.43
C PRO A 269 -8.49 -22.47 -30.03
N PRO A 270 -9.29 -22.26 -29.00
CA PRO A 270 -8.84 -22.60 -27.65
C PRO A 270 -8.54 -24.08 -27.47
N LEU A 271 -9.30 -24.92 -28.14
CA LEU A 271 -9.10 -26.35 -28.16
C LEU A 271 -8.59 -26.76 -29.54
N MET A 272 -7.41 -27.34 -29.57
CA MET A 272 -6.62 -27.62 -30.77
C MET A 272 -7.02 -28.92 -31.45
N ARG A 273 -7.38 -29.94 -30.67
CA ARG A 273 -7.69 -31.26 -31.19
C ARG A 273 -8.64 -31.97 -30.27
N THR A 274 -9.31 -32.97 -30.83
CA THR A 274 -10.08 -33.89 -30.02
C THR A 274 -9.83 -35.32 -30.52
N VAL A 275 -10.42 -36.31 -29.84
CA VAL A 275 -10.09 -37.71 -30.12
C VAL A 275 -11.32 -38.59 -30.29
N ARG A 276 -11.22 -39.57 -31.18
CA ARG A 276 -12.21 -40.64 -31.25
C ARG A 276 -11.53 -42.01 -31.21
N LYS A 277 -12.29 -43.08 -30.88
CA LYS A 277 -11.77 -44.45 -30.98
C LYS A 277 -12.64 -45.18 -31.99
N THR A 278 -12.03 -45.83 -32.97
CA THR A 278 -12.83 -46.57 -33.95
C THR A 278 -13.45 -47.83 -33.35
N LYS A 279 -14.70 -48.10 -33.74
CA LYS A 279 -15.42 -49.29 -33.28
C LYS A 279 -15.37 -50.42 -34.30
N GLU A 280 -15.02 -50.14 -35.54
CA GLU A 280 -14.93 -51.13 -36.59
C GLU A 280 -13.96 -50.63 -37.64
N ARG A 281 -13.57 -51.51 -38.54
CA ARG A 281 -12.76 -51.07 -39.67
C ARG A 281 -13.52 -50.03 -40.49
N VAL A 282 -12.87 -48.90 -40.76
CA VAL A 282 -13.49 -47.80 -41.51
C VAL A 282 -12.51 -47.40 -42.60
N LYS A 283 -13.06 -46.91 -43.71
CA LYS A 283 -12.24 -46.25 -44.72
C LYS A 283 -12.36 -44.77 -44.41
N LEU A 284 -11.21 -44.13 -44.29
CA LEU A 284 -11.15 -42.68 -44.13
C LEU A 284 -10.23 -42.12 -45.19
N GLY A 285 -10.84 -41.49 -46.18
CA GLY A 285 -10.08 -41.12 -47.35
C GLY A 285 -9.56 -42.36 -48.03
N ASP A 286 -8.28 -42.36 -48.28
CA ASP A 286 -7.62 -43.48 -48.93
C ASP A 286 -7.01 -44.42 -47.93
N GLN A 287 -7.30 -44.24 -46.65
CA GLN A 287 -6.67 -45.05 -45.62
C GLN A 287 -7.70 -46.00 -45.04
N THR A 288 -7.27 -47.18 -44.64
CA THR A 288 -8.13 -48.09 -43.89
C THR A 288 -7.66 -48.13 -42.43
N ILE A 289 -8.55 -47.80 -41.52
CA ILE A 289 -8.26 -47.74 -40.09
C ILE A 289 -8.94 -48.90 -39.39
N GLU A 290 -8.16 -49.66 -38.64
CA GLU A 290 -8.65 -50.86 -37.98
C GLU A 290 -9.51 -50.55 -36.76
N GLU A 291 -10.35 -51.50 -36.42
CA GLU A 291 -11.16 -51.43 -35.23
C GLU A 291 -10.26 -51.24 -34.02
N GLY A 292 -10.62 -50.31 -33.14
CA GLY A 292 -9.90 -50.15 -31.90
C GLY A 292 -8.79 -49.13 -31.89
N GLU A 293 -8.48 -48.51 -33.02
CA GLU A 293 -7.45 -47.48 -33.11
C GLU A 293 -7.97 -46.11 -32.65
N TYR A 294 -7.07 -45.27 -32.19
CA TYR A 294 -7.40 -43.92 -31.74
C TYR A 294 -7.16 -42.95 -32.90
N VAL A 295 -8.09 -42.03 -33.06
CA VAL A 295 -8.01 -41.01 -34.09
C VAL A 295 -7.98 -39.64 -33.42
N ARG A 296 -6.88 -38.93 -33.63
CA ARG A 296 -6.70 -37.56 -33.20
C ARG A 296 -7.12 -36.69 -34.35
N VAL A 297 -8.09 -35.79 -34.09
CA VAL A 297 -8.57 -34.85 -35.10
C VAL A 297 -8.04 -33.48 -34.75
N TRP A 298 -7.38 -32.84 -35.72
CA TRP A 298 -6.82 -31.51 -35.49
C TRP A 298 -7.74 -30.38 -35.94
N ILE A 299 -8.47 -29.83 -34.98
CA ILE A 299 -9.36 -28.74 -35.29
C ILE A 299 -8.56 -27.54 -35.81
N ALA A 300 -7.42 -27.30 -35.18
CA ALA A 300 -6.60 -26.18 -35.59
C ALA A 300 -6.17 -26.30 -37.03
N SER A 301 -5.79 -27.49 -37.47
CA SER A 301 -5.42 -27.66 -38.87
C SER A 301 -6.62 -27.51 -39.80
N ALA A 302 -7.72 -28.20 -39.48
CA ALA A 302 -8.89 -28.14 -40.32
C ALA A 302 -9.36 -26.71 -40.51
N ASN A 303 -9.23 -25.88 -39.49
CA ASN A 303 -9.74 -24.52 -39.54
C ASN A 303 -8.93 -23.64 -40.46
N ARG A 304 -7.85 -24.16 -41.06
CA ARG A 304 -7.02 -23.35 -41.93
C ARG A 304 -6.94 -23.92 -43.32
N ASP A 305 -7.75 -24.96 -43.59
CA ASP A 305 -7.79 -25.68 -44.85
C ASP A 305 -8.22 -24.79 -45.98
N GLU A 306 -7.40 -24.69 -47.04
CA GLU A 306 -7.72 -23.71 -48.09
C GLU A 306 -8.91 -24.13 -48.93
N GLU A 307 -9.29 -25.41 -48.90
CA GLU A 307 -10.46 -25.81 -49.64
C GLU A 307 -11.72 -25.20 -49.03
N VAL A 308 -11.70 -24.84 -47.77
CA VAL A 308 -12.88 -24.34 -47.11
C VAL A 308 -12.75 -22.87 -46.77
N PHE A 309 -11.58 -22.45 -46.35
CA PHE A 309 -11.35 -21.07 -45.97
C PHE A 309 -10.37 -20.57 -47.03
N HIS A 310 -10.85 -19.77 -47.97
CA HIS A 310 -9.95 -19.11 -48.91
C HIS A 310 -9.01 -18.14 -48.22
N ASP A 311 -7.74 -18.24 -48.57
CA ASP A 311 -6.69 -17.42 -47.94
C ASP A 311 -6.71 -17.66 -46.44
N GLY A 312 -6.75 -18.95 -46.08
CA GLY A 312 -6.92 -19.45 -44.72
C GLY A 312 -5.86 -19.08 -43.73
N GLU A 313 -4.71 -18.59 -44.17
CA GLU A 313 -3.64 -18.27 -43.25
C GLU A 313 -3.70 -16.82 -42.82
N LYS A 314 -4.59 -16.03 -43.43
CA LYS A 314 -4.76 -14.62 -43.10
C LYS A 314 -5.91 -14.51 -42.08
N PHE A 315 -5.79 -13.56 -41.17
CA PHE A 315 -6.87 -13.23 -40.25
C PHE A 315 -7.75 -12.19 -40.93
N ILE A 316 -8.96 -12.60 -41.26
CA ILE A 316 -9.89 -11.71 -41.94
C ILE A 316 -11.05 -11.43 -40.99
N PRO A 317 -11.11 -10.25 -40.38
CA PRO A 317 -12.05 -10.05 -39.28
C PRO A 317 -13.47 -10.16 -39.70
N ASP A 318 -13.78 -9.98 -40.98
CA ASP A 318 -15.15 -10.05 -41.48
C ASP A 318 -15.39 -11.26 -42.37
N ARG A 319 -14.54 -12.28 -42.24
CA ARG A 319 -14.66 -13.53 -42.98
C ARG A 319 -16.08 -14.08 -42.84
N ASN A 320 -16.71 -14.41 -43.96
CA ASN A 320 -18.05 -14.96 -43.96
C ASN A 320 -18.21 -15.73 -45.27
N PRO A 321 -18.59 -16.99 -45.27
CA PRO A 321 -18.92 -17.85 -44.15
C PRO A 321 -17.69 -18.24 -43.41
N ASN A 322 -17.88 -18.69 -42.18
CA ASN A 322 -16.78 -19.11 -41.32
C ASN A 322 -17.15 -20.40 -40.60
N PRO A 323 -17.21 -21.56 -41.34
CA PRO A 323 -17.67 -22.84 -40.78
C PRO A 323 -16.60 -23.59 -39.99
N HIS A 324 -15.97 -22.90 -39.04
CA HIS A 324 -14.93 -23.49 -38.22
C HIS A 324 -15.43 -24.61 -37.31
N LEU A 325 -14.47 -25.38 -36.79
CA LEU A 325 -14.79 -26.57 -36.00
C LEU A 325 -14.34 -26.38 -34.56
N SER A 326 -14.17 -25.14 -34.14
CA SER A 326 -13.61 -24.90 -32.83
C SER A 326 -14.54 -25.39 -31.71
N PHE A 327 -15.85 -25.48 -31.98
CA PHE A 327 -16.84 -26.01 -31.04
C PHE A 327 -17.20 -27.45 -31.41
N GLY A 328 -16.44 -28.04 -32.33
CA GLY A 328 -16.76 -29.35 -32.82
C GLY A 328 -17.81 -29.31 -33.93
N SER A 329 -18.29 -30.52 -34.26
CA SER A 329 -19.30 -30.80 -35.26
C SER A 329 -20.02 -32.07 -34.84
N GLY A 330 -21.27 -32.22 -35.27
CA GLY A 330 -22.08 -33.41 -34.99
C GLY A 330 -22.82 -33.51 -33.65
N ILE A 331 -22.98 -34.74 -33.16
CA ILE A 331 -23.89 -34.90 -32.02
C ILE A 331 -23.32 -34.32 -30.74
N HIS A 332 -22.01 -34.09 -30.70
CA HIS A 332 -21.34 -33.57 -29.52
C HIS A 332 -20.97 -32.11 -29.68
N LEU A 333 -21.58 -31.42 -30.65
CA LEU A 333 -21.38 -29.98 -30.81
C LEU A 333 -21.60 -29.25 -29.50
N GLY A 334 -20.58 -28.48 -29.11
CA GLY A 334 -20.53 -27.75 -27.86
C GLY A 334 -21.85 -27.21 -27.36
N LEU A 335 -22.28 -27.77 -26.23
CA LEU A 335 -23.48 -27.29 -25.55
C LEU A 335 -23.33 -25.84 -25.12
N GLY A 336 -22.13 -25.42 -24.77
CA GLY A 336 -21.88 -24.10 -24.23
C GLY A 336 -21.47 -23.08 -25.25
N ALA A 337 -21.52 -23.45 -26.54
CA ALA A 337 -21.02 -22.56 -27.59
C ALA A 337 -21.65 -21.20 -27.52
N PRO A 338 -22.97 -21.08 -27.39
CA PRO A 338 -23.59 -19.75 -27.34
C PRO A 338 -23.11 -18.92 -26.17
N LEU A 339 -23.01 -19.53 -24.99
CA LEU A 339 -22.54 -18.81 -23.82
C LEU A 339 -21.10 -18.36 -24.03
N ALA A 340 -20.24 -19.25 -24.53
CA ALA A 340 -18.86 -18.84 -24.77
C ALA A 340 -18.81 -17.65 -25.71
N ARG A 341 -19.61 -17.70 -26.78
CA ARG A 341 -19.63 -16.60 -27.73
C ARG A 341 -20.14 -15.32 -27.11
N LEU A 342 -21.22 -15.40 -26.34
CA LEU A 342 -21.77 -14.21 -25.70
C LEU A 342 -20.78 -13.59 -24.71
N GLU A 343 -20.17 -14.39 -23.83
CA GLU A 343 -19.22 -13.80 -22.89
C GLU A 343 -18.08 -13.15 -23.68
N ALA A 344 -17.53 -13.84 -24.64
CA ALA A 344 -16.42 -13.23 -25.38
C ALA A 344 -16.83 -11.95 -26.12
N ARG A 345 -17.99 -11.95 -26.81
CA ARG A 345 -18.44 -10.76 -27.54
C ARG A 345 -18.62 -9.57 -26.59
N ILE A 346 -19.31 -9.78 -25.46
CA ILE A 346 -19.53 -8.68 -24.54
C ILE A 346 -18.21 -8.21 -23.95
N ALA A 347 -17.33 -9.16 -23.58
CA ALA A 347 -16.02 -8.77 -23.04
C ALA A 347 -15.24 -7.93 -24.03
N ILE A 348 -15.20 -8.34 -25.29
CA ILE A 348 -14.38 -7.60 -26.23
C ILE A 348 -15.02 -6.26 -26.50
N GLU A 349 -16.35 -6.22 -26.62
CA GLU A 349 -17.06 -4.95 -26.80
C GLU A 349 -16.78 -3.96 -25.69
N GLU A 350 -16.97 -4.37 -24.42
CA GLU A 350 -16.80 -3.40 -23.34
C GLU A 350 -15.35 -2.94 -23.22
N PHE A 351 -14.40 -3.87 -23.37
CA PHE A 351 -12.98 -3.53 -23.34
C PHE A 351 -12.63 -2.51 -24.44
N SER A 352 -13.14 -2.74 -25.66
CA SER A 352 -12.83 -1.86 -26.78
C SER A 352 -13.41 -0.48 -26.54
N LYS A 353 -14.57 -0.41 -25.86
CA LYS A 353 -15.17 0.89 -25.57
C LYS A 353 -14.29 1.67 -24.60
N ARG A 354 -13.61 0.97 -23.73
CA ARG A 354 -12.88 1.64 -22.67
C ARG A 354 -11.44 2.10 -23.01
N PHE A 355 -10.65 1.34 -23.73
CA PHE A 355 -9.23 1.63 -23.94
C PHE A 355 -8.86 1.80 -25.41
N ARG A 356 -8.27 2.95 -25.76
CA ARG A 356 -8.01 3.20 -27.19
C ARG A 356 -6.65 2.78 -27.72
N HIS A 357 -5.57 2.79 -26.95
CA HIS A 357 -4.29 2.34 -27.47
C HIS A 357 -3.88 1.16 -26.63
N ILE A 358 -3.58 0.04 -27.27
CA ILE A 358 -3.21 -1.16 -26.54
C ILE A 358 -1.85 -1.60 -27.02
N GLU A 359 -0.92 -1.69 -26.09
CA GLU A 359 0.43 -2.17 -26.31
C GLU A 359 0.70 -3.46 -25.51
N ILE A 360 1.10 -4.53 -26.19
CA ILE A 360 1.41 -5.76 -25.46
C ILE A 360 2.82 -5.72 -24.90
N LEU A 361 2.92 -5.85 -23.59
CA LEU A 361 4.18 -5.72 -22.89
C LEU A 361 4.83 -7.06 -22.64
N ASP A 362 4.08 -8.07 -22.19
CA ASP A 362 4.66 -9.36 -21.87
C ASP A 362 3.61 -10.45 -22.07
N THR A 363 4.00 -11.62 -22.56
CA THR A 363 3.03 -12.72 -22.65
C THR A 363 3.65 -13.98 -22.14
N GLU A 364 2.84 -14.81 -21.49
CA GLU A 364 3.21 -16.17 -21.14
C GLU A 364 2.11 -17.13 -21.58
N LYS A 365 2.47 -18.12 -22.41
CA LYS A 365 1.49 -19.05 -22.96
C LYS A 365 1.14 -20.14 -21.96
N VAL A 366 -0.07 -20.68 -22.11
CA VAL A 366 -0.50 -21.88 -21.40
C VAL A 366 0.35 -22.99 -21.99
N PRO A 367 1.11 -23.65 -21.18
CA PRO A 367 2.05 -24.65 -21.68
C PRO A 367 1.39 -25.97 -22.00
N ASN A 368 1.00 -26.24 -23.25
CA ASN A 368 0.42 -27.54 -23.51
C ASN A 368 -0.03 -27.57 -24.98
N GLU A 369 0.09 -28.72 -25.67
CA GLU A 369 -0.22 -28.74 -27.10
C GLU A 369 -1.69 -28.87 -27.45
N VAL A 370 -2.57 -29.16 -26.49
CA VAL A 370 -3.98 -29.37 -26.74
C VAL A 370 -4.77 -28.08 -26.51
N LEU A 371 -4.42 -27.30 -25.48
CA LEU A 371 -5.13 -26.07 -25.15
C LEU A 371 -4.28 -24.89 -25.62
N ASN A 372 -4.96 -23.91 -26.15
CA ASN A 372 -4.35 -22.70 -26.69
C ASN A 372 -4.80 -21.39 -26.07
N GLY A 373 -3.94 -20.83 -25.24
CA GLY A 373 -4.26 -19.57 -24.60
C GLY A 373 -3.09 -19.02 -23.82
N TYR A 374 -3.40 -18.13 -22.90
CA TYR A 374 -2.34 -17.46 -22.18
C TYR A 374 -2.54 -17.53 -20.69
N LYS A 375 -1.47 -17.90 -20.01
CA LYS A 375 -1.39 -17.82 -18.57
C LYS A 375 -1.29 -16.36 -18.13
N ARG A 376 -0.57 -15.54 -18.91
CA ARG A 376 -0.32 -14.15 -18.58
C ARG A 376 -0.38 -13.32 -19.84
N LEU A 377 -1.09 -12.21 -19.80
CA LEU A 377 -1.11 -11.27 -20.93
C LEU A 377 -1.01 -9.84 -20.39
N VAL A 378 0.22 -9.29 -20.31
CA VAL A 378 0.42 -7.95 -19.75
C VAL A 378 0.41 -6.91 -20.85
N VAL A 379 -0.46 -5.90 -20.67
CA VAL A 379 -0.73 -4.86 -21.64
C VAL A 379 -0.67 -3.48 -20.97
N ARG A 380 -0.35 -2.49 -21.78
CA ARG A 380 -0.53 -1.06 -21.56
C ARG A 380 -1.68 -0.48 -22.38
N LEU A 381 -2.47 0.34 -21.71
CA LEU A 381 -3.73 0.93 -22.14
C LEU A 381 -3.65 2.46 -22.07
N LYS A 382 -4.33 3.10 -23.00
CA LYS A 382 -4.53 4.54 -22.99
C LYS A 382 -6.02 4.72 -22.81
N SER A 383 -6.37 5.53 -21.82
CA SER A 383 -7.73 5.93 -21.61
C SER A 383 -8.13 6.99 -22.64
N ASN A 384 -9.44 7.04 -22.89
CA ASN A 384 -10.15 8.11 -23.57
C ASN A 384 -10.71 7.52 -24.86
N HIS B 6 13.34 -46.42 -46.04
CA HIS B 6 12.39 -47.44 -45.64
C HIS B 6 11.95 -47.21 -44.20
N HIS B 7 12.71 -46.34 -43.50
CA HIS B 7 12.46 -45.93 -42.12
C HIS B 7 12.98 -46.95 -41.10
N HIS B 8 13.68 -46.48 -40.07
CA HIS B 8 14.45 -47.39 -39.23
C HIS B 8 15.02 -46.61 -38.05
N HIS B 9 14.98 -47.18 -36.83
CA HIS B 9 15.49 -46.44 -35.68
C HIS B 9 16.69 -47.16 -35.09
N HIS B 10 17.70 -46.36 -34.75
CA HIS B 10 18.64 -46.59 -33.68
C HIS B 10 18.19 -45.66 -32.57
N GLU B 11 19.11 -45.27 -31.69
CA GLU B 11 18.86 -44.18 -30.73
C GLU B 11 19.60 -44.45 -29.43
N ASN B 12 19.91 -43.39 -28.72
CA ASN B 12 20.66 -43.48 -27.47
C ASN B 12 19.82 -44.19 -26.42
N LEU B 13 20.35 -45.26 -25.84
CA LEU B 13 19.61 -46.02 -24.83
C LEU B 13 20.24 -45.81 -23.47
N TYR B 14 19.48 -46.17 -22.43
CA TYR B 14 19.75 -45.64 -21.09
C TYR B 14 21.17 -45.92 -20.64
N PHE B 15 21.65 -47.13 -20.91
CA PHE B 15 22.92 -47.65 -20.44
C PHE B 15 24.08 -47.28 -21.35
N GLN B 16 23.94 -46.26 -22.20
CA GLN B 16 24.88 -46.15 -23.29
C GLN B 16 25.77 -44.91 -23.25
N SER B 17 25.22 -43.70 -23.10
CA SER B 17 26.06 -42.51 -23.19
C SER B 17 26.27 -42.04 -24.62
N ASN B 18 26.20 -40.72 -24.80
CA ASN B 18 26.12 -40.19 -26.15
C ASN B 18 27.32 -40.64 -26.97
N TYR B 19 28.50 -40.70 -26.37
CA TYR B 19 29.66 -41.03 -27.18
C TYR B 19 29.68 -42.52 -27.54
N ASP B 20 29.19 -43.41 -26.66
CA ASP B 20 29.03 -44.81 -27.06
C ASP B 20 28.04 -44.94 -28.20
N TRP B 21 26.92 -44.20 -28.14
CA TRP B 21 25.97 -44.21 -29.24
C TRP B 21 26.60 -43.67 -30.51
N PHE B 22 27.33 -42.56 -30.41
CA PHE B 22 27.99 -42.02 -31.58
C PHE B 22 28.91 -43.07 -32.18
N SER B 23 29.68 -43.74 -31.31
CA SER B 23 30.62 -44.73 -31.82
C SER B 23 29.89 -45.81 -32.58
N GLU B 24 28.77 -46.32 -32.04
CA GLU B 24 28.03 -47.35 -32.77
C GLU B 24 27.52 -46.81 -34.09
N MET B 25 27.02 -45.58 -34.10
CA MET B 25 26.41 -45.11 -35.32
C MET B 25 27.49 -44.93 -36.37
N ARG B 26 28.65 -44.46 -35.95
CA ARG B 26 29.75 -44.35 -36.88
C ARG B 26 30.10 -45.70 -37.49
N LYS B 27 29.95 -46.78 -36.72
CA LYS B 27 30.37 -48.08 -37.27
C LYS B 27 29.29 -48.74 -38.10
N LYS B 28 28.05 -48.67 -37.62
CA LYS B 28 26.89 -49.40 -38.10
C LYS B 28 26.04 -48.58 -39.08
N ASP B 29 25.74 -47.31 -38.81
CA ASP B 29 24.80 -46.56 -39.63
C ASP B 29 25.17 -45.05 -39.64
N PRO B 30 26.24 -44.69 -40.35
CA PRO B 30 26.73 -43.29 -40.28
C PRO B 30 25.88 -42.22 -40.90
N VAL B 31 25.03 -42.58 -41.84
CA VAL B 31 24.02 -41.69 -42.40
C VAL B 31 22.70 -42.38 -42.20
N TYR B 32 21.87 -41.81 -41.33
CA TYR B 32 20.72 -42.46 -40.77
C TYR B 32 19.45 -41.64 -40.88
N TYR B 33 18.40 -42.27 -41.37
CA TYR B 33 17.08 -41.69 -41.41
C TYR B 33 16.30 -42.25 -40.25
N ASP B 34 15.75 -41.39 -39.39
CA ASP B 34 15.08 -41.88 -38.19
C ASP B 34 13.59 -41.85 -38.39
N GLY B 35 13.16 -41.65 -39.65
CA GLY B 35 11.79 -41.56 -40.04
C GLY B 35 11.33 -40.13 -40.20
N ASN B 36 12.10 -39.18 -39.68
CA ASN B 36 11.76 -37.75 -39.70
C ASN B 36 12.93 -36.90 -40.23
N ILE B 37 14.15 -37.12 -39.73
CA ILE B 37 15.30 -36.31 -40.13
C ILE B 37 16.54 -37.17 -40.32
N TRP B 38 17.34 -36.78 -41.29
CA TRP B 38 18.64 -37.41 -41.49
C TRP B 38 19.68 -36.96 -40.47
N GLN B 39 20.43 -37.91 -39.93
CA GLN B 39 21.50 -37.69 -38.97
C GLN B 39 22.83 -38.17 -39.57
N VAL B 40 23.88 -37.37 -39.45
CA VAL B 40 25.19 -37.67 -39.99
C VAL B 40 26.21 -37.72 -38.86
N PHE B 41 26.99 -38.81 -38.80
CA PHE B 41 27.85 -39.08 -37.65
C PHE B 41 29.34 -39.17 -37.99
N SER B 42 29.71 -39.49 -39.23
CA SER B 42 31.11 -39.70 -39.61
C SER B 42 31.75 -38.38 -39.97
N TYR B 43 33.07 -38.29 -39.78
CA TYR B 43 33.81 -37.08 -40.16
C TYR B 43 33.66 -36.79 -41.66
N ARG B 44 33.84 -37.81 -42.49
CA ARG B 44 33.82 -37.62 -43.94
C ARG B 44 32.53 -36.95 -44.41
N TYR B 45 31.37 -37.51 -44.01
CA TYR B 45 30.06 -37.03 -44.47
C TYR B 45 29.66 -35.73 -43.75
N THR B 46 30.05 -35.57 -42.49
CA THR B 46 29.82 -34.29 -41.81
C THR B 46 30.50 -33.16 -42.55
N LYS B 47 31.79 -33.33 -42.82
CA LYS B 47 32.51 -32.29 -43.54
C LYS B 47 31.90 -32.09 -44.90
N GLU B 48 31.53 -33.17 -45.58
CA GLU B 48 30.89 -33.01 -46.88
C GLU B 48 29.63 -32.14 -46.79
N VAL B 49 28.76 -32.41 -45.83
CA VAL B 49 27.53 -31.63 -45.73
C VAL B 49 27.83 -30.18 -45.44
N LEU B 50 28.79 -29.93 -44.55
CA LEU B 50 29.04 -28.54 -44.18
C LEU B 50 29.66 -27.77 -45.33
N ASN B 51 30.37 -28.47 -46.23
CA ASN B 51 31.12 -27.81 -47.28
C ASN B 51 30.33 -27.58 -48.56
N ASN B 52 29.21 -28.26 -48.77
CA ASN B 52 28.48 -28.24 -50.04
C ASN B 52 27.25 -27.35 -49.83
N PHE B 53 27.48 -26.05 -49.80
CA PHE B 53 26.36 -25.16 -49.47
C PHE B 53 25.32 -25.06 -50.58
N SER B 54 25.69 -25.36 -51.83
CA SER B 54 24.69 -25.29 -52.89
C SER B 54 23.62 -26.37 -52.74
N LYS B 55 23.96 -27.50 -52.08
CA LYS B 55 23.06 -28.64 -51.89
C LYS B 55 22.54 -28.78 -50.47
N PHE B 56 23.32 -28.39 -49.46
CA PHE B 56 22.87 -28.48 -48.07
C PHE B 56 22.88 -27.03 -47.65
N SER B 57 21.68 -26.51 -47.43
CA SER B 57 21.47 -25.09 -47.25
C SER B 57 21.45 -24.71 -45.79
N SER B 58 21.94 -23.51 -45.51
CA SER B 58 21.76 -22.99 -44.18
C SER B 58 20.53 -22.09 -44.09
N ASP B 59 19.84 -21.83 -45.20
CA ASP B 59 18.63 -21.02 -45.11
C ASP B 59 17.52 -21.85 -44.49
N LEU B 60 17.40 -21.84 -43.16
CA LEU B 60 16.44 -22.68 -42.48
C LEU B 60 15.34 -21.89 -41.82
N THR B 61 15.38 -20.57 -41.98
CA THR B 61 14.53 -19.62 -41.27
C THR B 61 13.66 -18.77 -42.19
N GLY B 62 13.80 -18.95 -43.49
CA GLY B 62 13.09 -18.15 -44.46
C GLY B 62 13.72 -16.82 -44.70
N TYR B 63 14.97 -16.63 -44.27
CA TYR B 63 15.62 -15.35 -44.46
C TYR B 63 15.51 -14.95 -45.92
N HIS B 64 15.81 -15.87 -46.84
CA HIS B 64 15.83 -15.52 -48.27
C HIS B 64 14.43 -15.28 -48.80
N GLU B 65 13.47 -16.10 -48.37
CA GLU B 65 12.11 -15.96 -48.86
C GLU B 65 11.48 -14.65 -48.45
N ARG B 66 11.96 -14.05 -47.38
CA ARG B 66 11.36 -12.86 -46.79
C ARG B 66 12.23 -11.63 -47.02
N LEU B 67 13.41 -11.79 -47.61
CA LEU B 67 14.39 -10.72 -47.68
C LEU B 67 13.80 -9.48 -48.31
N GLU B 68 13.15 -9.62 -49.46
CA GLU B 68 12.62 -8.45 -50.14
C GLU B 68 11.59 -7.77 -49.26
N ASP B 69 10.64 -8.55 -48.71
CA ASP B 69 9.62 -8.02 -47.81
C ASP B 69 10.24 -7.46 -46.53
N LEU B 70 11.57 -7.43 -46.46
CA LEU B 70 12.33 -6.91 -45.32
C LEU B 70 13.09 -5.65 -45.65
N ARG B 71 13.70 -5.57 -46.84
CA ARG B 71 14.58 -4.45 -47.13
C ARG B 71 13.75 -3.28 -47.62
N ASN B 72 12.54 -3.55 -48.11
CA ASN B 72 11.59 -2.52 -48.51
C ASN B 72 10.63 -2.15 -47.39
N GLY B 73 10.74 -2.81 -46.23
CA GLY B 73 9.95 -2.43 -45.08
C GLY B 73 8.58 -3.08 -45.10
N LYS B 74 8.22 -3.86 -44.08
CA LYS B 74 6.89 -4.46 -44.08
C LYS B 74 6.64 -5.47 -42.95
N ILE B 75 7.65 -6.22 -42.49
CA ILE B 75 7.52 -7.06 -41.29
C ILE B 75 8.06 -6.29 -40.08
N ARG B 76 7.44 -6.50 -38.91
CA ARG B 76 7.71 -5.74 -37.68
C ARG B 76 7.82 -6.55 -36.38
N PHE B 77 7.19 -7.74 -36.25
CA PHE B 77 7.28 -8.51 -35.01
C PHE B 77 7.63 -9.94 -35.33
N ASP B 78 8.80 -10.05 -35.97
CA ASP B 78 9.40 -11.33 -36.24
C ASP B 78 10.63 -11.29 -35.33
N ILE B 79 11.23 -12.44 -35.07
CA ILE B 79 12.39 -12.58 -34.22
C ILE B 79 13.67 -12.26 -34.96
N PRO B 80 14.37 -11.18 -34.60
CA PRO B 80 15.54 -10.76 -35.37
C PRO B 80 16.57 -11.87 -35.57
N THR B 81 16.75 -12.77 -34.59
CA THR B 81 17.82 -13.72 -34.72
C THR B 81 17.53 -14.73 -35.80
N ARG B 82 16.35 -14.65 -36.40
CA ARG B 82 16.07 -15.48 -37.56
C ARG B 82 16.80 -14.97 -38.79
N TYR B 83 17.21 -13.70 -38.80
CA TYR B 83 17.71 -13.00 -40.00
C TYR B 83 19.16 -12.57 -39.80
N THR B 84 20.09 -13.53 -39.78
CA THR B 84 21.51 -13.24 -39.62
C THR B 84 22.29 -13.94 -40.74
N MET B 85 23.61 -13.71 -40.80
CA MET B 85 24.39 -14.37 -41.83
C MET B 85 24.44 -15.89 -41.63
N LEU B 86 24.14 -16.35 -40.42
CA LEU B 86 24.24 -17.75 -40.07
C LEU B 86 23.12 -18.59 -40.66
N THR B 87 21.98 -17.99 -40.98
CA THR B 87 20.81 -18.71 -41.47
C THR B 87 20.55 -18.39 -42.94
N SER B 88 21.63 -18.01 -43.67
CA SER B 88 21.58 -17.58 -45.07
C SER B 88 22.60 -18.33 -45.95
N ASP B 89 22.36 -18.30 -47.27
CA ASP B 89 23.24 -18.85 -48.29
C ASP B 89 23.78 -17.77 -49.23
N PRO B 90 24.89 -18.05 -49.91
CA PRO B 90 25.37 -17.10 -50.91
C PRO B 90 24.33 -16.85 -51.98
N PRO B 91 24.31 -15.64 -52.54
CA PRO B 91 25.31 -14.58 -52.34
C PRO B 91 25.04 -13.72 -51.10
N LEU B 92 23.83 -13.80 -50.51
CA LEU B 92 23.50 -12.99 -49.34
C LEU B 92 24.47 -13.22 -48.18
N HIS B 93 24.80 -14.48 -47.91
CA HIS B 93 25.77 -14.76 -46.86
C HIS B 93 27.08 -14.03 -47.09
N ASP B 94 27.62 -14.09 -48.30
CA ASP B 94 28.91 -13.47 -48.57
C ASP B 94 28.84 -11.96 -48.36
N GLU B 95 27.76 -11.34 -48.82
CA GLU B 95 27.55 -9.91 -48.62
C GLU B 95 27.57 -9.56 -47.13
N LEU B 96 26.82 -10.32 -46.31
CA LEU B 96 26.71 -10.03 -44.88
C LEU B 96 28.04 -10.28 -44.16
N ARG B 97 28.64 -11.45 -44.41
CA ARG B 97 29.88 -11.80 -43.75
C ARG B 97 30.99 -10.82 -44.09
N SER B 98 31.03 -10.32 -45.33
CA SER B 98 32.16 -9.49 -45.72
C SER B 98 32.26 -8.21 -44.93
N MET B 99 31.20 -7.84 -44.23
CA MET B 99 31.19 -6.60 -43.47
C MET B 99 32.10 -6.70 -42.26
N SER B 100 32.38 -7.91 -41.79
CA SER B 100 33.07 -8.10 -40.53
C SER B 100 34.22 -9.11 -40.52
N ALA B 101 34.53 -9.77 -41.65
CA ALA B 101 35.52 -10.85 -41.63
C ALA B 101 36.82 -10.36 -40.99
N ASP B 102 37.18 -9.12 -41.29
CA ASP B 102 38.40 -8.42 -40.90
C ASP B 102 38.45 -8.07 -39.41
N ILE B 103 37.32 -8.14 -38.67
CA ILE B 103 37.31 -7.74 -37.26
C ILE B 103 38.18 -8.56 -36.33
N PHE B 104 38.41 -9.83 -36.58
CA PHE B 104 39.17 -10.52 -35.54
C PHE B 104 40.60 -10.79 -35.98
N SER B 105 41.04 -10.10 -37.04
CA SER B 105 42.38 -10.16 -37.59
C SER B 105 43.47 -10.28 -36.53
N PRO B 106 44.58 -10.94 -36.88
CA PRO B 106 45.70 -11.09 -35.93
C PRO B 106 46.12 -9.78 -35.31
N GLN B 107 46.12 -8.71 -36.09
CA GLN B 107 46.55 -7.42 -35.58
C GLN B 107 45.66 -6.95 -34.44
N LYS B 108 44.34 -7.06 -34.63
CA LYS B 108 43.46 -6.59 -33.57
C LYS B 108 43.59 -7.47 -32.33
N LEU B 109 43.78 -8.79 -32.53
CA LEU B 109 43.81 -9.55 -31.30
C LEU B 109 45.14 -9.36 -30.57
N GLN B 110 46.21 -9.07 -31.33
CA GLN B 110 47.46 -8.82 -30.64
C GLN B 110 47.30 -7.56 -29.79
N THR B 111 46.47 -6.62 -30.27
CA THR B 111 46.26 -5.43 -29.47
C THR B 111 45.36 -5.71 -28.27
N LEU B 112 44.66 -6.86 -28.28
CA LEU B 112 43.79 -7.12 -27.14
C LEU B 112 44.39 -8.06 -26.11
N GLU B 113 45.56 -8.63 -26.39
CA GLU B 113 46.06 -9.64 -25.46
C GLU B 113 46.20 -9.07 -24.06
N THR B 114 46.87 -7.92 -23.95
CA THR B 114 47.08 -7.31 -22.64
C THR B 114 45.77 -7.04 -21.93
N PHE B 115 44.77 -6.54 -22.65
CA PHE B 115 43.48 -6.28 -22.01
C PHE B 115 42.86 -7.57 -21.50
N ILE B 116 42.85 -8.61 -22.33
CA ILE B 116 42.26 -9.89 -21.92
C ILE B 116 43.00 -10.47 -20.72
N ARG B 117 44.33 -10.38 -20.74
CA ARG B 117 45.13 -10.93 -19.66
C ARG B 117 44.87 -10.19 -18.36
N GLU B 118 44.86 -8.85 -18.40
CA GLU B 118 44.59 -8.09 -17.18
C GLU B 118 43.20 -8.36 -16.64
N THR B 119 42.22 -8.43 -17.54
CA THR B 119 40.88 -8.74 -17.09
C THR B 119 40.82 -10.11 -16.42
N THR B 120 41.44 -11.10 -17.05
CA THR B 120 41.45 -12.45 -16.49
C THR B 120 42.06 -12.49 -15.09
N ARG B 121 43.20 -11.82 -14.89
CA ARG B 121 43.84 -11.82 -13.58
C ARG B 121 42.95 -11.12 -12.57
N SER B 122 42.39 -9.99 -12.97
CA SER B 122 41.50 -9.25 -12.12
C SER B 122 40.30 -10.12 -11.69
N LEU B 123 39.69 -10.86 -12.63
CA LEU B 123 38.57 -11.74 -12.29
C LEU B 123 39.01 -12.85 -11.34
N LEU B 124 40.23 -13.34 -11.52
CA LEU B 124 40.79 -14.40 -10.70
C LEU B 124 41.02 -13.93 -9.27
N ASP B 125 41.24 -12.61 -9.08
CA ASP B 125 41.45 -12.11 -7.74
C ASP B 125 40.22 -12.33 -6.85
N SER B 126 39.06 -12.52 -7.42
CA SER B 126 37.83 -12.61 -6.65
C SER B 126 37.46 -14.05 -6.24
N ILE B 127 38.23 -15.06 -6.62
CA ILE B 127 37.86 -16.45 -6.33
C ILE B 127 38.27 -16.79 -4.92
N ASP B 128 37.35 -17.32 -4.14
CA ASP B 128 37.68 -17.92 -2.85
C ASP B 128 38.19 -19.36 -3.03
N PRO B 129 39.45 -19.65 -2.71
CA PRO B 129 40.00 -20.98 -3.02
C PRO B 129 39.42 -22.12 -2.22
N ARG B 130 38.76 -21.83 -1.10
CA ARG B 130 38.18 -22.89 -0.29
C ARG B 130 37.02 -23.53 -1.04
N GLU B 131 36.26 -22.71 -1.76
CA GLU B 131 35.09 -23.15 -2.51
C GLU B 131 34.52 -22.02 -3.34
N ASP B 132 34.53 -22.16 -4.67
CA ASP B 132 33.90 -21.14 -5.49
C ASP B 132 33.52 -21.73 -6.83
N ASP B 133 32.70 -20.97 -7.57
CA ASP B 133 32.12 -21.35 -8.86
C ASP B 133 32.91 -20.66 -9.98
N ILE B 134 33.62 -21.48 -10.76
CA ILE B 134 34.50 -20.94 -11.79
C ILE B 134 33.67 -20.36 -12.90
N VAL B 135 32.55 -21.00 -13.20
CA VAL B 135 31.67 -20.49 -14.25
C VAL B 135 31.22 -19.09 -13.91
N LYS B 136 30.82 -18.88 -12.63
CA LYS B 136 30.27 -17.60 -12.19
C LYS B 136 31.33 -16.51 -12.11
N LYS B 137 32.55 -16.85 -11.68
CA LYS B 137 33.57 -15.86 -11.34
C LYS B 137 34.49 -15.53 -12.50
N LEU B 138 34.57 -16.40 -13.51
CA LEU B 138 35.52 -16.29 -14.61
C LEU B 138 34.93 -16.55 -15.98
N ALA B 139 34.32 -17.74 -16.14
CA ALA B 139 33.93 -18.27 -17.45
C ALA B 139 32.82 -17.44 -18.09
N VAL B 140 31.92 -16.93 -17.29
CA VAL B 140 30.81 -16.18 -17.84
C VAL B 140 31.23 -14.74 -18.09
N PRO B 141 31.87 -14.07 -17.12
CA PRO B 141 32.12 -12.63 -17.28
C PRO B 141 33.18 -12.29 -18.30
N LEU B 142 34.17 -13.16 -18.52
CA LEU B 142 35.30 -12.81 -19.37
C LEU B 142 34.85 -12.53 -20.80
N PRO B 143 34.14 -13.43 -21.46
CA PRO B 143 33.77 -13.16 -22.86
C PRO B 143 32.87 -11.98 -23.01
N ILE B 144 32.04 -11.71 -21.99
CA ILE B 144 31.12 -10.59 -22.05
C ILE B 144 31.91 -9.29 -22.01
N ILE B 145 32.91 -9.23 -21.13
CA ILE B 145 33.72 -8.02 -20.99
C ILE B 145 34.52 -7.79 -22.27
N VAL B 146 35.08 -8.85 -22.84
CA VAL B 146 35.92 -8.70 -24.03
C VAL B 146 35.06 -8.27 -25.21
N ILE B 147 33.92 -8.92 -25.41
CA ILE B 147 33.11 -8.56 -26.57
C ILE B 147 32.54 -7.15 -26.40
N SER B 148 32.18 -6.78 -25.16
CA SER B 148 31.74 -5.41 -24.93
C SER B 148 32.82 -4.40 -25.30
N LYS B 149 34.08 -4.69 -24.96
CA LYS B 149 35.16 -3.79 -25.38
C LYS B 149 35.32 -3.75 -26.88
N ILE B 150 35.28 -4.91 -27.53
CA ILE B 150 35.48 -4.95 -28.97
C ILE B 150 34.37 -4.20 -29.71
N LEU B 151 33.13 -4.28 -29.24
CA LEU B 151 32.06 -3.65 -30.01
C LEU B 151 31.76 -2.24 -29.51
N GLY B 152 32.29 -1.87 -28.37
CA GLY B 152 32.08 -0.57 -27.78
C GLY B 152 30.69 -0.39 -27.21
N LEU B 153 30.02 -1.48 -26.82
CA LEU B 153 28.71 -1.44 -26.19
C LEU B 153 28.91 -1.51 -24.69
N PRO B 154 28.89 -0.41 -23.95
CA PRO B 154 29.10 -0.52 -22.50
C PRO B 154 28.02 -1.37 -21.85
N ILE B 155 28.43 -2.34 -21.05
CA ILE B 155 27.49 -3.30 -20.44
C ILE B 155 27.50 -3.10 -18.92
N GLU B 156 26.42 -2.45 -18.42
CA GLU B 156 26.25 -2.05 -17.04
C GLU B 156 26.06 -3.24 -16.10
N ASP B 157 24.91 -3.91 -16.23
CA ASP B 157 24.50 -5.02 -15.37
C ASP B 157 24.79 -6.39 -15.98
N LYS B 158 25.91 -7.02 -15.58
CA LYS B 158 26.33 -8.27 -16.22
C LYS B 158 25.28 -9.38 -16.10
N GLU B 159 24.54 -9.45 -14.98
CA GLU B 159 23.54 -10.50 -14.87
C GLU B 159 22.34 -10.30 -15.81
N LYS B 160 21.88 -9.07 -16.04
CA LYS B 160 20.80 -8.95 -17.02
C LYS B 160 21.32 -9.37 -18.37
N PHE B 161 22.56 -9.02 -18.68
CA PHE B 161 23.08 -9.36 -19.97
C PHE B 161 23.17 -10.88 -20.09
N LYS B 162 23.51 -11.57 -18.99
CA LYS B 162 23.53 -13.03 -19.07
C LYS B 162 22.11 -13.52 -19.36
N GLU B 163 21.13 -12.98 -18.65
CA GLU B 163 19.74 -13.38 -18.87
C GLU B 163 19.30 -13.15 -20.30
N TRP B 164 19.67 -12.00 -20.89
CA TRP B 164 19.24 -11.73 -22.26
C TRP B 164 19.92 -12.75 -23.18
N SER B 165 21.19 -13.06 -22.89
CA SER B 165 21.93 -14.05 -23.66
C SER B 165 21.26 -15.43 -23.57
N ASP B 166 20.83 -15.83 -22.36
CA ASP B 166 20.15 -17.11 -22.18
C ASP B 166 18.82 -17.15 -22.94
N LEU B 167 18.14 -15.98 -23.01
CA LEU B 167 16.84 -15.83 -23.66
C LEU B 167 16.98 -16.00 -25.16
N VAL B 168 18.07 -15.45 -25.71
CA VAL B 168 18.28 -15.41 -27.14
C VAL B 168 18.85 -16.76 -27.57
N ALA B 169 19.74 -17.32 -26.76
CA ALA B 169 20.36 -18.60 -27.11
C ALA B 169 19.31 -19.70 -27.18
N PHE B 170 18.40 -19.74 -26.21
CA PHE B 170 17.45 -20.85 -26.16
C PHE B 170 16.55 -20.88 -27.39
N ARG B 171 16.04 -19.72 -27.82
CA ARG B 171 15.03 -19.66 -28.86
C ARG B 171 15.58 -19.23 -30.24
N TRP B 172 16.89 -19.27 -30.44
CA TRP B 172 17.47 -19.09 -31.76
C TRP B 172 16.92 -19.83 -32.96
N GLY B 173 16.13 -19.13 -33.76
CA GLY B 173 15.56 -19.64 -34.98
C GLY B 173 14.11 -20.03 -34.88
N LYS B 174 13.51 -19.84 -33.71
CA LYS B 174 12.14 -20.16 -33.37
C LYS B 174 11.08 -19.38 -34.10
N PRO B 175 10.45 -19.98 -35.06
CA PRO B 175 9.45 -19.26 -35.84
C PRO B 175 8.43 -18.75 -34.83
N GLY B 176 8.35 -17.45 -34.57
CA GLY B 176 7.45 -17.00 -33.53
C GLY B 176 7.31 -15.49 -33.54
N GLU B 177 6.62 -14.98 -32.53
CA GLU B 177 6.28 -13.56 -32.42
C GLU B 177 7.27 -12.90 -31.46
N ILE B 178 7.49 -11.59 -31.59
CA ILE B 178 8.49 -10.97 -30.71
C ILE B 178 7.97 -10.95 -29.29
N PHE B 179 6.63 -10.95 -29.15
CA PHE B 179 5.98 -10.89 -27.84
C PHE B 179 6.25 -12.14 -26.99
N GLU B 180 6.44 -13.30 -27.60
CA GLU B 180 6.72 -14.57 -26.91
C GLU B 180 7.29 -14.39 -25.51
N LEU B 181 8.23 -13.45 -25.37
CA LEU B 181 8.88 -13.13 -24.10
C LEU B 181 8.54 -11.66 -24.00
N GLY B 182 9.41 -10.74 -24.40
CA GLY B 182 9.17 -9.34 -24.09
C GLY B 182 9.64 -8.76 -22.78
N LYS B 183 9.65 -9.51 -21.70
CA LYS B 183 9.92 -8.72 -20.51
C LYS B 183 11.41 -8.47 -20.51
N LYS B 184 12.16 -9.50 -20.90
CA LYS B 184 13.60 -9.42 -20.94
C LYS B 184 14.09 -9.06 -22.34
N TYR B 185 13.47 -9.69 -23.35
CA TYR B 185 13.82 -9.44 -24.75
C TYR B 185 13.55 -8.00 -25.17
N LEU B 186 12.47 -7.40 -24.69
CA LEU B 186 12.25 -6.01 -25.07
C LEU B 186 13.32 -5.11 -24.49
N GLU B 187 13.77 -5.41 -23.27
CA GLU B 187 14.85 -4.64 -22.65
C GLU B 187 16.14 -4.72 -23.46
N LEU B 188 16.49 -5.92 -23.94
CA LEU B 188 17.69 -6.08 -24.74
C LEU B 188 17.61 -5.28 -26.05
N ILE B 189 16.47 -5.38 -26.74
CA ILE B 189 16.33 -4.64 -27.99
C ILE B 189 16.45 -3.15 -27.73
N GLY B 190 15.76 -2.67 -26.69
CA GLY B 190 15.85 -1.27 -26.37
C GLY B 190 17.30 -0.85 -26.14
N TYR B 191 18.06 -1.71 -25.47
CA TYR B 191 19.48 -1.45 -25.21
C TYR B 191 20.28 -1.31 -26.49
N VAL B 192 20.12 -2.26 -27.40
CA VAL B 192 20.91 -2.17 -28.62
C VAL B 192 20.54 -0.91 -29.38
N LYS B 193 19.25 -0.59 -29.45
CA LYS B 193 18.87 0.65 -30.15
C LYS B 193 19.45 1.88 -29.44
N ASP B 194 19.41 1.91 -28.11
CA ASP B 194 19.89 3.06 -27.35
C ASP B 194 21.39 3.26 -27.42
N HIS B 195 22.14 2.23 -27.85
CA HIS B 195 23.60 2.28 -27.80
C HIS B 195 24.28 2.14 -29.16
N LEU B 196 23.54 2.27 -30.24
CA LEU B 196 24.04 2.14 -31.61
C LEU B 196 24.99 3.25 -32.02
N ASN B 197 25.25 4.25 -31.17
CA ASN B 197 26.22 5.28 -31.51
C ASN B 197 27.56 5.03 -30.83
N SER B 198 27.56 4.77 -29.52
CA SER B 198 28.82 4.60 -28.82
C SER B 198 29.69 3.56 -29.50
N GLY B 199 29.08 2.64 -30.24
CA GLY B 199 29.74 1.64 -31.06
C GLY B 199 31.02 1.87 -31.86
N THR B 200 31.77 0.78 -31.91
CA THR B 200 33.02 0.46 -32.59
C THR B 200 32.84 0.40 -34.10
N GLU B 201 33.98 0.48 -34.80
CA GLU B 201 33.98 0.53 -36.26
C GLU B 201 33.08 -0.51 -36.89
N VAL B 202 33.10 -1.75 -36.41
CA VAL B 202 32.28 -2.78 -37.05
C VAL B 202 30.79 -2.51 -36.84
N VAL B 203 30.40 -2.15 -35.61
CA VAL B 203 28.98 -1.87 -35.35
C VAL B 203 28.53 -0.70 -36.21
N SER B 204 29.38 0.33 -36.32
CA SER B 204 29.03 1.48 -37.14
C SER B 204 28.87 1.06 -38.60
N ARG B 205 29.74 0.16 -39.07
CA ARG B 205 29.66 -0.32 -40.45
C ARG B 205 28.33 -1.01 -40.68
N VAL B 206 27.90 -1.85 -39.74
CA VAL B 206 26.64 -2.58 -39.92
C VAL B 206 25.44 -1.64 -39.86
N VAL B 207 25.42 -0.68 -38.92
CA VAL B 207 24.22 0.15 -38.84
C VAL B 207 24.07 0.97 -40.12
N ASN B 208 25.20 1.42 -40.69
CA ASN B 208 25.20 2.28 -41.88
C ASN B 208 25.30 1.37 -43.11
N SER B 209 24.25 0.59 -43.30
CA SER B 209 24.17 -0.33 -44.41
C SER B 209 22.72 -0.33 -44.88
N ASN B 210 22.45 -1.07 -45.95
CA ASN B 210 21.12 -1.11 -46.50
C ASN B 210 20.23 -2.18 -45.88
N LEU B 211 20.65 -2.80 -44.79
CA LEU B 211 19.81 -3.80 -44.14
C LEU B 211 18.62 -3.14 -43.46
N SER B 212 17.52 -3.88 -43.43
CA SER B 212 16.38 -3.48 -42.65
C SER B 212 16.73 -3.38 -41.18
N ASP B 213 15.87 -2.72 -40.41
CA ASP B 213 16.15 -2.61 -38.98
C ASP B 213 16.22 -3.99 -38.33
N ILE B 214 15.43 -4.94 -38.82
CA ILE B 214 15.43 -6.27 -38.22
C ILE B 214 16.74 -6.98 -38.52
N GLU B 215 17.29 -6.79 -39.72
CA GLU B 215 18.57 -7.42 -40.04
C GLU B 215 19.67 -6.82 -39.20
N LYS B 216 19.65 -5.49 -39.02
CA LYS B 216 20.67 -4.85 -38.23
C LYS B 216 20.64 -5.37 -36.80
N LEU B 217 19.44 -5.52 -36.22
CA LEU B 217 19.38 -6.06 -34.86
C LEU B 217 19.89 -7.49 -34.81
N GLY B 218 19.45 -8.34 -35.75
CA GLY B 218 19.96 -9.69 -35.73
C GLY B 218 21.47 -9.74 -35.81
N TYR B 219 22.05 -8.89 -36.65
CA TYR B 219 23.50 -8.92 -36.83
C TYR B 219 24.22 -8.46 -35.58
N ILE B 220 23.76 -7.36 -34.98
CA ILE B 220 24.40 -6.88 -33.76
C ILE B 220 24.22 -7.88 -32.63
N ILE B 221 23.02 -8.45 -32.50
CA ILE B 221 22.80 -9.46 -31.46
C ILE B 221 23.68 -10.66 -31.69
N LEU B 222 23.81 -11.11 -32.93
CA LEU B 222 24.69 -12.25 -33.17
C LEU B 222 26.10 -11.96 -32.67
N LEU B 223 26.68 -10.83 -33.08
CA LEU B 223 28.03 -10.53 -32.61
C LEU B 223 28.12 -10.32 -31.10
N LEU B 224 27.18 -9.56 -30.52
CA LEU B 224 27.26 -9.27 -29.10
C LEU B 224 26.99 -10.45 -28.17
N ILE B 225 25.99 -11.27 -28.50
CA ILE B 225 25.49 -12.28 -27.58
C ILE B 225 25.81 -13.71 -27.96
N ALA B 226 25.95 -14.03 -29.24
CA ALA B 226 26.14 -15.43 -29.59
C ALA B 226 27.39 -16.12 -29.08
N GLY B 227 28.57 -15.71 -29.51
CA GLY B 227 29.77 -16.28 -28.91
C GLY B 227 29.97 -16.31 -27.41
N ASN B 228 29.14 -15.61 -26.66
CA ASN B 228 29.30 -15.57 -25.21
C ASN B 228 29.09 -16.94 -24.55
N GLU B 229 28.00 -17.62 -24.91
CA GLU B 229 27.76 -18.89 -24.22
C GLU B 229 28.76 -19.95 -24.67
N GLY B 230 29.09 -19.94 -25.96
CA GLY B 230 30.06 -20.89 -26.48
C GLY B 230 31.43 -20.74 -25.83
N THR B 231 31.92 -19.50 -25.69
CA THR B 231 33.25 -19.30 -25.13
C THR B 231 33.25 -19.59 -23.63
N THR B 232 32.18 -19.20 -22.93
CA THR B 232 32.05 -19.56 -21.52
C THR B 232 32.16 -21.10 -21.38
N ASN B 233 31.48 -21.86 -22.24
CA ASN B 233 31.47 -23.32 -22.12
C ASN B 233 32.80 -23.94 -22.52
N LEU B 234 33.50 -23.36 -23.50
CA LEU B 234 34.84 -23.85 -23.84
C LEU B 234 35.72 -23.76 -22.60
N ILE B 235 35.65 -22.63 -21.89
CA ILE B 235 36.49 -22.49 -20.70
C ILE B 235 36.10 -23.52 -19.65
N SER B 236 34.80 -23.69 -19.39
CA SER B 236 34.40 -24.66 -18.36
C SER B 236 34.73 -26.10 -18.74
N ASN B 237 34.43 -26.50 -19.98
CA ASN B 237 34.75 -27.84 -20.43
C ASN B 237 36.25 -28.11 -20.31
N SER B 238 37.08 -27.12 -20.64
CA SER B 238 38.53 -27.29 -20.55
C SER B 238 38.94 -27.54 -19.12
N VAL B 239 38.39 -26.78 -18.19
CA VAL B 239 38.74 -26.99 -16.78
C VAL B 239 38.37 -28.40 -16.35
N ILE B 240 37.18 -28.86 -16.75
CA ILE B 240 36.77 -30.19 -16.36
C ILE B 240 37.73 -31.21 -16.94
N ASP B 241 37.98 -31.13 -18.26
CA ASP B 241 38.82 -32.12 -18.93
C ASP B 241 40.23 -32.14 -18.36
N PHE B 242 40.83 -30.96 -18.13
CA PHE B 242 42.21 -30.96 -17.64
C PHE B 242 42.25 -31.55 -16.23
N THR B 243 41.20 -31.37 -15.45
CA THR B 243 41.16 -31.95 -14.12
C THR B 243 40.91 -33.46 -14.17
N ARG B 244 39.95 -33.88 -15.00
CA ARG B 244 39.52 -35.27 -15.09
C ARG B 244 40.64 -36.16 -15.52
N PHE B 245 41.49 -35.67 -16.38
CA PHE B 245 42.56 -36.43 -16.96
C PHE B 245 43.91 -36.12 -16.33
N ASN B 246 43.93 -35.34 -15.26
CA ASN B 246 45.15 -35.00 -14.54
C ASN B 246 46.23 -34.42 -15.46
N LEU B 247 45.87 -33.34 -16.14
CA LEU B 247 46.74 -32.86 -17.18
C LEU B 247 47.29 -31.50 -16.85
N TRP B 248 46.83 -30.88 -15.76
CA TRP B 248 47.20 -29.51 -15.49
C TRP B 248 48.70 -29.35 -15.33
N GLN B 249 49.32 -30.26 -14.54
CA GLN B 249 50.75 -30.14 -14.31
C GLN B 249 51.50 -30.28 -15.61
N ARG B 250 51.15 -31.31 -16.39
CA ARG B 250 51.83 -31.55 -17.65
C ARG B 250 51.61 -30.38 -18.61
N ILE B 251 50.36 -29.89 -18.71
CA ILE B 251 50.05 -28.78 -19.63
C ILE B 251 50.90 -27.56 -19.28
N ARG B 252 51.14 -27.30 -17.98
CA ARG B 252 51.93 -26.13 -17.56
C ARG B 252 53.39 -26.36 -17.90
N GLU B 253 53.92 -27.51 -17.52
CA GLU B 253 55.34 -27.77 -17.64
C GLU B 253 55.78 -27.85 -19.10
N GLU B 254 54.91 -28.27 -20.00
CA GLU B 254 55.26 -28.46 -21.39
C GLU B 254 54.70 -27.35 -22.28
N ASN B 255 54.05 -26.34 -21.72
CA ASN B 255 53.49 -25.25 -22.52
C ASN B 255 52.55 -25.75 -23.60
N LEU B 256 51.58 -26.56 -23.21
CA LEU B 256 50.71 -27.22 -24.18
C LEU B 256 49.40 -26.46 -24.40
N TYR B 257 49.34 -25.19 -24.04
CA TYR B 257 48.06 -24.49 -24.01
C TYR B 257 47.33 -24.48 -25.37
N LEU B 258 48.00 -24.12 -26.48
CA LEU B 258 47.22 -24.03 -27.71
C LEU B 258 46.73 -25.39 -28.12
N LYS B 259 47.63 -26.39 -28.07
CA LYS B 259 47.24 -27.72 -28.48
C LYS B 259 46.16 -28.29 -27.55
N ALA B 260 46.32 -28.09 -26.24
CA ALA B 260 45.34 -28.62 -25.29
C ALA B 260 43.98 -27.96 -25.43
N ILE B 261 43.94 -26.66 -25.68
CA ILE B 261 42.65 -25.99 -25.86
C ILE B 261 41.98 -26.56 -27.11
N GLU B 262 42.77 -26.82 -28.17
CA GLU B 262 42.20 -27.45 -29.35
C GLU B 262 41.66 -28.84 -29.05
N GLU B 263 42.37 -29.61 -28.22
CA GLU B 263 41.89 -30.95 -27.85
C GLU B 263 40.60 -30.84 -27.04
N ALA B 264 40.48 -29.82 -26.18
CA ALA B 264 39.19 -29.58 -25.53
C ALA B 264 38.10 -29.25 -26.55
N LEU B 265 38.41 -28.45 -27.56
CA LEU B 265 37.42 -28.19 -28.60
C LEU B 265 37.00 -29.48 -29.32
N ARG B 266 37.93 -30.40 -29.53
CA ARG B 266 37.55 -31.63 -30.23
C ARG B 266 36.74 -32.53 -29.31
N TYR B 267 37.27 -32.76 -28.11
CA TYR B 267 36.75 -33.77 -27.19
C TYR B 267 35.44 -33.28 -26.54
N SER B 268 35.38 -32.00 -26.13
CA SER B 268 34.17 -31.44 -25.50
C SER B 268 33.66 -30.23 -26.28
N PRO B 269 33.18 -30.42 -27.48
CA PRO B 269 32.77 -29.25 -28.28
C PRO B 269 31.61 -28.54 -27.60
N PRO B 270 31.70 -27.23 -27.46
CA PRO B 270 30.60 -26.47 -26.86
C PRO B 270 29.29 -26.58 -27.63
N LEU B 271 29.40 -26.65 -28.94
CA LEU B 271 28.30 -26.86 -29.87
C LEU B 271 28.42 -28.26 -30.44
N MET B 272 27.42 -29.09 -30.19
CA MET B 272 27.46 -30.52 -30.48
C MET B 272 27.07 -30.81 -31.91
N ARG B 273 26.13 -30.05 -32.46
CA ARG B 273 25.59 -30.34 -33.78
C ARG B 273 25.10 -29.09 -34.46
N THR B 274 24.99 -29.18 -35.77
CA THR B 274 24.32 -28.12 -36.52
C THR B 274 23.40 -28.77 -37.55
N VAL B 275 22.67 -27.94 -38.30
CA VAL B 275 21.62 -28.40 -39.20
C VAL B 275 21.71 -27.77 -40.58
N ARG B 276 21.36 -28.55 -41.61
CA ARG B 276 21.14 -28.06 -42.96
C ARG B 276 19.79 -28.54 -43.50
N LYS B 277 19.28 -27.87 -44.54
CA LYS B 277 18.09 -28.34 -45.25
C LYS B 277 18.51 -28.61 -46.69
N THR B 278 18.19 -29.79 -47.21
CA THR B 278 18.55 -30.08 -48.60
C THR B 278 17.71 -29.26 -49.56
N LYS B 279 18.35 -28.74 -50.62
CA LYS B 279 17.70 -27.97 -51.66
C LYS B 279 17.34 -28.82 -52.87
N GLU B 280 17.93 -30.00 -52.99
CA GLU B 280 17.67 -30.91 -54.09
C GLU B 280 17.99 -32.31 -53.60
N ARG B 281 17.57 -33.30 -54.38
CA ARG B 281 17.94 -34.68 -54.12
C ARG B 281 19.45 -34.85 -54.16
N VAL B 282 20.00 -35.45 -53.09
CA VAL B 282 21.45 -35.63 -52.98
C VAL B 282 21.78 -37.06 -52.59
N LYS B 283 22.93 -37.53 -53.03
CA LYS B 283 23.51 -38.76 -52.53
C LYS B 283 24.51 -38.40 -51.45
N LEU B 284 24.35 -39.03 -50.29
CA LEU B 284 25.29 -38.92 -49.19
C LEU B 284 25.69 -40.32 -48.74
N GLY B 285 26.90 -40.73 -49.10
CA GLY B 285 27.26 -42.12 -48.89
C GLY B 285 26.41 -43.04 -49.73
N ASP B 286 25.83 -44.01 -49.04
CA ASP B 286 24.99 -45.00 -49.69
C ASP B 286 23.54 -44.61 -49.58
N GLN B 287 23.26 -43.41 -49.10
CA GLN B 287 21.90 -42.99 -48.89
C GLN B 287 21.54 -41.92 -49.90
N THR B 288 20.29 -41.91 -50.32
CA THR B 288 19.73 -40.83 -51.10
C THR B 288 18.78 -40.05 -50.20
N ILE B 289 19.05 -38.76 -50.06
CA ILE B 289 18.26 -37.86 -49.22
C ILE B 289 17.47 -36.96 -50.15
N GLU B 290 16.16 -36.90 -49.92
CA GLU B 290 15.27 -36.18 -50.81
C GLU B 290 15.37 -34.68 -50.61
N GLU B 291 15.01 -33.96 -51.66
CA GLU B 291 14.95 -32.51 -51.56
C GLU B 291 14.01 -32.17 -50.42
N GLY B 292 14.42 -31.23 -49.56
CA GLY B 292 13.56 -30.73 -48.49
C GLY B 292 13.66 -31.38 -47.13
N GLU B 293 14.43 -32.45 -46.99
CA GLU B 293 14.60 -33.13 -45.72
C GLU B 293 15.63 -32.35 -44.87
N TYR B 294 15.55 -32.47 -43.54
CA TYR B 294 16.51 -31.78 -42.66
C TYR B 294 17.65 -32.74 -42.31
N VAL B 295 18.86 -32.21 -42.32
CA VAL B 295 20.05 -32.96 -41.99
C VAL B 295 20.74 -32.39 -40.77
N ARG B 296 20.80 -33.19 -39.73
CA ARG B 296 21.50 -32.93 -38.49
C ARG B 296 22.90 -33.52 -38.62
N VAL B 297 23.90 -32.67 -38.45
CA VAL B 297 25.28 -33.09 -38.49
C VAL B 297 25.78 -33.07 -37.07
N TRP B 298 26.36 -34.19 -36.64
CA TRP B 298 26.89 -34.27 -35.27
C TRP B 298 28.37 -33.95 -35.25
N ILE B 299 28.69 -32.70 -34.90
CA ILE B 299 30.07 -32.30 -34.84
C ILE B 299 30.77 -33.14 -33.79
N ALA B 300 30.10 -33.35 -32.68
CA ALA B 300 30.70 -34.11 -31.61
C ALA B 300 31.09 -35.53 -32.01
N SER B 301 30.23 -36.22 -32.79
CA SER B 301 30.59 -37.57 -33.23
C SER B 301 31.73 -37.52 -34.24
N ALA B 302 31.61 -36.63 -35.22
CA ALA B 302 32.65 -36.55 -36.23
C ALA B 302 34.02 -36.29 -35.59
N ASN B 303 34.05 -35.52 -34.50
CA ASN B 303 35.31 -35.15 -33.87
C ASN B 303 35.96 -36.32 -33.15
N ARG B 304 35.31 -37.48 -33.14
CA ARG B 304 35.86 -38.65 -32.48
C ARG B 304 36.07 -39.83 -33.44
N ASP B 305 35.88 -39.58 -34.73
CA ASP B 305 35.98 -40.57 -35.81
C ASP B 305 37.36 -41.16 -35.96
N GLU B 306 37.50 -42.50 -35.91
CA GLU B 306 38.84 -43.09 -35.90
C GLU B 306 39.51 -43.00 -37.27
N GLU B 307 38.75 -42.77 -38.33
CA GLU B 307 39.34 -42.59 -39.66
C GLU B 307 40.13 -41.29 -39.72
N VAL B 308 39.85 -40.33 -38.83
CA VAL B 308 40.54 -39.05 -38.85
C VAL B 308 41.43 -38.87 -37.63
N PHE B 309 40.97 -39.31 -36.45
CA PHE B 309 41.67 -39.14 -35.18
C PHE B 309 42.09 -40.52 -34.65
N HIS B 310 43.37 -40.84 -34.74
CA HIS B 310 43.87 -42.05 -34.08
C HIS B 310 43.71 -41.95 -32.57
N ASP B 311 43.18 -43.00 -31.97
CA ASP B 311 42.89 -43.04 -30.53
C ASP B 311 41.95 -41.87 -30.19
N GLY B 312 40.91 -41.72 -31.01
CA GLY B 312 39.98 -40.60 -30.91
C GLY B 312 39.21 -40.53 -29.63
N GLU B 313 39.20 -41.59 -28.83
CA GLU B 313 38.44 -41.58 -27.59
C GLU B 313 39.30 -41.15 -26.42
N LYS B 314 40.62 -41.02 -26.65
CA LYS B 314 41.56 -40.57 -25.63
C LYS B 314 41.72 -39.06 -25.81
N PHE B 315 41.92 -38.37 -24.69
CA PHE B 315 42.27 -36.96 -24.68
C PHE B 315 43.78 -36.85 -24.76
N ILE B 316 44.28 -36.35 -25.86
CA ILE B 316 45.73 -36.22 -25.99
C ILE B 316 46.06 -34.74 -26.05
N PRO B 317 46.60 -34.16 -24.96
CA PRO B 317 46.69 -32.70 -24.87
C PRO B 317 47.59 -32.10 -25.89
N ASP B 318 48.50 -32.87 -26.47
CA ASP B 318 49.41 -32.34 -27.47
C ASP B 318 49.12 -32.94 -28.85
N ARG B 319 47.91 -33.45 -29.04
CA ARG B 319 47.47 -34.00 -30.31
C ARG B 319 47.76 -33.02 -31.43
N ASN B 320 48.40 -33.50 -32.47
CA ASN B 320 48.72 -32.65 -33.60
C ASN B 320 48.94 -33.49 -34.87
N PRO B 321 48.25 -33.24 -35.98
CA PRO B 321 47.24 -32.23 -36.26
C PRO B 321 45.98 -32.57 -35.56
N ASN B 322 45.13 -31.55 -35.43
CA ASN B 322 43.86 -31.67 -34.74
C ASN B 322 42.76 -30.98 -35.53
N PRO B 323 42.32 -31.59 -36.70
CA PRO B 323 41.36 -30.97 -37.62
C PRO B 323 39.90 -31.13 -37.19
N HIS B 324 39.62 -30.75 -35.95
CA HIS B 324 38.26 -30.85 -35.46
C HIS B 324 37.32 -29.88 -36.19
N LEU B 325 36.03 -30.13 -36.03
CA LEU B 325 35.00 -29.40 -36.74
C LEU B 325 34.16 -28.58 -35.77
N SER B 326 34.74 -28.28 -34.60
CA SER B 326 34.00 -27.64 -33.52
C SER B 326 33.58 -26.22 -33.89
N PHE B 327 34.26 -25.58 -34.85
CA PHE B 327 33.92 -24.26 -35.38
C PHE B 327 33.23 -24.38 -36.74
N GLY B 328 32.85 -25.60 -37.12
CA GLY B 328 32.30 -25.81 -38.43
C GLY B 328 33.37 -25.98 -39.49
N SER B 329 32.91 -25.95 -40.74
CA SER B 329 33.77 -26.08 -41.91
C SER B 329 33.11 -25.35 -43.05
N GLY B 330 33.93 -24.91 -44.00
CA GLY B 330 33.43 -24.23 -45.19
C GLY B 330 33.10 -22.74 -45.06
N ILE B 331 32.10 -22.29 -45.81
CA ILE B 331 31.89 -20.86 -45.91
C ILE B 331 31.34 -20.30 -44.62
N HIS B 332 30.81 -21.15 -43.74
CA HIS B 332 30.22 -20.66 -42.50
C HIS B 332 31.12 -20.92 -41.29
N LEU B 333 32.40 -21.24 -41.51
CA LEU B 333 33.38 -21.41 -40.44
C LEU B 333 33.39 -20.21 -39.49
N GLY B 334 33.24 -20.52 -38.20
CA GLY B 334 33.14 -19.53 -37.14
C GLY B 334 33.94 -18.27 -37.30
N LEU B 335 33.20 -17.16 -37.47
CA LEU B 335 33.83 -15.85 -37.56
C LEU B 335 34.61 -15.50 -36.31
N GLY B 336 34.14 -15.94 -35.15
CA GLY B 336 34.77 -15.55 -33.89
C GLY B 336 35.78 -16.56 -33.39
N ALA B 337 36.08 -17.56 -34.20
CA ALA B 337 36.94 -18.65 -33.74
C ALA B 337 38.25 -18.11 -33.19
N PRO B 338 38.93 -17.18 -33.84
CA PRO B 338 40.19 -16.70 -33.26
C PRO B 338 40.01 -16.05 -31.91
N LEU B 339 38.99 -15.20 -31.75
CA LEU B 339 38.75 -14.60 -30.44
C LEU B 339 38.43 -15.64 -29.38
N ALA B 340 37.55 -16.60 -29.70
CA ALA B 340 37.25 -17.63 -28.71
C ALA B 340 38.52 -18.36 -28.30
N ARG B 341 39.35 -18.70 -29.28
CA ARG B 341 40.58 -19.39 -28.96
C ARG B 341 41.47 -18.52 -28.09
N LEU B 342 41.62 -17.25 -28.45
CA LEU B 342 42.48 -16.37 -27.67
C LEU B 342 41.96 -16.22 -26.24
N GLU B 343 40.66 -15.94 -26.08
CA GLU B 343 40.10 -15.76 -24.75
C GLU B 343 40.28 -17.02 -23.91
N ALA B 344 39.92 -18.17 -24.46
CA ALA B 344 40.04 -19.40 -23.69
C ALA B 344 41.48 -19.71 -23.31
N ARG B 345 42.42 -19.54 -24.25
CA ARG B 345 43.81 -19.84 -23.98
C ARG B 345 44.32 -18.94 -22.84
N ILE B 346 44.05 -17.63 -22.91
CA ILE B 346 44.53 -16.71 -21.88
C ILE B 346 43.87 -17.05 -20.54
N ALA B 347 42.57 -17.33 -20.54
CA ALA B 347 41.88 -17.68 -19.30
C ALA B 347 42.51 -18.93 -18.67
N ILE B 348 42.79 -19.96 -19.47
CA ILE B 348 43.30 -21.22 -18.92
C ILE B 348 44.73 -21.04 -18.45
N GLU B 349 45.56 -20.32 -19.23
CA GLU B 349 46.92 -20.07 -18.80
C GLU B 349 46.94 -19.39 -17.44
N GLU B 350 46.20 -18.28 -17.30
CA GLU B 350 46.27 -17.54 -16.04
C GLU B 350 45.70 -18.33 -14.88
N PHE B 351 44.59 -19.04 -15.11
CA PHE B 351 43.99 -19.88 -14.08
C PHE B 351 44.96 -20.95 -13.63
N SER B 352 45.63 -21.61 -14.57
CA SER B 352 46.50 -22.71 -14.20
C SER B 352 47.67 -22.22 -13.41
N LYS B 353 48.16 -21.02 -13.73
CA LYS B 353 49.30 -20.44 -13.02
C LYS B 353 48.90 -20.13 -11.59
N ARG B 354 47.66 -19.83 -11.41
CA ARG B 354 47.31 -19.37 -10.11
C ARG B 354 46.94 -20.48 -9.09
N PHE B 355 47.18 -21.77 -9.37
CA PHE B 355 46.74 -22.88 -8.51
C PHE B 355 47.29 -24.25 -8.92
N ARG B 356 47.99 -24.92 -8.01
CA ARG B 356 48.64 -26.19 -8.36
C ARG B 356 47.80 -27.43 -8.11
N HIS B 357 46.90 -27.43 -7.12
CA HIS B 357 46.05 -28.60 -6.88
C HIS B 357 44.60 -28.14 -7.07
N ILE B 358 43.85 -28.81 -7.93
CA ILE B 358 42.46 -28.42 -8.19
C ILE B 358 41.56 -29.62 -7.88
N GLU B 359 40.60 -29.42 -6.99
CA GLU B 359 39.60 -30.42 -6.67
C GLU B 359 38.21 -29.92 -7.09
N ILE B 360 37.51 -30.71 -7.91
CA ILE B 360 36.15 -30.37 -8.32
C ILE B 360 35.16 -30.83 -7.26
N LEU B 361 34.38 -29.88 -6.73
CA LEU B 361 33.44 -30.15 -5.65
C LEU B 361 32.02 -30.41 -6.14
N ASP B 362 31.48 -29.61 -7.07
CA ASP B 362 30.09 -29.77 -7.52
C ASP B 362 29.94 -29.27 -8.96
N THR B 363 29.11 -29.93 -9.78
CA THR B 363 28.81 -29.47 -11.14
C THR B 363 27.32 -29.52 -11.45
N GLU B 364 26.87 -28.56 -12.23
CA GLU B 364 25.53 -28.54 -12.81
C GLU B 364 25.62 -28.26 -14.31
N LYS B 365 25.04 -29.14 -15.15
CA LYS B 365 25.17 -28.95 -16.60
C LYS B 365 24.20 -27.93 -17.17
N VAL B 366 24.60 -27.35 -18.30
CA VAL B 366 23.70 -26.55 -19.11
C VAL B 366 22.76 -27.62 -19.64
N PRO B 367 21.49 -27.54 -19.34
CA PRO B 367 20.58 -28.61 -19.74
C PRO B 367 20.16 -28.50 -21.21
N ASN B 368 20.81 -29.25 -22.10
CA ASN B 368 20.39 -29.16 -23.49
C ASN B 368 21.26 -30.07 -24.37
N GLU B 369 20.67 -30.72 -25.39
CA GLU B 369 21.45 -31.68 -26.18
C GLU B 369 22.29 -31.02 -27.28
N VAL B 370 22.10 -29.74 -27.53
CA VAL B 370 22.80 -29.01 -28.59
C VAL B 370 24.02 -28.28 -28.00
N LEU B 371 23.90 -27.68 -26.81
CA LEU B 371 25.01 -26.94 -26.20
C LEU B 371 25.62 -27.80 -25.10
N ASN B 372 26.95 -27.74 -25.00
CA ASN B 372 27.72 -28.52 -24.03
C ASN B 372 28.60 -27.70 -23.08
N GLY B 373 28.15 -27.56 -21.84
CA GLY B 373 28.90 -26.82 -20.86
C GLY B 373 28.29 -26.90 -19.48
N TYR B 374 28.67 -25.96 -18.63
CA TYR B 374 28.25 -26.00 -17.23
C TYR B 374 27.64 -24.69 -16.76
N LYS B 375 26.49 -24.81 -16.10
CA LYS B 375 25.87 -23.69 -15.40
C LYS B 375 26.65 -23.34 -14.15
N ARG B 376 27.19 -24.36 -13.47
CA ARG B 376 27.92 -24.19 -12.21
C ARG B 376 29.07 -25.18 -12.24
N LEU B 377 30.27 -24.71 -11.91
CA LEU B 377 31.45 -25.57 -11.74
C LEU B 377 32.20 -25.11 -10.50
N VAL B 378 31.93 -25.74 -9.37
CA VAL B 378 32.50 -25.38 -8.08
C VAL B 378 33.76 -26.16 -7.77
N VAL B 379 34.85 -25.44 -7.44
CA VAL B 379 36.15 -26.07 -7.21
C VAL B 379 36.73 -25.54 -5.90
N ARG B 380 37.58 -26.36 -5.30
CA ARG B 380 38.54 -26.07 -4.26
C ARG B 380 39.96 -26.02 -4.80
N LEU B 381 40.74 -25.03 -4.41
CA LEU B 381 42.06 -24.80 -4.99
C LEU B 381 43.11 -24.90 -3.88
N LYS B 382 44.26 -25.46 -4.23
CA LYS B 382 45.42 -25.48 -3.38
C LYS B 382 46.44 -24.66 -4.13
N SER B 383 46.96 -23.64 -3.44
CA SER B 383 48.05 -22.78 -3.86
C SER B 383 49.44 -23.40 -3.75
N ASN B 384 50.32 -22.87 -4.60
CA ASN B 384 51.77 -22.98 -4.53
C ASN B 384 52.28 -24.34 -4.98
N HIS C 6 12.08 -55.70 -40.15
CA HIS C 6 10.71 -55.30 -39.85
C HIS C 6 10.86 -54.38 -38.66
N HIS C 7 9.80 -53.69 -38.24
CA HIS C 7 9.92 -52.71 -37.15
C HIS C 7 8.62 -52.59 -36.34
N HIS C 8 7.73 -51.61 -36.59
CA HIS C 8 6.46 -51.52 -35.84
C HIS C 8 6.44 -51.06 -34.36
N HIS C 9 5.46 -50.18 -34.00
CA HIS C 9 5.26 -49.57 -32.68
C HIS C 9 3.88 -49.96 -32.15
N HIS C 10 3.79 -50.17 -30.83
CA HIS C 10 2.62 -50.01 -29.97
C HIS C 10 2.83 -48.72 -29.15
N GLU C 11 2.33 -48.72 -27.93
CA GLU C 11 2.70 -47.74 -26.90
C GLU C 11 1.51 -47.30 -26.05
N ASN C 12 1.81 -46.91 -24.81
CA ASN C 12 0.80 -46.42 -23.87
C ASN C 12 0.27 -45.05 -24.32
N LEU C 13 -1.04 -44.93 -24.49
CA LEU C 13 -1.64 -43.67 -24.90
C LEU C 13 -2.50 -43.08 -23.80
N TYR C 14 -2.84 -41.80 -23.98
CA TYR C 14 -3.29 -40.97 -22.86
C TYR C 14 -4.47 -41.59 -22.13
N PHE C 15 -5.38 -42.21 -22.86
CA PHE C 15 -6.61 -42.73 -22.30
C PHE C 15 -6.49 -44.16 -21.78
N GLN C 16 -5.29 -44.69 -21.57
CA GLN C 16 -5.20 -46.14 -21.42
C GLN C 16 -4.76 -46.61 -20.04
N SER C 17 -3.72 -46.03 -19.45
CA SER C 17 -3.22 -46.52 -18.15
C SER C 17 -2.26 -47.69 -18.30
N ASN C 18 -1.21 -47.70 -17.49
CA ASN C 18 -0.16 -48.67 -17.74
C ASN C 18 -0.72 -50.09 -17.69
N TYR C 19 -1.64 -50.39 -16.76
CA TYR C 19 -2.07 -51.78 -16.65
C TYR C 19 -3.00 -52.22 -17.79
N ASP C 20 -3.85 -51.30 -18.31
CA ASP C 20 -4.63 -51.59 -19.51
C ASP C 20 -3.73 -51.81 -20.72
N TRP C 21 -2.69 -50.98 -20.85
CA TRP C 21 -1.74 -51.21 -21.94
C TRP C 21 -1.07 -52.55 -21.80
N PHE C 22 -0.63 -52.90 -20.59
CA PHE C 22 -0.01 -54.19 -20.35
C PHE C 22 -0.96 -55.29 -20.78
N SER C 23 -2.23 -55.17 -20.41
CA SER C 23 -3.18 -56.21 -20.77
C SER C 23 -3.27 -56.38 -22.28
N GLU C 24 -3.34 -55.26 -23.04
CA GLU C 24 -3.40 -55.37 -24.49
C GLU C 24 -2.14 -56.01 -25.03
N MET C 25 -1.00 -55.65 -24.49
CA MET C 25 0.23 -56.16 -25.06
C MET C 25 0.32 -57.64 -24.78
N ARG C 26 -0.14 -58.03 -23.58
CA ARG C 26 -0.20 -59.43 -23.19
C ARG C 26 -1.08 -60.23 -24.13
N LYS C 27 -2.15 -59.61 -24.65
CA LYS C 27 -3.07 -60.39 -25.49
C LYS C 27 -2.61 -60.44 -26.93
N LYS C 28 -2.15 -59.30 -27.42
CA LYS C 28 -1.86 -59.03 -28.82
C LYS C 28 -0.39 -59.23 -29.19
N ASP C 29 0.55 -58.74 -28.38
CA ASP C 29 1.97 -58.73 -28.79
C ASP C 29 2.89 -58.87 -27.57
N PRO C 30 2.98 -60.07 -26.98
CA PRO C 30 3.72 -60.23 -25.71
C PRO C 30 5.22 -60.04 -25.78
N VAL C 31 5.82 -60.24 -26.95
CA VAL C 31 7.22 -59.96 -27.23
C VAL C 31 7.26 -59.05 -28.40
N TYR C 32 7.69 -57.82 -28.15
CA TYR C 32 7.54 -56.66 -29.02
C TYR C 32 8.84 -55.91 -29.25
N TYR C 33 9.14 -55.63 -30.51
CA TYR C 33 10.27 -54.79 -30.88
C TYR C 33 9.73 -53.41 -31.18
N ASP C 34 10.23 -52.37 -30.51
CA ASP C 34 9.62 -51.06 -30.72
C ASP C 34 10.47 -50.23 -31.65
N GLY C 35 11.44 -50.87 -32.30
CA GLY C 35 12.33 -50.22 -33.21
C GLY C 35 13.66 -49.91 -32.58
N ASN C 36 13.71 -50.00 -31.26
CA ASN C 36 14.92 -49.67 -30.52
C ASN C 36 15.27 -50.78 -29.50
N ILE C 37 14.28 -51.25 -28.73
CA ILE C 37 14.49 -52.25 -27.68
C ILE C 37 13.34 -53.26 -27.65
N TRP C 38 13.65 -54.49 -27.30
CA TRP C 38 12.62 -55.49 -27.08
C TRP C 38 11.90 -55.33 -25.74
N GLN C 39 10.58 -55.42 -25.75
CA GLN C 39 9.74 -55.33 -24.56
C GLN C 39 9.02 -56.67 -24.39
N VAL C 40 9.04 -57.22 -23.18
CA VAL C 40 8.44 -58.50 -22.84
C VAL C 40 7.38 -58.31 -21.75
N PHE C 41 6.18 -58.83 -21.98
CA PHE C 41 5.05 -58.54 -21.12
C PHE C 41 4.42 -59.76 -20.47
N SER C 42 4.60 -60.95 -21.05
CA SER C 42 3.94 -62.14 -20.56
C SER C 42 4.75 -62.76 -19.45
N TYR C 43 4.04 -63.45 -18.57
CA TYR C 43 4.73 -64.13 -17.48
C TYR C 43 5.75 -65.13 -18.02
N ARG C 44 5.30 -65.96 -18.96
CA ARG C 44 6.13 -67.06 -19.48
C ARG C 44 7.46 -66.54 -20.00
N TYR C 45 7.42 -65.55 -20.87
CA TYR C 45 8.63 -65.06 -21.50
C TYR C 45 9.45 -64.21 -20.54
N THR C 46 8.81 -63.48 -19.64
CA THR C 46 9.56 -62.76 -18.62
C THR C 46 10.42 -63.69 -17.78
N LYS C 47 9.81 -64.73 -17.21
CA LYS C 47 10.55 -65.68 -16.41
C LYS C 47 11.65 -66.34 -17.24
N GLU C 48 11.34 -66.70 -18.49
CA GLU C 48 12.37 -67.29 -19.35
C GLU C 48 13.57 -66.34 -19.47
N VAL C 49 13.32 -65.05 -19.72
CA VAL C 49 14.41 -64.09 -19.88
C VAL C 49 15.20 -63.96 -18.58
N LEU C 50 14.51 -63.94 -17.45
CA LEU C 50 15.23 -63.72 -16.21
C LEU C 50 16.10 -64.91 -15.85
N ASN C 51 15.73 -66.12 -16.30
CA ASN C 51 16.42 -67.34 -15.89
C ASN C 51 17.57 -67.74 -16.81
N ASN C 52 17.64 -67.21 -17.99
CA ASN C 52 18.58 -67.70 -18.97
C ASN C 52 19.71 -66.68 -19.01
N PHE C 53 20.55 -66.72 -17.97
CA PHE C 53 21.57 -65.69 -17.89
C PHE C 53 22.68 -65.88 -18.93
N SER C 54 22.85 -67.09 -19.45
CA SER C 54 23.85 -67.29 -20.47
C SER C 54 23.50 -66.57 -21.77
N LYS C 55 22.21 -66.33 -22.03
CA LYS C 55 21.74 -65.70 -23.26
C LYS C 55 21.26 -64.28 -23.04
N PHE C 56 20.70 -63.96 -21.86
CA PHE C 56 20.23 -62.63 -21.55
C PHE C 56 21.08 -62.20 -20.37
N SER C 57 21.93 -61.22 -20.65
CA SER C 57 23.01 -60.80 -19.78
C SER C 57 22.61 -59.64 -18.88
N SER C 58 23.17 -59.65 -17.68
CA SER C 58 23.05 -58.51 -16.79
C SER C 58 24.26 -57.60 -16.88
N ASP C 59 25.29 -57.94 -17.69
CA ASP C 59 26.43 -57.05 -17.83
C ASP C 59 25.98 -55.89 -18.70
N LEU C 60 25.44 -54.85 -18.09
CA LEU C 60 24.89 -53.73 -18.84
C LEU C 60 25.70 -52.46 -18.69
N THR C 61 26.78 -52.51 -17.94
CA THR C 61 27.54 -51.36 -17.55
C THR C 61 28.99 -51.46 -18.02
N GLY C 62 29.34 -52.57 -18.66
CA GLY C 62 30.70 -52.79 -19.07
C GLY C 62 31.55 -53.26 -17.93
N TYR C 63 30.92 -53.71 -16.85
CA TYR C 63 31.68 -54.13 -15.69
C TYR C 63 32.74 -55.14 -16.12
N HIS C 64 32.38 -56.12 -16.96
CA HIS C 64 33.36 -57.16 -17.29
C HIS C 64 34.47 -56.61 -18.18
N GLU C 65 34.12 -55.77 -19.14
CA GLU C 65 35.07 -55.19 -20.09
C GLU C 65 36.06 -54.26 -19.39
N ARG C 66 35.70 -53.73 -18.23
CA ARG C 66 36.45 -52.72 -17.50
C ARG C 66 37.10 -53.32 -16.26
N LEU C 67 36.86 -54.60 -15.99
CA LEU C 67 37.25 -55.22 -14.74
C LEU C 67 38.75 -55.06 -14.49
N GLU C 68 39.60 -55.37 -15.48
CA GLU C 68 41.04 -55.30 -15.27
C GLU C 68 41.46 -53.86 -14.95
N ASP C 69 41.00 -52.88 -15.73
CA ASP C 69 41.33 -51.48 -15.49
C ASP C 69 40.78 -51.03 -14.14
N LEU C 70 40.20 -51.97 -13.39
CA LEU C 70 39.65 -51.71 -12.08
C LEU C 70 40.43 -52.41 -10.98
N ARG C 71 40.83 -53.67 -11.20
CA ARG C 71 41.44 -54.43 -10.12
C ARG C 71 42.92 -54.13 -10.02
N ASN C 72 43.51 -53.62 -11.10
CA ASN C 72 44.91 -53.19 -11.09
C ASN C 72 45.02 -51.71 -10.79
N GLY C 73 43.91 -51.04 -10.63
CA GLY C 73 44.04 -49.66 -10.24
C GLY C 73 44.28 -48.89 -11.51
N LYS C 74 43.42 -47.92 -11.88
CA LYS C 74 43.67 -47.15 -13.09
C LYS C 74 42.50 -46.22 -13.44
N ILE C 75 41.23 -46.61 -13.16
CA ILE C 75 40.08 -45.71 -13.28
C ILE C 75 39.80 -45.14 -11.90
N ARG C 76 39.43 -43.86 -11.86
CA ARG C 76 39.27 -43.07 -10.64
C ARG C 76 38.00 -42.22 -10.53
N PHE C 77 37.35 -41.81 -11.63
CA PHE C 77 36.12 -41.00 -11.53
C PHE C 77 35.05 -41.59 -12.42
N ASP C 78 34.69 -42.83 -12.06
CA ASP C 78 33.58 -43.54 -12.65
C ASP C 78 32.55 -43.67 -11.55
N ILE C 79 31.31 -43.99 -11.94
CA ILE C 79 30.21 -44.17 -10.98
C ILE C 79 30.17 -45.57 -10.37
N PRO C 80 30.42 -45.70 -9.06
CA PRO C 80 30.54 -47.02 -8.42
C PRO C 80 29.34 -47.92 -8.65
N THR C 81 28.13 -47.35 -8.72
CA THR C 81 26.97 -48.22 -8.77
C THR C 81 26.89 -48.94 -10.11
N ARG C 82 27.80 -48.63 -11.04
CA ARG C 82 27.93 -49.37 -12.28
C ARG C 82 28.57 -50.71 -12.05
N TYR C 83 29.31 -50.86 -10.97
CA TYR C 83 30.17 -52.01 -10.71
C TYR C 83 29.69 -52.73 -9.45
N THR C 84 28.54 -53.40 -9.51
CA THR C 84 28.03 -54.14 -8.35
C THR C 84 27.69 -55.56 -8.80
N MET C 85 27.29 -56.40 -7.85
CA MET C 85 26.93 -57.76 -8.24
C MET C 85 25.68 -57.80 -9.09
N LEU C 86 24.91 -56.73 -9.07
CA LEU C 86 23.63 -56.67 -9.78
C LEU C 86 23.78 -56.53 -11.29
N THR C 87 24.90 -55.97 -11.75
CA THR C 87 25.16 -55.65 -13.15
C THR C 87 26.26 -56.54 -13.72
N SER C 88 26.41 -57.74 -13.16
CA SER C 88 27.45 -58.68 -13.56
C SER C 88 26.85 -60.04 -13.85
N ASP C 89 27.62 -60.86 -14.55
CA ASP C 89 27.31 -62.23 -14.89
C ASP C 89 28.33 -63.15 -14.25
N PRO C 90 28.01 -64.42 -14.08
CA PRO C 90 29.01 -65.36 -13.58
C PRO C 90 30.22 -65.34 -14.48
N PRO C 91 31.40 -65.57 -13.92
CA PRO C 91 31.62 -65.99 -12.54
C PRO C 91 31.70 -64.84 -11.53
N LEU C 92 31.86 -63.60 -11.97
CA LEU C 92 31.98 -62.47 -11.06
C LEU C 92 30.77 -62.36 -10.14
N HIS C 93 29.57 -62.53 -10.69
CA HIS C 93 28.38 -62.50 -9.86
C HIS C 93 28.43 -63.48 -8.70
N ASP C 94 28.80 -64.74 -8.95
CA ASP C 94 28.80 -65.71 -7.85
C ASP C 94 29.81 -65.34 -6.77
N GLU C 95 30.99 -64.88 -7.18
CA GLU C 95 32.00 -64.42 -6.24
C GLU C 95 31.48 -63.27 -5.37
N LEU C 96 30.85 -62.27 -6.00
CA LEU C 96 30.38 -61.10 -5.26
C LEU C 96 29.21 -61.45 -4.34
N ARG C 97 28.20 -62.15 -4.87
CA ARG C 97 27.05 -62.50 -4.05
C ARG C 97 27.46 -63.43 -2.90
N SER C 98 28.42 -64.34 -3.13
CA SER C 98 28.76 -65.34 -2.12
C SER C 98 29.34 -64.74 -0.85
N MET C 99 29.75 -63.48 -0.89
CA MET C 99 30.32 -62.85 0.29
C MET C 99 29.23 -62.59 1.32
N SER C 100 27.97 -62.49 0.89
CA SER C 100 26.88 -62.06 1.75
C SER C 100 25.59 -62.88 1.70
N ALA C 101 25.49 -63.97 0.92
CA ALA C 101 24.20 -64.64 0.77
C ALA C 101 23.64 -64.95 2.17
N ASP C 102 24.52 -65.34 3.06
CA ASP C 102 24.25 -65.78 4.42
C ASP C 102 23.78 -64.62 5.32
N ILE C 103 23.98 -63.35 4.92
CA ILE C 103 23.65 -62.17 5.76
C ILE C 103 22.17 -61.97 6.09
N PHE C 104 21.24 -62.38 5.23
CA PHE C 104 19.85 -62.11 5.59
C PHE C 104 19.17 -63.40 6.04
N SER C 105 19.97 -64.41 6.36
CA SER C 105 19.58 -65.71 6.87
C SER C 105 18.38 -65.68 7.82
N PRO C 106 17.58 -66.74 7.82
CA PRO C 106 16.43 -66.78 8.72
C PRO C 106 16.79 -66.49 10.17
N GLN C 107 17.93 -67.00 10.63
CA GLN C 107 18.33 -66.80 12.01
C GLN C 107 18.58 -65.33 12.32
N LYS C 108 19.31 -64.65 11.44
CA LYS C 108 19.60 -63.25 11.74
C LYS C 108 18.33 -62.42 11.70
N LEU C 109 17.40 -62.75 10.80
CA LEU C 109 16.25 -61.86 10.79
C LEU C 109 15.35 -62.16 11.98
N GLN C 110 15.34 -63.42 12.43
CA GLN C 110 14.54 -63.71 13.61
C GLN C 110 15.10 -62.94 14.80
N THR C 111 16.44 -62.73 14.80
CA THR C 111 17.03 -61.97 15.90
C THR C 111 16.73 -60.47 15.73
N LEU C 112 16.26 -60.05 14.55
CA LEU C 112 15.98 -58.62 14.34
C LEU C 112 14.52 -58.32 14.50
N GLU C 113 13.71 -59.34 14.73
CA GLU C 113 12.28 -59.10 14.75
C GLU C 113 11.97 -58.06 15.81
N THR C 114 12.51 -58.26 17.02
CA THR C 114 12.28 -57.34 18.13
C THR C 114 12.75 -55.93 17.81
N PHE C 115 13.94 -55.78 17.22
CA PHE C 115 14.42 -54.43 16.92
C PHE C 115 13.48 -53.74 15.94
N ILE C 116 13.12 -54.44 14.87
CA ILE C 116 12.24 -53.84 13.85
C ILE C 116 10.90 -53.50 14.46
N ARG C 117 10.37 -54.37 15.30
CA ARG C 117 9.07 -54.08 15.90
C ARG C 117 9.15 -52.85 16.81
N GLU C 118 10.17 -52.75 17.65
CA GLU C 118 10.27 -51.57 18.50
C GLU C 118 10.45 -50.31 17.69
N THR C 119 11.27 -50.36 16.64
CA THR C 119 11.43 -49.19 15.77
C THR C 119 10.10 -48.81 15.13
N THR C 120 9.37 -49.79 14.62
CA THR C 120 8.07 -49.50 14.03
C THR C 120 7.12 -48.84 15.01
N ARG C 121 7.07 -49.33 16.25
CA ARG C 121 6.19 -48.76 17.28
C ARG C 121 6.58 -47.35 17.61
N SER C 122 7.88 -47.13 17.79
CA SER C 122 8.39 -45.80 18.09
C SER C 122 8.01 -44.82 16.98
N LEU C 123 8.19 -45.25 15.72
CA LEU C 123 7.82 -44.39 14.59
C LEU C 123 6.33 -44.11 14.56
N LEU C 124 5.51 -45.10 14.92
CA LEU C 124 4.07 -44.90 14.92
C LEU C 124 3.67 -43.90 15.99
N ASP C 125 4.42 -43.83 17.08
CA ASP C 125 4.09 -42.88 18.14
C ASP C 125 4.16 -41.44 17.64
N SER C 126 4.85 -41.17 16.55
CA SER C 126 5.12 -39.83 16.06
C SER C 126 4.06 -39.32 15.08
N ILE C 127 3.06 -40.14 14.75
CA ILE C 127 2.07 -39.77 13.75
C ILE C 127 0.98 -38.95 14.43
N ASP C 128 0.65 -37.80 13.83
CA ASP C 128 -0.53 -37.06 14.24
C ASP C 128 -1.76 -37.66 13.59
N PRO C 129 -2.69 -38.21 14.38
CA PRO C 129 -3.83 -38.91 13.79
C PRO C 129 -4.76 -37.96 13.10
N ARG C 130 -4.67 -36.66 13.40
CA ARG C 130 -5.56 -35.70 12.74
C ARG C 130 -5.19 -35.58 11.27
N GLU C 131 -3.89 -35.57 10.98
CA GLU C 131 -3.38 -35.43 9.62
C GLU C 131 -1.87 -35.60 9.62
N ASP C 132 -1.37 -36.62 8.94
CA ASP C 132 0.08 -36.75 8.85
C ASP C 132 0.44 -37.57 7.61
N ASP C 133 1.74 -37.51 7.26
CA ASP C 133 2.28 -38.16 6.07
C ASP C 133 2.99 -39.44 6.50
N ILE C 134 2.43 -40.60 6.14
CA ILE C 134 3.00 -41.87 6.62
C ILE C 134 4.31 -42.14 5.91
N VAL C 135 4.40 -41.75 4.65
CA VAL C 135 5.66 -41.94 3.93
C VAL C 135 6.79 -41.23 4.67
N LYS C 136 6.54 -39.99 5.14
CA LYS C 136 7.58 -39.22 5.83
C LYS C 136 7.88 -39.79 7.20
N LYS C 137 6.85 -40.25 7.92
CA LYS C 137 6.98 -40.61 9.33
C LYS C 137 7.28 -42.08 9.61
N LEU C 138 7.00 -42.98 8.66
CA LEU C 138 7.08 -44.42 8.84
C LEU C 138 7.76 -45.15 7.69
N ALA C 139 7.22 -44.96 6.48
CA ALA C 139 7.62 -45.78 5.35
C ALA C 139 9.07 -45.53 4.98
N VAL C 140 9.53 -44.30 5.13
CA VAL C 140 10.89 -43.92 4.75
C VAL C 140 11.85 -44.27 5.88
N PRO C 141 11.55 -43.92 7.14
CA PRO C 141 12.56 -44.09 8.19
C PRO C 141 12.84 -45.52 8.57
N LEU C 142 11.86 -46.42 8.46
CA LEU C 142 12.05 -47.79 8.95
C LEU C 142 13.18 -48.50 8.23
N PRO C 143 13.20 -48.58 6.89
CA PRO C 143 14.29 -49.31 6.23
C PRO C 143 15.65 -48.69 6.49
N ILE C 144 15.73 -47.36 6.67
CA ILE C 144 17.03 -46.73 6.92
C ILE C 144 17.57 -47.13 8.29
N ILE C 145 16.72 -47.14 9.31
CA ILE C 145 17.15 -47.50 10.65
C ILE C 145 17.56 -48.98 10.70
N VAL C 146 16.77 -49.86 10.07
CA VAL C 146 17.09 -51.29 10.12
C VAL C 146 18.39 -51.58 9.34
N ILE C 147 18.53 -51.04 8.13
CA ILE C 147 19.73 -51.36 7.37
C ILE C 147 20.96 -50.76 8.05
N SER C 148 20.79 -49.57 8.66
CA SER C 148 21.87 -48.98 9.44
C SER C 148 22.29 -49.92 10.59
N LYS C 149 21.31 -50.53 11.26
CA LYS C 149 21.63 -51.49 12.31
C LYS C 149 22.34 -52.73 11.77
N ILE C 150 21.86 -53.27 10.66
CA ILE C 150 22.44 -54.48 10.11
C ILE C 150 23.87 -54.27 9.65
N LEU C 151 24.17 -53.11 9.08
CA LEU C 151 25.50 -52.94 8.52
C LEU C 151 26.48 -52.29 9.50
N GLY C 152 25.98 -51.77 10.61
CA GLY C 152 26.70 -51.08 11.65
C GLY C 152 27.13 -49.69 11.25
N LEU C 153 26.45 -49.05 10.30
CA LEU C 153 26.73 -47.69 9.86
C LEU C 153 25.81 -46.71 10.55
N PRO C 154 26.24 -46.00 11.58
CA PRO C 154 25.33 -45.06 12.25
C PRO C 154 24.90 -43.95 11.29
N ILE C 155 23.59 -43.70 11.21
CA ILE C 155 23.05 -42.73 10.25
C ILE C 155 22.52 -41.55 11.05
N GLU C 156 23.30 -40.45 11.01
CA GLU C 156 23.08 -39.23 11.77
C GLU C 156 21.85 -38.45 11.31
N ASP C 157 21.98 -37.82 10.14
CA ASP C 157 20.95 -36.96 9.58
C ASP C 157 20.10 -37.73 8.58
N LYS C 158 18.96 -38.25 9.03
CA LYS C 158 18.17 -39.12 8.16
C LYS C 158 17.74 -38.40 6.87
N GLU C 159 17.46 -37.09 6.91
CA GLU C 159 17.05 -36.39 5.69
C GLU C 159 18.19 -36.27 4.69
N LYS C 160 19.42 -36.06 5.15
CA LYS C 160 20.50 -36.05 4.15
C LYS C 160 20.59 -37.42 3.54
N PHE C 161 20.41 -38.46 4.34
CA PHE C 161 20.50 -39.82 3.85
C PHE C 161 19.40 -40.07 2.82
N LYS C 162 18.20 -39.51 3.03
CA LYS C 162 17.16 -39.66 2.02
C LYS C 162 17.65 -39.00 0.75
N GLU C 163 18.20 -37.80 0.87
CA GLU C 163 18.70 -37.10 -0.31
C GLU C 163 19.76 -37.91 -1.05
N TRP C 164 20.70 -38.50 -0.31
CA TRP C 164 21.76 -39.26 -0.97
C TRP C 164 21.18 -40.52 -1.61
N SER C 165 20.24 -41.18 -0.92
CA SER C 165 19.60 -42.37 -1.44
C SER C 165 18.83 -42.06 -2.73
N ASP C 166 18.07 -40.96 -2.74
CA ASP C 166 17.32 -40.58 -3.93
C ASP C 166 18.26 -40.23 -5.07
N LEU C 167 19.42 -39.66 -4.74
CA LEU C 167 20.39 -39.22 -5.73
C LEU C 167 21.00 -40.42 -6.43
N VAL C 168 21.26 -41.46 -5.65
CA VAL C 168 21.97 -42.64 -6.15
C VAL C 168 20.97 -43.55 -6.84
N ALA C 169 19.78 -43.67 -6.27
CA ALA C 169 18.77 -44.54 -6.86
C ALA C 169 18.40 -44.01 -8.24
N PHE C 170 18.23 -42.70 -8.35
CA PHE C 170 17.76 -42.10 -9.59
C PHE C 170 18.74 -42.32 -10.73
N ARG C 171 20.04 -42.15 -10.48
CA ARG C 171 21.05 -42.16 -11.54
C ARG C 171 21.81 -43.48 -11.64
N TRP C 172 21.31 -44.56 -11.01
CA TRP C 172 21.83 -45.93 -11.16
C TRP C 172 22.14 -46.55 -12.49
N GLY C 173 23.44 -46.59 -12.78
CA GLY C 173 23.96 -47.19 -13.98
C GLY C 173 24.38 -46.19 -15.02
N LYS C 174 24.25 -44.89 -14.76
CA LYS C 174 24.63 -43.87 -15.74
C LYS C 174 26.09 -43.76 -16.11
N PRO C 175 26.47 -44.28 -17.27
CA PRO C 175 27.88 -44.25 -17.65
C PRO C 175 28.25 -42.78 -17.61
N GLY C 176 29.05 -42.34 -16.65
CA GLY C 176 29.30 -40.91 -16.56
C GLY C 176 30.42 -40.64 -15.58
N GLU C 177 30.57 -39.37 -15.24
CA GLU C 177 31.65 -38.92 -14.39
C GLU C 177 31.12 -38.76 -12.97
N ILE C 178 32.00 -38.91 -11.97
CA ILE C 178 31.53 -38.81 -10.58
C ILE C 178 31.14 -37.37 -10.30
N PHE C 179 31.72 -36.42 -11.04
CA PHE C 179 31.45 -35.01 -10.82
C PHE C 179 30.00 -34.66 -11.11
N GLU C 180 29.33 -35.35 -12.04
CA GLU C 180 27.92 -35.09 -12.38
C GLU C 180 27.13 -34.44 -11.25
N LEU C 181 27.30 -34.90 -10.00
CA LEU C 181 26.59 -34.34 -8.85
C LEU C 181 27.77 -33.92 -7.97
N GLY C 182 28.15 -34.68 -6.95
CA GLY C 182 29.08 -34.14 -6.01
C GLY C 182 28.66 -33.33 -4.81
N LYS C 183 27.58 -32.55 -4.82
CA LYS C 183 27.52 -31.73 -3.61
C LYS C 183 27.00 -32.64 -2.52
N LYS C 184 26.02 -33.47 -2.88
CA LYS C 184 25.40 -34.45 -2.02
C LYS C 184 26.18 -35.77 -2.07
N TYR C 185 26.58 -36.15 -3.29
CA TYR C 185 27.37 -37.35 -3.53
C TYR C 185 28.75 -37.38 -2.92
N LEU C 186 29.48 -36.26 -2.93
CA LEU C 186 30.78 -36.33 -2.29
C LEU C 186 30.62 -36.54 -0.80
N GLU C 187 29.57 -35.94 -0.22
CA GLU C 187 29.25 -36.15 1.19
C GLU C 187 28.95 -37.61 1.50
N LEU C 188 28.18 -38.27 0.63
CA LEU C 188 27.87 -39.69 0.87
C LEU C 188 29.14 -40.53 0.86
N ILE C 189 30.02 -40.30 -0.11
CA ILE C 189 31.26 -41.07 -0.14
C ILE C 189 32.09 -40.81 1.11
N GLY C 190 32.20 -39.54 1.51
CA GLY C 190 32.96 -39.24 2.72
C GLY C 190 32.42 -40.01 3.90
N TYR C 191 31.10 -40.13 4.00
CA TYR C 191 30.53 -40.89 5.10
C TYR C 191 30.95 -42.37 5.04
N VAL C 192 30.82 -42.99 3.87
CA VAL C 192 31.17 -44.41 3.82
C VAL C 192 32.65 -44.61 4.12
N LYS C 193 33.53 -43.76 3.59
CA LYS C 193 34.95 -43.94 3.92
C LYS C 193 35.21 -43.74 5.41
N ASP C 194 34.56 -42.76 6.04
CA ASP C 194 34.83 -42.54 7.46
C ASP C 194 34.33 -43.69 8.34
N HIS C 195 33.46 -44.56 7.81
CA HIS C 195 32.84 -45.58 8.66
C HIS C 195 33.13 -47.04 8.25
N LEU C 196 34.11 -47.29 7.37
CA LEU C 196 34.43 -48.66 6.94
C LEU C 196 34.99 -49.56 8.04
N ASN C 197 35.25 -49.07 9.24
CA ASN C 197 35.71 -49.95 10.31
C ASN C 197 34.58 -50.32 11.26
N SER C 198 33.82 -49.34 11.73
CA SER C 198 32.77 -49.59 12.70
C SER C 198 31.79 -50.67 12.21
N GLY C 199 31.70 -50.86 10.91
CA GLY C 199 30.94 -51.93 10.28
C GLY C 199 30.88 -53.34 10.87
N THR C 200 29.74 -53.98 10.59
CA THR C 200 29.34 -55.35 10.88
C THR C 200 30.18 -56.29 10.03
N GLU C 201 30.17 -57.57 10.41
CA GLU C 201 31.00 -58.59 9.76
C GLU C 201 30.95 -58.55 8.24
N VAL C 202 29.78 -58.37 7.64
CA VAL C 202 29.70 -58.40 6.18
C VAL C 202 30.44 -57.19 5.58
N VAL C 203 30.25 -56.00 6.14
CA VAL C 203 30.93 -54.80 5.62
C VAL C 203 32.45 -54.97 5.75
N SER C 204 32.90 -55.52 6.87
CA SER C 204 34.32 -55.76 7.07
C SER C 204 34.84 -56.74 6.02
N ARG C 205 34.02 -57.76 5.71
CA ARG C 205 34.40 -58.75 4.71
C ARG C 205 34.60 -58.07 3.36
N VAL C 206 33.70 -57.17 3.01
CA VAL C 206 33.81 -56.51 1.72
C VAL C 206 35.02 -55.57 1.68
N VAL C 207 35.26 -54.78 2.74
CA VAL C 207 36.37 -53.82 2.62
C VAL C 207 37.71 -54.55 2.50
N ASN C 208 37.87 -55.65 3.22
CA ASN C 208 39.10 -56.43 3.24
C ASN C 208 38.91 -57.50 2.17
N SER C 209 38.85 -57.04 0.94
CA SER C 209 38.62 -57.91 -0.19
C SER C 209 39.52 -57.53 -1.34
N ASN C 210 39.42 -58.31 -2.41
CA ASN C 210 40.25 -58.09 -3.58
C ASN C 210 39.63 -57.09 -4.53
N LEU C 211 38.58 -56.42 -4.10
CA LEU C 211 37.91 -55.39 -4.89
C LEU C 211 38.72 -54.10 -4.99
N SER C 212 38.56 -53.44 -6.13
CA SER C 212 39.06 -52.08 -6.30
C SER C 212 38.33 -51.15 -5.33
N ASP C 213 38.87 -49.95 -5.13
CA ASP C 213 38.16 -49.02 -4.24
C ASP C 213 36.78 -48.70 -4.80
N ILE C 214 36.65 -48.63 -6.13
CA ILE C 214 35.37 -48.32 -6.76
C ILE C 214 34.41 -49.49 -6.58
N GLU C 215 34.92 -50.72 -6.67
CA GLU C 215 34.07 -51.89 -6.45
C GLU C 215 33.64 -51.96 -4.99
N LYS C 216 34.55 -51.66 -4.07
CA LYS C 216 34.22 -51.72 -2.65
C LYS C 216 33.08 -50.75 -2.34
N LEU C 217 33.16 -49.54 -2.90
CA LEU C 217 32.07 -48.57 -2.71
C LEU C 217 30.77 -49.05 -3.32
N GLY C 218 30.81 -49.54 -4.56
CA GLY C 218 29.58 -50.02 -5.14
C GLY C 218 28.92 -51.08 -4.30
N TYR C 219 29.70 -51.98 -3.71
CA TYR C 219 29.07 -53.05 -2.94
C TYR C 219 28.43 -52.47 -1.67
N ILE C 220 29.16 -51.58 -0.99
CA ILE C 220 28.61 -50.98 0.23
C ILE C 220 27.41 -50.09 -0.09
N ILE C 221 27.49 -49.30 -1.17
CA ILE C 221 26.34 -48.48 -1.53
C ILE C 221 25.14 -49.34 -1.88
N LEU C 222 25.35 -50.42 -2.62
CA LEU C 222 24.21 -51.27 -2.92
C LEU C 222 23.53 -51.74 -1.65
N LEU C 223 24.29 -52.36 -0.73
CA LEU C 223 23.61 -52.85 0.47
C LEU C 223 23.00 -51.75 1.33
N LEU C 224 23.73 -50.65 1.54
CA LEU C 224 23.21 -49.61 2.42
C LEU C 224 22.03 -48.83 1.86
N ILE C 225 22.07 -48.49 0.57
CA ILE C 225 21.10 -47.56 -0.01
C ILE C 225 20.08 -48.16 -0.99
N ALA C 226 20.41 -49.22 -1.72
CA ALA C 226 19.49 -49.70 -2.75
C ALA C 226 18.15 -50.18 -2.23
N GLY C 227 18.13 -51.20 -1.40
CA GLY C 227 16.85 -51.57 -0.79
C GLY C 227 15.97 -50.57 -0.07
N ASN C 228 16.50 -49.39 0.23
CA ASN C 228 15.73 -48.39 0.95
C ASN C 228 14.53 -47.89 0.18
N GLU C 229 14.74 -47.54 -1.08
CA GLU C 229 13.62 -46.97 -1.79
C GLU C 229 12.58 -48.03 -2.08
N GLY C 230 13.03 -49.26 -2.41
CA GLY C 230 12.10 -50.34 -2.67
C GLY C 230 11.21 -50.71 -1.50
N THR C 231 11.80 -50.83 -0.31
CA THR C 231 11.01 -51.25 0.86
C THR C 231 10.08 -50.13 1.30
N THR C 232 10.56 -48.89 1.27
CA THR C 232 9.68 -47.76 1.56
C THR C 232 8.45 -47.80 0.64
N ASN C 233 8.67 -48.05 -0.66
CA ASN C 233 7.56 -48.02 -1.61
C ASN C 233 6.65 -49.21 -1.42
N LEU C 234 7.20 -50.37 -1.02
CA LEU C 234 6.34 -51.51 -0.71
C LEU C 234 5.37 -51.17 0.42
N ILE C 235 5.87 -50.56 1.51
CA ILE C 235 5.02 -50.24 2.65
C ILE C 235 3.95 -49.21 2.28
N SER C 236 4.37 -48.14 1.59
CA SER C 236 3.38 -47.13 1.23
C SER C 236 2.37 -47.71 0.23
N ASN C 237 2.83 -48.47 -0.79
CA ASN C 237 1.89 -49.08 -1.71
C ASN C 237 0.89 -50.00 -1.00
N SER C 238 1.37 -50.75 0.00
CA SER C 238 0.49 -51.64 0.75
C SER C 238 -0.58 -50.84 1.45
N VAL C 239 -0.20 -49.73 2.07
CA VAL C 239 -1.21 -48.90 2.72
C VAL C 239 -2.24 -48.45 1.72
N ILE C 240 -1.81 -48.02 0.54
CA ILE C 240 -2.78 -47.56 -0.44
C ILE C 240 -3.71 -48.70 -0.83
N ASP C 241 -3.15 -49.86 -1.20
CA ASP C 241 -3.96 -50.99 -1.66
C ASP C 241 -4.91 -51.47 -0.60
N PHE C 242 -4.46 -51.59 0.65
CA PHE C 242 -5.36 -52.10 1.68
C PHE C 242 -6.49 -51.11 1.90
N THR C 243 -6.22 -49.81 1.75
CA THR C 243 -7.28 -48.83 1.93
C THR C 243 -8.26 -48.81 0.76
N ARG C 244 -7.74 -48.82 -0.47
CA ARG C 244 -8.54 -48.73 -1.70
C ARG C 244 -9.50 -49.87 -1.85
N PHE C 245 -9.11 -51.05 -1.40
CA PHE C 245 -9.91 -52.25 -1.57
C PHE C 245 -10.64 -52.63 -0.31
N ASN C 246 -10.60 -51.76 0.70
CA ASN C 246 -11.31 -51.93 1.97
C ASN C 246 -11.01 -53.28 2.65
N LEU C 247 -9.73 -53.51 2.93
CA LEU C 247 -9.31 -54.84 3.36
C LEU C 247 -8.77 -54.88 4.78
N TRP C 248 -8.65 -53.73 5.44
CA TRP C 248 -7.98 -53.67 6.73
C TRP C 248 -8.67 -54.55 7.76
N GLN C 249 -10.00 -54.47 7.82
CA GLN C 249 -10.75 -55.24 8.80
C GLN C 249 -10.56 -56.73 8.58
N ARG C 250 -10.72 -57.15 7.33
CA ARG C 250 -10.59 -58.56 6.99
C ARG C 250 -9.18 -59.05 7.27
N ILE C 251 -8.15 -58.28 6.86
CA ILE C 251 -6.76 -58.69 7.06
C ILE C 251 -6.47 -58.92 8.55
N ARG C 252 -7.05 -58.10 9.44
CA ARG C 252 -6.80 -58.31 10.86
C ARG C 252 -7.51 -59.56 11.33
N GLU C 253 -8.79 -59.67 10.98
CA GLU C 253 -9.60 -60.74 11.53
C GLU C 253 -9.13 -62.10 11.05
N GLU C 254 -8.55 -62.16 9.86
CA GLU C 254 -8.15 -63.43 9.28
C GLU C 254 -6.64 -63.62 9.37
N ASN C 255 -5.92 -62.67 9.97
CA ASN C 255 -4.46 -62.78 10.09
C ASN C 255 -3.81 -62.99 8.73
N LEU C 256 -4.13 -62.12 7.78
CA LEU C 256 -3.70 -62.29 6.40
C LEU C 256 -2.42 -61.55 6.05
N TYR C 257 -1.61 -61.16 7.05
CA TYR C 257 -0.50 -60.26 6.80
C TYR C 257 0.47 -60.81 5.75
N LEU C 258 0.91 -62.07 5.87
CA LEU C 258 1.91 -62.53 4.90
C LEU C 258 1.34 -62.62 3.51
N LYS C 259 0.15 -63.20 3.41
CA LYS C 259 -0.48 -63.36 2.11
C LYS C 259 -0.78 -62.00 1.49
N ALA C 260 -1.31 -61.07 2.28
CA ALA C 260 -1.66 -59.74 1.76
C ALA C 260 -0.42 -58.94 1.34
N ILE C 261 0.68 -59.05 2.08
CA ILE C 261 1.91 -58.35 1.66
C ILE C 261 2.40 -58.91 0.34
N GLU C 262 2.34 -60.23 0.17
CA GLU C 262 2.71 -60.79 -1.12
C GLU C 262 1.79 -60.28 -2.21
N GLU C 263 0.50 -60.19 -1.90
CA GLU C 263 -0.43 -59.69 -2.90
C GLU C 263 -0.14 -58.22 -3.24
N ALA C 264 0.26 -57.42 -2.26
CA ALA C 264 0.70 -56.06 -2.58
C ALA C 264 1.91 -56.09 -3.50
N LEU C 265 2.87 -56.98 -3.23
CA LEU C 265 4.02 -57.12 -4.11
C LEU C 265 3.64 -57.50 -5.53
N ARG C 266 2.63 -58.35 -5.71
CA ARG C 266 2.27 -58.71 -7.08
C ARG C 266 1.55 -57.58 -7.76
N TYR C 267 0.52 -57.06 -7.09
CA TYR C 267 -0.41 -56.13 -7.69
C TYR C 267 0.24 -54.76 -7.84
N SER C 268 0.98 -54.30 -6.83
CA SER C 268 1.63 -53.00 -6.89
C SER C 268 3.14 -53.15 -6.70
N PRO C 269 3.82 -53.76 -7.64
CA PRO C 269 5.26 -54.01 -7.46
C PRO C 269 6.07 -52.73 -7.36
N PRO C 270 6.93 -52.61 -6.36
CA PRO C 270 7.78 -51.41 -6.27
C PRO C 270 8.73 -51.23 -7.44
N LEU C 271 9.21 -52.34 -8.00
CA LEU C 271 10.04 -52.32 -9.20
C LEU C 271 9.22 -52.91 -10.34
N MET C 272 8.99 -52.10 -11.36
CA MET C 272 8.07 -52.34 -12.46
C MET C 272 8.71 -53.17 -13.56
N ARG C 273 10.00 -52.97 -13.79
CA ARG C 273 10.69 -53.65 -14.88
C ARG C 273 12.16 -53.79 -14.54
N THR C 274 12.81 -54.73 -15.22
CA THR C 274 14.27 -54.82 -15.17
C THR C 274 14.76 -55.08 -16.60
N VAL C 275 16.08 -55.11 -16.80
CA VAL C 275 16.62 -55.17 -18.16
C VAL C 275 17.70 -56.23 -18.35
N ARG C 276 17.73 -56.85 -19.54
CA ARG C 276 18.86 -57.69 -19.91
C ARG C 276 19.44 -57.30 -21.27
N LYS C 277 20.70 -57.69 -21.55
CA LYS C 277 21.28 -57.49 -22.89
C LYS C 277 21.61 -58.88 -23.45
N THR C 278 21.15 -59.16 -24.67
CA THR C 278 21.47 -60.45 -25.28
C THR C 278 22.92 -60.53 -25.71
N LYS C 279 23.53 -61.71 -25.48
CA LYS C 279 24.91 -61.98 -25.85
C LYS C 279 25.04 -62.72 -27.18
N GLU C 280 23.94 -63.30 -27.67
CA GLU C 280 23.90 -64.02 -28.93
C GLU C 280 22.47 -63.96 -29.43
N ARG C 281 22.29 -64.34 -30.68
CA ARG C 281 20.96 -64.49 -31.25
C ARG C 281 20.11 -65.51 -30.48
N VAL C 282 18.90 -65.11 -30.06
CA VAL C 282 18.03 -66.00 -29.29
C VAL C 282 16.63 -65.98 -29.89
N LYS C 283 15.93 -67.10 -29.74
CA LYS C 283 14.49 -67.19 -30.00
C LYS C 283 13.76 -67.02 -28.66
N LEU C 284 12.81 -66.09 -28.63
CA LEU C 284 11.95 -65.91 -27.48
C LEU C 284 10.49 -65.95 -27.88
N GLY C 285 9.84 -67.05 -27.59
CA GLY C 285 8.52 -67.20 -28.16
C GLY C 285 8.64 -67.28 -29.66
N ASP C 286 7.87 -66.43 -30.32
CA ASP C 286 7.86 -66.42 -31.77
C ASP C 286 8.77 -65.36 -32.36
N GLN C 287 9.59 -64.72 -31.55
CA GLN C 287 10.43 -63.65 -32.04
C GLN C 287 11.89 -64.07 -32.05
N THR C 288 12.64 -63.57 -33.03
CA THR C 288 14.10 -63.73 -33.03
C THR C 288 14.77 -62.41 -32.69
N ILE C 289 15.56 -62.41 -31.63
CA ILE C 289 16.24 -61.21 -31.16
C ILE C 289 17.73 -61.33 -31.42
N GLU C 290 18.28 -60.31 -32.09
CA GLU C 290 19.68 -60.36 -32.47
C GLU C 290 20.58 -60.11 -31.28
N GLU C 291 21.81 -60.60 -31.41
CA GLU C 291 22.83 -60.34 -30.41
C GLU C 291 22.99 -58.83 -30.20
N GLY C 292 23.07 -58.42 -28.93
CA GLY C 292 23.35 -57.04 -28.60
C GLY C 292 22.17 -56.13 -28.38
N GLU C 293 20.95 -56.62 -28.60
CA GLU C 293 19.74 -55.86 -28.38
C GLU C 293 19.43 -55.88 -26.87
N TYR C 294 18.71 -54.87 -26.38
CA TYR C 294 18.29 -54.76 -24.97
C TYR C 294 16.88 -55.30 -24.83
N VAL C 295 16.62 -56.04 -23.76
CA VAL C 295 15.30 -56.59 -23.50
C VAL C 295 14.79 -56.02 -22.18
N ARG C 296 13.68 -55.28 -22.24
CA ARG C 296 13.03 -54.73 -21.07
C ARG C 296 11.98 -55.73 -20.68
N VAL C 297 12.05 -56.21 -19.45
CA VAL C 297 11.09 -57.17 -18.93
C VAL C 297 10.19 -56.46 -17.96
N TRP C 298 8.87 -56.61 -18.18
CA TRP C 298 7.89 -55.96 -17.35
C TRP C 298 7.40 -56.88 -16.23
N ILE C 299 8.00 -56.70 -15.07
CA ILE C 299 7.59 -57.49 -13.93
C ILE C 299 6.16 -57.18 -13.60
N ALA C 300 5.80 -55.90 -13.68
CA ALA C 300 4.45 -55.49 -13.38
C ALA C 300 3.42 -56.17 -14.28
N SER C 301 3.71 -56.27 -15.59
CA SER C 301 2.81 -56.97 -16.51
C SER C 301 2.77 -58.48 -16.26
N ALA C 302 3.93 -59.09 -16.13
CA ALA C 302 3.95 -60.53 -15.92
C ALA C 302 3.15 -60.91 -14.69
N ASN C 303 3.16 -60.06 -13.65
CA ASN C 303 2.50 -60.35 -12.38
C ASN C 303 1.00 -60.31 -12.47
N ARG C 304 0.46 -59.95 -13.64
CA ARG C 304 -0.97 -59.87 -13.81
C ARG C 304 -1.44 -60.81 -14.91
N ASP C 305 -0.52 -61.65 -15.43
CA ASP C 305 -0.76 -62.57 -16.55
C ASP C 305 -1.80 -63.61 -16.21
N GLU C 306 -2.86 -63.70 -17.03
CA GLU C 306 -3.97 -64.59 -16.68
C GLU C 306 -3.61 -66.06 -16.85
N GLU C 307 -2.55 -66.37 -17.59
CA GLU C 307 -2.08 -67.74 -17.76
C GLU C 307 -1.48 -68.25 -16.46
N VAL C 308 -1.06 -67.35 -15.57
CA VAL C 308 -0.42 -67.71 -14.31
C VAL C 308 -1.26 -67.32 -13.10
N PHE C 309 -1.90 -66.16 -13.11
CA PHE C 309 -2.69 -65.65 -11.99
C PHE C 309 -4.16 -65.62 -12.42
N HIS C 310 -4.95 -66.56 -11.93
CA HIS C 310 -6.38 -66.50 -12.16
C HIS C 310 -7.02 -65.26 -11.54
N ASP C 311 -7.85 -64.59 -12.32
CA ASP C 311 -8.48 -63.34 -11.91
C ASP C 311 -7.39 -62.37 -11.52
N GLY C 312 -6.36 -62.28 -12.37
CA GLY C 312 -5.15 -61.52 -12.09
C GLY C 312 -5.32 -60.03 -11.91
N GLU C 313 -6.44 -59.47 -12.30
CA GLU C 313 -6.59 -58.03 -12.17
C GLU C 313 -7.27 -57.63 -10.87
N LYS C 314 -7.77 -58.58 -10.09
CA LYS C 314 -8.42 -58.29 -8.83
C LYS C 314 -7.38 -58.40 -7.73
N PHE C 315 -7.53 -57.56 -6.70
CA PHE C 315 -6.68 -57.69 -5.53
C PHE C 315 -7.32 -58.68 -4.55
N ILE C 316 -6.67 -59.83 -4.41
CA ILE C 316 -7.13 -60.89 -3.52
C ILE C 316 -6.11 -61.07 -2.39
N PRO C 317 -6.44 -60.57 -1.20
CA PRO C 317 -5.43 -60.48 -0.13
C PRO C 317 -4.96 -61.80 0.34
N ASP C 318 -5.73 -62.86 0.14
CA ASP C 318 -5.31 -64.17 0.62
C ASP C 318 -4.94 -65.13 -0.49
N ARG C 319 -4.62 -64.59 -1.66
CA ARG C 319 -4.19 -65.36 -2.83
C ARG C 319 -3.09 -66.33 -2.43
N ASN C 320 -3.28 -67.59 -2.79
CA ASN C 320 -2.29 -68.61 -2.49
C ASN C 320 -2.45 -69.76 -3.47
N PRO C 321 -1.40 -70.17 -4.20
CA PRO C 321 -0.04 -69.67 -4.25
C PRO C 321 -0.01 -68.32 -4.94
N ASN C 322 1.08 -67.61 -4.73
CA ASN C 322 1.31 -66.28 -5.29
C ASN C 322 2.71 -66.15 -5.84
N PRO C 323 3.00 -66.79 -6.97
CA PRO C 323 4.35 -66.83 -7.54
C PRO C 323 4.72 -65.60 -8.36
N HIS C 324 4.54 -64.42 -7.77
CA HIS C 324 4.84 -63.15 -8.43
C HIS C 324 6.33 -63.03 -8.68
N LEU C 325 6.70 -62.08 -9.53
CA LEU C 325 8.08 -61.91 -9.97
C LEU C 325 8.67 -60.59 -9.48
N SER C 326 8.07 -60.05 -8.42
CA SER C 326 8.44 -58.71 -7.98
C SER C 326 9.87 -58.63 -7.48
N PHE C 327 10.46 -59.75 -7.05
CA PHE C 327 11.86 -59.76 -6.62
C PHE C 327 12.77 -60.33 -7.70
N GLY C 328 12.24 -60.52 -8.90
CA GLY C 328 12.99 -61.16 -9.94
C GLY C 328 12.92 -62.68 -9.86
N SER C 329 13.78 -63.29 -10.68
CA SER C 329 13.87 -64.74 -10.75
C SER C 329 15.29 -65.12 -11.17
N GLY C 330 15.70 -66.33 -10.79
CA GLY C 330 16.99 -66.86 -11.14
C GLY C 330 18.17 -66.42 -10.26
N ILE C 331 19.35 -66.31 -10.88
CA ILE C 331 20.55 -66.15 -10.07
C ILE C 331 20.64 -64.80 -9.41
N HIS C 332 19.88 -63.82 -9.91
CA HIS C 332 19.89 -62.46 -9.41
C HIS C 332 18.67 -62.17 -8.56
N LEU C 333 17.98 -63.21 -8.13
CA LEU C 333 16.86 -63.09 -7.21
C LEU C 333 17.22 -62.25 -5.99
N GLY C 334 16.42 -61.23 -5.72
CA GLY C 334 16.67 -60.32 -4.62
C GLY C 334 17.27 -60.88 -3.34
N LEU C 335 18.52 -60.45 -3.09
CA LEU C 335 19.20 -60.82 -1.86
C LEU C 335 18.45 -60.33 -0.64
N GLY C 336 17.78 -59.19 -0.76
CA GLY C 336 17.14 -58.58 0.37
C GLY C 336 15.69 -58.95 0.52
N ALA C 337 15.21 -59.90 -0.29
CA ALA C 337 13.79 -60.23 -0.31
C ALA C 337 13.27 -60.55 1.08
N PRO C 338 13.94 -61.39 1.88
CA PRO C 338 13.45 -61.70 3.22
C PRO C 338 13.41 -60.48 4.12
N LEU C 339 14.45 -59.66 4.07
CA LEU C 339 14.44 -58.45 4.88
C LEU C 339 13.30 -57.52 4.51
N ALA C 340 13.11 -57.28 3.19
CA ALA C 340 12.02 -56.42 2.73
C ALA C 340 10.67 -56.92 3.19
N ARG C 341 10.45 -58.23 3.05
CA ARG C 341 9.19 -58.81 3.47
C ARG C 341 8.97 -58.66 4.96
N LEU C 342 10.00 -58.94 5.77
CA LEU C 342 9.85 -58.84 7.22
C LEU C 342 9.54 -57.41 7.67
N GLU C 343 10.32 -56.43 7.18
CA GLU C 343 10.05 -55.05 7.59
C GLU C 343 8.62 -54.64 7.22
N ALA C 344 8.22 -54.89 5.97
CA ALA C 344 6.88 -54.50 5.57
C ALA C 344 5.80 -55.24 6.37
N ARG C 345 5.97 -56.55 6.60
CA ARG C 345 4.96 -57.28 7.36
C ARG C 345 4.83 -56.65 8.76
N ILE C 346 5.96 -56.41 9.43
CA ILE C 346 5.91 -55.85 10.78
C ILE C 346 5.30 -54.44 10.76
N ALA C 347 5.70 -53.61 9.78
CA ALA C 347 5.14 -52.25 9.67
C ALA C 347 3.62 -52.28 9.52
N ILE C 348 3.10 -53.15 8.66
CA ILE C 348 1.66 -53.18 8.43
C ILE C 348 0.97 -53.77 9.65
N GLU C 349 1.56 -54.80 10.27
CA GLU C 349 0.98 -55.38 11.48
C GLU C 349 0.80 -54.33 12.56
N GLU C 350 1.87 -53.60 12.88
CA GLU C 350 1.76 -52.65 13.97
C GLU C 350 0.80 -51.53 13.60
N PHE C 351 0.86 -51.09 12.34
CA PHE C 351 -0.05 -50.05 11.88
C PHE C 351 -1.51 -50.49 12.01
N SER C 352 -1.84 -51.71 11.59
CA SER C 352 -3.23 -52.18 11.65
C SER C 352 -3.67 -52.35 13.09
N LYS C 353 -2.74 -52.73 13.99
CA LYS C 353 -3.09 -52.90 15.40
C LYS C 353 -3.40 -51.55 16.04
N ARG C 354 -2.77 -50.48 15.59
CA ARG C 354 -2.93 -49.20 16.26
C ARG C 354 -4.14 -48.37 15.80
N PHE C 355 -4.44 -48.34 14.51
CA PHE C 355 -5.47 -47.45 13.93
C PHE C 355 -6.60 -48.18 13.24
N ARG C 356 -7.83 -47.89 13.67
CA ARG C 356 -8.98 -48.61 13.16
C ARG C 356 -9.67 -47.94 11.98
N HIS C 357 -9.65 -46.63 11.86
CA HIS C 357 -10.28 -45.96 10.72
C HIS C 357 -9.18 -45.23 9.96
N ILE C 358 -9.07 -45.47 8.66
CA ILE C 358 -8.04 -44.86 7.83
C ILE C 358 -8.76 -44.11 6.73
N GLU C 359 -8.51 -42.81 6.64
CA GLU C 359 -9.02 -41.95 5.58
C GLU C 359 -7.83 -41.39 4.82
N ILE C 360 -7.77 -41.63 3.51
CA ILE C 360 -6.68 -41.07 2.74
C ILE C 360 -6.99 -39.65 2.32
N LEU C 361 -6.14 -38.70 2.73
CA LEU C 361 -6.34 -37.28 2.47
C LEU C 361 -5.61 -36.76 1.25
N ASP C 362 -4.33 -37.11 1.03
CA ASP C 362 -3.57 -36.58 -0.11
C ASP C 362 -2.48 -37.54 -0.57
N THR C 363 -2.23 -37.66 -1.88
CA THR C 363 -1.11 -38.47 -2.35
C THR C 363 -0.32 -37.74 -3.42
N GLU C 364 0.99 -37.96 -3.43
CA GLU C 364 1.88 -37.54 -4.51
C GLU C 364 2.74 -38.73 -4.90
N LYS C 365 2.72 -39.14 -6.20
CA LYS C 365 3.49 -40.32 -6.61
C LYS C 365 4.97 -40.00 -6.81
N VAL C 366 5.81 -41.03 -6.66
CA VAL C 366 7.22 -40.94 -7.05
C VAL C 366 7.20 -40.82 -8.56
N PRO C 367 7.71 -39.74 -9.09
CA PRO C 367 7.63 -39.52 -10.54
C PRO C 367 8.64 -40.29 -11.36
N ASN C 368 8.25 -41.46 -11.92
CA ASN C 368 9.19 -42.20 -12.76
C ASN C 368 8.53 -43.52 -13.19
N GLU C 369 8.80 -44.00 -14.41
CA GLU C 369 8.09 -45.20 -14.89
C GLU C 369 8.68 -46.52 -14.42
N VAL C 370 9.86 -46.51 -13.80
CA VAL C 370 10.55 -47.73 -13.38
C VAL C 370 10.24 -48.04 -11.91
N LEU C 371 10.19 -47.03 -11.03
CA LEU C 371 9.93 -47.24 -9.61
C LEU C 371 8.48 -46.87 -9.32
N ASN C 372 7.87 -47.65 -8.46
CA ASN C 372 6.47 -47.48 -8.11
C ASN C 372 6.18 -47.30 -6.62
N GLY C 373 5.89 -46.06 -6.28
CA GLY C 373 5.57 -45.75 -4.91
C GLY C 373 5.12 -44.31 -4.78
N TYR C 374 5.19 -43.81 -3.55
CA TYR C 374 4.68 -42.49 -3.24
C TYR C 374 5.69 -41.64 -2.51
N LYS C 375 5.83 -40.41 -3.02
CA LYS C 375 6.58 -39.38 -2.34
C LYS C 375 5.83 -38.88 -1.11
N ARG C 376 4.50 -38.82 -1.18
CA ARG C 376 3.73 -38.30 -0.05
C ARG C 376 2.45 -39.09 0.08
N LEU C 377 2.12 -39.54 1.27
CA LEU C 377 0.84 -40.21 1.52
C LEU C 377 0.25 -39.67 2.82
N VAL C 378 -0.62 -38.66 2.72
CA VAL C 378 -1.22 -38.00 3.89
C VAL C 378 -2.55 -38.65 4.26
N VAL C 379 -2.65 -39.07 5.53
CA VAL C 379 -3.81 -39.82 6.02
C VAL C 379 -4.31 -39.22 7.32
N ARG C 380 -5.60 -39.42 7.56
CA ARG C 380 -6.26 -39.27 8.84
C ARG C 380 -6.58 -40.60 9.50
N LEU C 381 -6.29 -40.71 10.78
CA LEU C 381 -6.35 -41.93 11.57
C LEU C 381 -7.29 -41.77 12.78
N LYS C 382 -7.98 -42.86 13.12
CA LYS C 382 -8.77 -43.00 14.32
C LYS C 382 -8.08 -44.11 15.10
N SER C 383 -7.76 -43.86 16.37
CA SER C 383 -7.26 -44.88 17.27
C SER C 383 -8.30 -45.86 17.83
N ASN C 384 -7.80 -47.06 18.17
CA ASN C 384 -8.35 -48.15 19.01
C ASN C 384 -7.88 -49.50 18.49
N HIS D 6 -31.08 53.91 15.72
CA HIS D 6 -29.74 53.35 15.77
C HIS D 6 -29.71 52.02 16.57
N HIS D 7 -28.67 51.81 17.39
CA HIS D 7 -28.55 50.60 18.22
C HIS D 7 -27.87 50.77 19.56
N HIS D 8 -26.71 51.42 19.65
CA HIS D 8 -25.96 51.52 20.91
C HIS D 8 -25.54 50.17 21.50
N HIS D 9 -24.33 50.10 22.10
CA HIS D 9 -23.81 48.88 22.72
C HIS D 9 -23.61 49.10 24.21
N HIS D 10 -23.89 48.09 25.00
CA HIS D 10 -23.23 47.86 26.28
C HIS D 10 -22.20 46.76 26.05
N GLU D 11 -21.85 46.04 27.11
CA GLU D 11 -21.03 44.84 27.00
C GLU D 11 -20.13 44.67 28.22
N ASN D 12 -19.89 43.43 28.60
CA ASN D 12 -19.08 43.14 29.78
C ASN D 12 -17.65 43.60 29.52
N LEU D 13 -17.13 44.48 30.37
CA LEU D 13 -15.77 44.95 30.18
C LEU D 13 -14.85 44.43 31.27
N TYR D 14 -13.55 44.57 31.02
CA TYR D 14 -12.56 43.72 31.67
C TYR D 14 -12.69 43.73 33.19
N PHE D 15 -12.95 44.90 33.77
CA PHE D 15 -12.97 45.08 35.21
C PHE D 15 -14.32 44.80 35.85
N GLN D 16 -15.21 44.04 35.20
CA GLN D 16 -16.59 44.07 35.64
C GLN D 16 -17.11 42.75 36.17
N SER D 17 -16.94 41.64 35.44
CA SER D 17 -17.50 40.37 35.91
C SER D 17 -18.97 40.23 35.51
N ASN D 18 -19.35 39.03 35.06
CA ASN D 18 -20.62 38.87 34.38
C ASN D 18 -21.79 39.30 35.26
N TYR D 19 -21.75 38.99 36.55
CA TYR D 19 -22.92 39.31 37.36
C TYR D 19 -23.02 40.80 37.65
N ASP D 20 -21.89 41.50 37.79
CA ASP D 20 -21.95 42.95 37.90
C ASP D 20 -22.53 43.57 36.62
N TRP D 21 -22.12 43.05 35.46
CA TRP D 21 -22.70 43.52 34.21
C TRP D 21 -24.19 43.22 34.15
N PHE D 22 -24.60 42.01 34.50
CA PHE D 22 -26.02 41.68 34.50
C PHE D 22 -26.77 42.66 35.37
N SER D 23 -26.24 42.94 36.57
CA SER D 23 -26.92 43.85 37.48
C SER D 23 -27.08 45.23 36.82
N GLU D 24 -26.03 45.70 36.15
CA GLU D 24 -26.13 46.99 35.49
C GLU D 24 -27.18 46.95 34.42
N MET D 25 -27.25 45.87 33.66
CA MET D 25 -28.18 45.88 32.54
C MET D 25 -29.60 45.83 33.07
N ARG D 26 -29.80 45.07 34.14
CA ARG D 26 -31.11 45.00 34.77
C ARG D 26 -31.57 46.36 35.25
N LYS D 27 -30.64 47.23 35.68
CA LYS D 27 -31.06 48.51 36.22
C LYS D 27 -31.25 49.54 35.12
N LYS D 28 -30.33 49.54 34.16
CA LYS D 28 -30.17 50.54 33.13
C LYS D 28 -30.86 50.19 31.80
N ASP D 29 -30.71 48.95 31.32
CA ASP D 29 -31.20 48.59 29.98
C ASP D 29 -31.65 47.12 29.92
N PRO D 30 -32.81 46.82 30.50
CA PRO D 30 -33.23 45.42 30.63
C PRO D 30 -33.60 44.71 29.33
N VAL D 31 -33.96 45.44 28.29
CA VAL D 31 -34.19 44.90 26.95
C VAL D 31 -33.32 45.67 26.00
N TYR D 32 -32.33 45.00 25.44
CA TYR D 32 -31.24 45.64 24.76
C TYR D 32 -31.01 45.06 23.38
N TYR D 33 -30.89 45.96 22.42
CA TYR D 33 -30.54 45.64 21.05
C TYR D 33 -29.06 45.93 20.89
N ASP D 34 -28.28 44.95 20.46
CA ASP D 34 -26.84 45.19 20.42
C ASP D 34 -26.39 45.51 19.01
N GLY D 35 -27.35 45.75 18.12
CA GLY D 35 -27.14 46.04 16.73
C GLY D 35 -27.35 44.82 15.86
N ASN D 36 -27.39 43.65 16.50
CA ASN D 36 -27.50 42.35 15.85
C ASN D 36 -28.60 41.44 16.48
N ILE D 37 -28.67 41.31 17.83
CA ILE D 37 -29.62 40.42 18.51
C ILE D 37 -30.18 41.07 19.78
N TRP D 38 -31.44 40.77 20.09
CA TRP D 38 -31.99 41.22 21.37
C TRP D 38 -31.51 40.40 22.58
N GLN D 39 -31.10 41.09 23.64
CA GLN D 39 -30.66 40.49 24.89
C GLN D 39 -31.62 40.92 25.98
N VAL D 40 -32.09 39.97 26.79
CA VAL D 40 -33.04 40.21 27.87
C VAL D 40 -32.45 39.82 29.21
N PHE D 41 -32.55 40.73 30.18
CA PHE D 41 -31.86 40.57 31.45
C PHE D 41 -32.76 40.52 32.68
N SER D 42 -33.98 41.09 32.63
CA SER D 42 -34.85 41.17 33.81
C SER D 42 -35.66 39.88 33.91
N TYR D 43 -36.04 39.53 35.14
CA TYR D 43 -36.88 38.35 35.38
C TYR D 43 -38.21 38.46 34.64
N ARG D 44 -38.87 39.60 34.77
CA ARG D 44 -40.19 39.76 34.19
C ARG D 44 -40.21 39.45 32.70
N TYR D 45 -39.31 40.08 31.95
CA TYR D 45 -39.31 39.94 30.49
C TYR D 45 -38.74 38.60 30.06
N THR D 46 -37.76 38.07 30.79
CA THR D 46 -37.30 36.71 30.48
C THR D 46 -38.42 35.71 30.56
N LYS D 47 -39.13 35.71 31.68
CA LYS D 47 -40.24 34.79 31.84
C LYS D 47 -41.28 35.04 30.75
N GLU D 48 -41.57 36.32 30.45
CA GLU D 48 -42.53 36.63 29.39
C GLU D 48 -42.10 35.99 28.08
N VAL D 49 -40.83 36.13 27.70
CA VAL D 49 -40.36 35.57 26.44
C VAL D 49 -40.48 34.06 26.43
N LEU D 50 -40.15 33.41 27.55
CA LEU D 50 -40.13 31.95 27.58
C LEU D 50 -41.52 31.37 27.51
N ASN D 51 -42.54 32.12 27.98
CA ASN D 51 -43.88 31.55 28.07
C ASN D 51 -44.70 31.77 26.81
N ASN D 52 -44.29 32.68 25.94
CA ASN D 52 -45.05 33.12 24.79
C ASN D 52 -44.45 32.49 23.54
N PHE D 53 -44.71 31.18 23.40
CA PHE D 53 -44.10 30.42 22.31
C PHE D 53 -44.70 30.76 20.96
N SER D 54 -45.91 31.29 20.95
CA SER D 54 -46.56 31.70 19.72
C SER D 54 -45.86 32.89 19.07
N LYS D 55 -45.19 33.72 19.87
CA LYS D 55 -44.50 34.92 19.38
C LYS D 55 -42.99 34.76 19.38
N PHE D 56 -42.45 33.98 20.32
CA PHE D 56 -41.01 33.75 20.42
C PHE D 56 -40.85 32.26 20.20
N SER D 57 -40.24 31.91 19.08
CA SER D 57 -40.22 30.55 18.59
C SER D 57 -38.95 29.81 19.01
N SER D 58 -39.09 28.51 19.24
CA SER D 58 -37.90 27.70 19.46
C SER D 58 -37.39 27.03 18.20
N ASP D 59 -38.10 27.19 17.07
CA ASP D 59 -37.62 26.62 15.82
C ASP D 59 -36.45 27.45 15.31
N LEU D 60 -35.22 27.11 15.69
CA LEU D 60 -34.09 27.93 15.33
C LEU D 60 -33.20 27.22 14.34
N THR D 61 -33.59 26.02 13.95
CA THR D 61 -32.79 25.12 13.14
C THR D 61 -33.47 24.75 11.84
N GLY D 62 -34.68 25.25 11.61
CA GLY D 62 -35.42 24.90 10.42
C GLY D 62 -36.09 23.56 10.51
N TYR D 63 -36.23 23.01 11.72
CA TYR D 63 -36.84 21.70 11.84
C TYR D 63 -38.17 21.70 11.10
N HIS D 64 -38.99 22.75 11.29
CA HIS D 64 -40.33 22.74 10.69
C HIS D 64 -40.24 22.88 9.19
N GLU D 65 -39.33 23.73 8.72
CA GLU D 65 -39.15 24.00 7.31
C GLU D 65 -38.65 22.78 6.56
N ARG D 66 -38.02 21.84 7.25
CA ARG D 66 -37.38 20.67 6.66
C ARG D 66 -38.15 19.38 6.98
N LEU D 67 -39.22 19.47 7.76
CA LEU D 67 -39.91 18.29 8.28
C LEU D 67 -40.33 17.36 7.14
N GLU D 68 -40.97 17.91 6.10
CA GLU D 68 -41.48 17.09 5.01
C GLU D 68 -40.33 16.35 4.32
N ASP D 69 -39.25 17.06 3.98
CA ASP D 69 -38.08 16.42 3.36
C ASP D 69 -37.44 15.43 4.33
N LEU D 70 -38.07 15.25 5.49
CA LEU D 70 -37.65 14.33 6.54
C LEU D 70 -38.60 13.18 6.74
N ARG D 71 -39.93 13.40 6.72
CA ARG D 71 -40.82 12.31 7.06
C ARG D 71 -41.05 11.46 5.83
N ASN D 72 -40.81 12.02 4.65
CA ASN D 72 -40.87 11.27 3.41
C ASN D 72 -39.50 10.74 3.00
N GLY D 73 -38.44 11.05 3.75
CA GLY D 73 -37.16 10.46 3.44
C GLY D 73 -36.49 11.31 2.38
N LYS D 74 -35.27 11.83 2.59
CA LYS D 74 -34.62 12.59 1.52
C LYS D 74 -33.33 13.30 1.93
N ILE D 75 -33.20 13.76 3.19
CA ILE D 75 -31.92 14.28 3.69
C ILE D 75 -31.20 13.16 4.42
N ARG D 76 -29.87 13.15 4.30
CA ARG D 76 -29.01 12.08 4.79
C ARG D 76 -27.77 12.50 5.59
N PHE D 77 -27.21 13.72 5.40
CA PHE D 77 -26.02 14.12 6.17
C PHE D 77 -26.25 15.48 6.75
N ASP D 78 -27.27 15.53 7.60
CA ASP D 78 -27.58 16.70 8.39
C ASP D 78 -27.27 16.25 9.81
N ILE D 79 -27.11 17.21 10.72
CA ILE D 79 -26.83 16.98 12.13
C ILE D 79 -28.07 16.67 12.95
N PRO D 80 -28.21 15.46 13.48
CA PRO D 80 -29.45 15.06 14.16
C PRO D 80 -29.88 16.00 15.27
N THR D 81 -28.94 16.60 16.00
CA THR D 81 -29.37 17.38 17.16
C THR D 81 -30.09 18.66 16.73
N ARG D 82 -30.15 18.93 15.43
CA ARG D 82 -30.95 20.03 14.93
C ARG D 82 -32.43 19.71 14.99
N TYR D 83 -32.79 18.42 15.03
CA TYR D 83 -34.17 17.96 14.86
C TYR D 83 -34.64 17.25 16.13
N THR D 84 -34.84 17.98 17.22
CA THR D 84 -35.30 17.43 18.50
C THR D 84 -36.51 18.21 19.00
N MET D 85 -37.10 17.77 20.11
CA MET D 85 -38.24 18.52 20.63
C MET D 85 -37.87 19.88 21.15
N LEU D 86 -36.58 20.09 21.44
CA LEU D 86 -36.16 21.34 22.04
C LEU D 86 -36.15 22.50 21.06
N THR D 87 -36.01 22.21 19.77
CA THR D 87 -35.87 23.21 18.70
C THR D 87 -37.11 23.24 17.83
N SER D 88 -38.25 22.86 18.41
CA SER D 88 -39.51 22.79 17.70
C SER D 88 -40.57 23.57 18.48
N ASP D 89 -41.63 23.94 17.79
CA ASP D 89 -42.81 24.61 18.33
C ASP D 89 -44.04 23.74 18.11
N PRO D 90 -45.10 23.98 18.87
CA PRO D 90 -46.33 23.23 18.64
C PRO D 90 -46.80 23.40 17.21
N PRO D 91 -47.44 22.37 16.66
CA PRO D 91 -47.87 21.14 17.33
C PRO D 91 -46.79 20.06 17.38
N LEU D 92 -45.73 20.21 16.58
CA LEU D 92 -44.66 19.21 16.55
C LEU D 92 -44.05 18.99 17.92
N HIS D 93 -43.80 20.07 18.66
CA HIS D 93 -43.26 19.90 20.00
C HIS D 93 -44.10 18.98 20.88
N ASP D 94 -45.40 19.20 20.96
CA ASP D 94 -46.18 18.34 21.84
C ASP D 94 -46.17 16.89 21.33
N GLU D 95 -46.25 16.70 20.01
CA GLU D 95 -46.18 15.35 19.45
C GLU D 95 -44.91 14.64 19.89
N LEU D 96 -43.76 15.32 19.79
CA LEU D 96 -42.51 14.66 20.17
C LEU D 96 -42.46 14.43 21.69
N ARG D 97 -42.78 15.46 22.47
CA ARG D 97 -42.72 15.38 23.92
C ARG D 97 -43.66 14.33 24.52
N SER D 98 -44.86 14.16 23.93
CA SER D 98 -45.82 13.27 24.56
C SER D 98 -45.33 11.84 24.61
N MET D 99 -44.29 11.53 23.84
CA MET D 99 -43.73 10.20 23.76
C MET D 99 -43.00 9.82 25.06
N SER D 100 -42.55 10.81 25.84
CA SER D 100 -41.70 10.54 26.98
C SER D 100 -42.02 11.26 28.30
N ALA D 101 -43.07 12.09 28.36
CA ALA D 101 -43.33 12.94 29.54
C ALA D 101 -43.38 12.12 30.83
N ASP D 102 -43.98 10.96 30.75
CA ASP D 102 -44.27 10.02 31.84
C ASP D 102 -43.00 9.35 32.38
N ILE D 103 -41.88 9.41 31.65
CA ILE D 103 -40.66 8.71 32.07
C ILE D 103 -40.04 9.17 33.36
N PHE D 104 -40.18 10.42 33.75
CA PHE D 104 -39.47 10.78 34.96
C PHE D 104 -40.45 10.92 36.11
N SER D 105 -41.67 10.38 35.93
CA SER D 105 -42.73 10.34 36.91
C SER D 105 -42.20 10.10 38.31
N PRO D 106 -42.87 10.66 39.31
CA PRO D 106 -42.41 10.45 40.68
C PRO D 106 -42.20 8.99 41.04
N GLN D 107 -43.07 8.09 40.58
CA GLN D 107 -42.96 6.68 40.93
C GLN D 107 -41.67 6.05 40.41
N LYS D 108 -41.31 6.31 39.17
CA LYS D 108 -40.09 5.68 38.68
C LYS D 108 -38.87 6.22 39.41
N LEU D 109 -38.87 7.51 39.77
CA LEU D 109 -37.64 7.93 40.39
C LEU D 109 -37.56 7.40 41.81
N GLN D 110 -38.72 7.22 42.44
CA GLN D 110 -38.63 6.66 43.76
C GLN D 110 -38.09 5.25 43.65
N THR D 111 -38.39 4.57 42.53
CA THR D 111 -37.87 3.20 42.38
C THR D 111 -36.39 3.21 42.04
N LEU D 112 -35.85 4.38 41.67
CA LEU D 112 -34.43 4.45 41.33
C LEU D 112 -33.58 4.99 42.45
N GLU D 113 -34.18 5.44 43.55
CA GLU D 113 -33.35 6.08 44.55
C GLU D 113 -32.24 5.14 45.00
N THR D 114 -32.60 3.92 45.35
CA THR D 114 -31.59 2.98 45.81
C THR D 114 -30.50 2.79 44.78
N PHE D 115 -30.85 2.66 43.50
CA PHE D 115 -29.80 2.47 42.51
C PHE D 115 -28.85 3.65 42.50
N ILE D 116 -29.41 4.86 42.46
CA ILE D 116 -28.59 6.07 42.40
C ILE D 116 -27.72 6.19 43.64
N ARG D 117 -28.28 5.89 44.80
CA ARG D 117 -27.53 6.00 46.04
C ARG D 117 -26.37 5.01 46.05
N GLU D 118 -26.62 3.76 45.65
CA GLU D 118 -25.54 2.78 45.61
C GLU D 118 -24.48 3.20 44.59
N THR D 119 -24.90 3.70 43.43
CA THR D 119 -23.93 4.19 42.44
C THR D 119 -23.10 5.32 43.01
N THR D 120 -23.75 6.28 43.67
CA THR D 120 -23.05 7.38 44.29
C THR D 120 -22.02 6.90 45.31
N ARG D 121 -22.41 5.94 46.14
CA ARG D 121 -21.52 5.42 47.17
C ARG D 121 -20.32 4.76 46.52
N SER D 122 -20.58 3.95 45.49
CA SER D 122 -19.49 3.31 44.78
C SER D 122 -18.53 4.34 44.21
N LEU D 123 -19.05 5.40 43.60
CA LEU D 123 -18.17 6.44 43.06
C LEU D 123 -17.39 7.14 44.16
N LEU D 124 -18.01 7.36 45.31
CA LEU D 124 -17.35 8.04 46.42
C LEU D 124 -16.23 7.17 46.98
N ASP D 125 -16.36 5.86 46.87
CA ASP D 125 -15.34 4.97 47.38
C ASP D 125 -13.99 5.21 46.66
N SER D 126 -14.01 5.80 45.47
CA SER D 126 -12.82 5.94 44.64
C SER D 126 -12.07 7.24 44.90
N ILE D 127 -12.57 8.09 45.79
CA ILE D 127 -11.93 9.38 46.00
C ILE D 127 -10.78 9.22 46.99
N ASP D 128 -9.58 9.73 46.60
CA ASP D 128 -8.42 9.88 47.50
C ASP D 128 -8.52 11.15 48.34
N PRO D 129 -8.63 11.04 49.67
CA PRO D 129 -8.87 12.23 50.49
C PRO D 129 -7.69 13.17 50.49
N ARG D 130 -6.52 12.68 50.12
CA ARG D 130 -5.36 13.56 50.12
C ARG D 130 -5.46 14.62 49.03
N GLU D 131 -5.96 14.22 47.87
CA GLU D 131 -6.07 15.10 46.74
C GLU D 131 -6.81 14.41 45.63
N ASP D 132 -7.96 14.94 45.21
CA ASP D 132 -8.58 14.30 44.08
C ASP D 132 -9.52 15.28 43.38
N ASP D 133 -9.93 14.90 42.17
CA ASP D 133 -10.79 15.71 41.30
C ASP D 133 -12.20 15.12 41.41
N ILE D 134 -13.14 15.85 42.04
CA ILE D 134 -14.49 15.33 42.27
C ILE D 134 -15.22 15.29 40.94
N VAL D 135 -14.93 16.25 40.06
CA VAL D 135 -15.55 16.28 38.73
C VAL D 135 -15.27 14.97 38.03
N LYS D 136 -14.00 14.52 38.08
CA LYS D 136 -13.59 13.30 37.38
C LYS D 136 -14.18 12.06 38.04
N LYS D 137 -14.26 12.05 39.37
CA LYS D 137 -14.56 10.86 40.16
C LYS D 137 -16.04 10.75 40.47
N LEU D 138 -16.80 11.85 40.38
CA LEU D 138 -18.20 11.89 40.82
C LEU D 138 -19.16 12.61 39.87
N ALA D 139 -18.86 13.88 39.58
CA ALA D 139 -19.85 14.71 38.90
C ALA D 139 -20.12 14.22 37.49
N VAL D 140 -19.11 13.70 36.83
CA VAL D 140 -19.22 13.26 35.45
C VAL D 140 -19.81 11.86 35.37
N PRO D 141 -19.31 10.88 36.15
CA PRO D 141 -19.79 9.50 35.95
C PRO D 141 -21.21 9.25 36.41
N LEU D 142 -21.68 9.96 37.43
CA LEU D 142 -22.99 9.66 38.01
C LEU D 142 -24.11 9.84 37.00
N PRO D 143 -24.26 10.98 36.34
CA PRO D 143 -25.40 11.12 35.43
C PRO D 143 -25.33 10.14 34.29
N ILE D 144 -24.12 9.77 33.85
CA ILE D 144 -24.01 8.83 32.74
C ILE D 144 -24.48 7.45 33.15
N ILE D 145 -24.08 7.01 34.34
CA ILE D 145 -24.49 5.69 34.78
C ILE D 145 -26.00 5.64 35.01
N VAL D 146 -26.56 6.69 35.62
CA VAL D 146 -27.99 6.67 35.90
C VAL D 146 -28.80 6.74 34.61
N ILE D 147 -28.44 7.64 33.69
CA ILE D 147 -29.24 7.76 32.47
C ILE D 147 -29.11 6.50 31.62
N SER D 148 -27.91 5.88 31.61
CA SER D 148 -27.76 4.60 30.94
C SER D 148 -28.69 3.55 31.51
N LYS D 149 -28.82 3.50 32.84
CA LYS D 149 -29.76 2.55 33.45
C LYS D 149 -31.20 2.84 33.07
N ILE D 150 -31.59 4.12 33.09
CA ILE D 150 -32.97 4.46 32.79
C ILE D 150 -33.33 4.09 31.35
N LEU D 151 -32.40 4.26 30.43
CA LEU D 151 -32.72 4.01 29.02
C LEU D 151 -32.38 2.59 28.58
N GLY D 152 -31.64 1.87 29.40
CA GLY D 152 -31.21 0.51 29.13
C GLY D 152 -30.12 0.40 28.09
N LEU D 153 -29.32 1.43 27.90
CA LEU D 153 -28.21 1.40 26.96
C LEU D 153 -26.91 1.09 27.71
N PRO D 154 -26.43 -0.16 27.75
CA PRO D 154 -25.18 -0.43 28.49
C PRO D 154 -24.00 0.34 27.93
N ILE D 155 -23.26 1.01 28.82
CA ILE D 155 -22.15 1.89 28.43
C ILE D 155 -20.83 1.26 28.84
N GLU D 156 -20.09 0.73 27.86
CA GLU D 156 -18.84 0.02 28.10
C GLU D 156 -17.76 0.97 28.60
N ASP D 157 -17.27 1.82 27.70
CA ASP D 157 -16.17 2.75 27.95
C ASP D 157 -16.64 4.16 28.30
N LYS D 158 -16.73 4.46 29.61
CA LYS D 158 -17.31 5.72 30.05
C LYS D 158 -16.57 6.93 29.49
N GLU D 159 -15.25 6.81 29.31
CA GLU D 159 -14.44 7.92 28.80
C GLU D 159 -14.76 8.22 27.33
N LYS D 160 -15.02 7.19 26.52
CA LYS D 160 -15.39 7.52 25.14
C LYS D 160 -16.72 8.26 25.15
N PHE D 161 -17.62 7.85 26.03
CA PHE D 161 -18.94 8.45 26.11
C PHE D 161 -18.86 9.89 26.56
N LYS D 162 -17.95 10.21 27.49
CA LYS D 162 -17.77 11.59 27.92
C LYS D 162 -17.31 12.41 26.74
N GLU D 163 -16.33 11.89 25.99
CA GLU D 163 -15.85 12.60 24.80
C GLU D 163 -16.99 12.84 23.82
N TRP D 164 -17.83 11.83 23.61
CA TRP D 164 -18.93 11.99 22.66
C TRP D 164 -19.93 13.03 23.18
N SER D 165 -20.17 13.02 24.49
CA SER D 165 -21.09 13.98 25.09
C SER D 165 -20.56 15.40 24.91
N ASP D 166 -19.26 15.61 25.14
CA ASP D 166 -18.70 16.95 24.95
C ASP D 166 -18.79 17.37 23.49
N LEU D 167 -18.65 16.39 22.59
CA LEU D 167 -18.64 16.65 21.15
C LEU D 167 -20.01 17.09 20.68
N VAL D 168 -21.06 16.48 21.21
CA VAL D 168 -22.40 16.75 20.72
C VAL D 168 -22.92 18.00 21.41
N ALA D 169 -22.65 18.13 22.71
CA ALA D 169 -23.12 19.27 23.47
C ALA D 169 -22.54 20.56 22.90
N PHE D 170 -21.25 20.53 22.58
CA PHE D 170 -20.55 21.73 22.14
C PHE D 170 -21.14 22.28 20.84
N ARG D 171 -21.46 21.41 19.89
CA ARG D 171 -21.87 21.78 18.54
C ARG D 171 -23.39 21.65 18.32
N TRP D 172 -24.18 21.56 19.40
CA TRP D 172 -25.65 21.64 19.30
C TRP D 172 -26.36 22.69 18.50
N GLY D 173 -26.82 22.28 17.31
CA GLY D 173 -27.59 23.13 16.43
C GLY D 173 -26.83 23.66 15.25
N LYS D 174 -25.54 23.30 15.11
CA LYS D 174 -24.72 23.78 14.01
C LYS D 174 -25.12 23.35 12.63
N PRO D 175 -25.86 24.19 11.90
CA PRO D 175 -26.32 23.75 10.59
C PRO D 175 -25.05 23.37 9.84
N GLY D 176 -24.83 22.09 9.64
CA GLY D 176 -23.58 21.66 9.06
C GLY D 176 -23.70 20.24 8.61
N GLU D 177 -22.56 19.68 8.25
CA GLU D 177 -22.56 18.36 7.66
C GLU D 177 -22.20 17.36 8.77
N ILE D 178 -22.62 16.11 8.63
CA ILE D 178 -22.33 15.15 9.69
C ILE D 178 -20.84 14.87 9.71
N PHE D 179 -20.17 15.05 8.57
CA PHE D 179 -18.74 14.79 8.46
C PHE D 179 -17.90 15.72 9.33
N GLU D 180 -18.35 16.95 9.57
CA GLU D 180 -17.64 17.94 10.39
C GLU D 180 -16.67 17.31 11.38
N LEU D 181 -17.10 16.24 12.06
CA LEU D 181 -16.25 15.55 13.02
C LEU D 181 -16.26 14.15 12.41
N GLY D 182 -17.08 13.23 12.87
CA GLY D 182 -16.88 11.88 12.43
C GLY D 182 -15.93 10.99 13.16
N LYS D 183 -14.84 11.45 13.73
CA LYS D 183 -14.07 10.29 14.13
C LYS D 183 -14.72 9.79 15.41
N LYS D 184 -15.08 10.73 16.27
CA LYS D 184 -15.75 10.44 17.53
C LYS D 184 -17.25 10.23 17.30
N TYR D 185 -17.83 11.12 16.46
CA TYR D 185 -19.25 11.06 16.11
C TYR D 185 -19.69 9.82 15.36
N LEU D 186 -18.89 9.32 14.43
CA LEU D 186 -19.33 8.10 13.74
C LEU D 186 -19.35 6.96 14.72
N GLU D 187 -18.40 6.95 15.67
CA GLU D 187 -18.39 5.95 16.72
C GLU D 187 -19.66 6.02 17.57
N LEU D 188 -20.10 7.25 17.92
CA LEU D 188 -21.33 7.41 18.71
C LEU D 188 -22.54 6.87 17.94
N ILE D 189 -22.64 7.19 16.65
CA ILE D 189 -23.75 6.70 15.84
C ILE D 189 -23.73 5.17 15.81
N GLY D 190 -22.55 4.59 15.57
CA GLY D 190 -22.48 3.14 15.56
C GLY D 190 -22.98 2.56 16.87
N TYR D 191 -22.64 3.18 17.98
CA TYR D 191 -23.11 2.67 19.28
C TYR D 191 -24.64 2.73 19.38
N VAL D 192 -25.22 3.88 19.04
CA VAL D 192 -26.67 3.98 19.19
C VAL D 192 -27.36 2.99 18.27
N LYS D 193 -26.89 2.86 17.03
CA LYS D 193 -27.52 1.90 16.12
C LYS D 193 -27.37 0.47 16.65
N ASP D 194 -26.20 0.11 17.21
CA ASP D 194 -26.01 -1.26 17.66
C ASP D 194 -26.86 -1.59 18.88
N HIS D 195 -27.42 -0.59 19.58
CA HIS D 195 -28.13 -0.85 20.83
C HIS D 195 -29.60 -0.43 20.87
N LEU D 196 -30.24 -0.11 19.74
CA LEU D 196 -31.66 0.30 19.71
C LEU D 196 -32.66 -0.80 20.08
N ASN D 197 -32.24 -2.03 20.32
CA ASN D 197 -33.21 -3.02 20.74
C ASN D 197 -33.16 -3.23 22.25
N SER D 198 -31.97 -3.35 22.80
CA SER D 198 -31.83 -3.63 24.22
C SER D 198 -32.62 -2.62 25.05
N GLY D 199 -32.85 -1.44 24.50
CA GLY D 199 -33.69 -0.43 25.09
C GLY D 199 -35.02 -0.71 25.80
N THR D 200 -35.25 0.15 26.78
CA THR D 200 -36.39 0.37 27.66
C THR D 200 -37.58 0.93 26.88
N GLU D 201 -38.75 0.87 27.51
CA GLU D 201 -40.01 1.25 26.90
C GLU D 201 -39.93 2.58 26.16
N VAL D 202 -39.28 3.59 26.71
CA VAL D 202 -39.27 4.87 26.02
C VAL D 202 -38.47 4.79 24.72
N VAL D 203 -37.30 4.15 24.75
CA VAL D 203 -36.50 4.04 23.53
C VAL D 203 -37.26 3.28 22.46
N SER D 204 -37.93 2.20 22.86
CA SER D 204 -38.72 1.40 21.93
C SER D 204 -39.86 2.23 21.35
N ARG D 205 -40.48 3.07 22.18
CA ARG D 205 -41.56 3.92 21.69
C ARG D 205 -41.03 4.86 20.61
N VAL D 206 -39.86 5.45 20.83
CA VAL D 206 -39.32 6.40 19.85
C VAL D 206 -38.91 5.71 18.55
N VAL D 207 -38.23 4.55 18.62
CA VAL D 207 -37.78 3.94 17.36
C VAL D 207 -38.96 3.50 16.51
N ASN D 208 -40.03 3.03 17.14
CA ASN D 208 -41.22 2.51 16.45
C ASN D 208 -42.19 3.67 16.28
N SER D 209 -41.76 4.62 15.45
CA SER D 209 -42.56 5.79 15.18
C SER D 209 -42.41 6.18 13.73
N ASN D 210 -43.15 7.21 13.35
CA ASN D 210 -43.15 7.72 12.00
C ASN D 210 -42.09 8.77 11.79
N LEU D 211 -41.19 8.93 12.74
CA LEU D 211 -40.09 9.88 12.60
C LEU D 211 -39.11 9.35 11.59
N SER D 212 -38.47 10.27 10.88
CA SER D 212 -37.37 9.86 10.03
C SER D 212 -36.25 9.25 10.87
N ASP D 213 -35.34 8.53 10.21
CA ASP D 213 -34.22 7.95 10.94
C ASP D 213 -33.39 9.03 11.62
N ILE D 214 -33.27 10.20 10.97
CA ILE D 214 -32.46 11.29 11.51
C ILE D 214 -33.13 11.85 12.77
N GLU D 215 -34.47 11.93 12.77
CA GLU D 215 -35.19 12.41 13.94
C GLU D 215 -35.05 11.42 15.08
N LYS D 216 -35.11 10.12 14.76
CA LYS D 216 -35.01 9.10 15.80
C LYS D 216 -33.66 9.22 16.51
N LEU D 217 -32.58 9.42 15.73
CA LEU D 217 -31.26 9.60 16.35
C LEU D 217 -31.24 10.87 17.18
N GLY D 218 -31.77 11.97 16.64
CA GLY D 218 -31.79 13.20 17.43
C GLY D 218 -32.51 13.05 18.77
N TYR D 219 -33.63 12.33 18.79
CA TYR D 219 -34.39 12.18 20.03
C TYR D 219 -33.62 11.34 21.04
N ILE D 220 -33.04 10.23 20.57
CA ILE D 220 -32.28 9.39 21.47
C ILE D 220 -31.06 10.15 21.98
N ILE D 221 -30.38 10.89 21.09
CA ILE D 221 -29.23 11.65 21.56
C ILE D 221 -29.64 12.69 22.56
N LEU D 222 -30.76 13.38 22.32
CA LEU D 222 -31.16 14.34 23.31
C LEU D 222 -31.30 13.71 24.68
N LEU D 223 -32.09 12.63 24.80
CA LEU D 223 -32.23 12.06 26.13
C LEU D 223 -30.93 11.50 26.72
N LEU D 224 -30.15 10.77 25.91
CA LEU D 224 -28.95 10.13 26.42
C LEU D 224 -27.81 11.08 26.79
N ILE D 225 -27.58 12.11 25.98
CA ILE D 225 -26.39 12.94 26.13
C ILE D 225 -26.65 14.36 26.65
N ALA D 226 -27.80 14.97 26.38
CA ALA D 226 -27.93 16.34 26.81
C ALA D 226 -27.86 16.64 28.30
N GLY D 227 -28.80 16.13 29.08
CA GLY D 227 -28.69 16.27 30.53
C GLY D 227 -27.42 15.90 31.27
N ASN D 228 -26.50 15.22 30.60
CA ASN D 228 -25.27 14.80 31.26
C ASN D 228 -24.40 15.97 31.72
N GLU D 229 -24.15 16.92 30.83
CA GLU D 229 -23.27 18.02 31.19
C GLU D 229 -23.97 18.92 32.20
N GLY D 230 -25.28 19.14 32.02
CA GLY D 230 -26.00 19.95 32.98
C GLY D 230 -25.98 19.38 34.39
N THR D 231 -26.23 18.07 34.53
CA THR D 231 -26.27 17.54 35.88
C THR D 231 -24.87 17.49 36.46
N THR D 232 -23.88 17.13 35.63
CA THR D 232 -22.50 17.18 36.10
C THR D 232 -22.18 18.57 36.65
N ASN D 233 -22.58 19.61 35.92
CA ASN D 233 -22.22 20.96 36.33
C ASN D 233 -23.00 21.40 37.55
N LEU D 234 -24.25 20.96 37.68
CA LEU D 234 -25.01 21.25 38.88
C LEU D 234 -24.31 20.69 40.12
N ILE D 235 -23.88 19.43 40.06
CA ILE D 235 -23.23 18.80 41.21
C ILE D 235 -21.94 19.51 41.56
N SER D 236 -21.11 19.76 40.54
CA SER D 236 -19.83 20.42 40.82
C SER D 236 -20.06 21.85 41.33
N ASN D 237 -20.97 22.62 40.69
CA ASN D 237 -21.27 23.98 41.16
C ASN D 237 -21.78 23.97 42.61
N SER D 238 -22.60 23.00 42.99
CA SER D 238 -23.09 22.93 44.37
C SER D 238 -21.95 22.75 45.34
N VAL D 239 -21.01 21.84 45.01
CA VAL D 239 -19.86 21.61 45.88
C VAL D 239 -19.07 22.91 46.05
N ILE D 240 -18.86 23.65 44.95
CA ILE D 240 -18.11 24.89 45.04
C ILE D 240 -18.85 25.86 45.94
N ASP D 241 -20.14 26.09 45.68
CA ASP D 241 -20.95 27.07 46.43
C ASP D 241 -21.07 26.70 47.91
N PHE D 242 -21.30 25.42 48.22
CA PHE D 242 -21.46 25.04 49.61
C PHE D 242 -20.14 25.23 50.33
N THR D 243 -19.03 25.04 49.62
CA THR D 243 -17.71 25.25 50.22
C THR D 243 -17.38 26.75 50.39
N ARG D 244 -17.63 27.54 49.35
CA ARG D 244 -17.29 28.97 49.32
C ARG D 244 -17.99 29.75 50.41
N PHE D 245 -19.21 29.37 50.72
CA PHE D 245 -20.04 30.07 51.67
C PHE D 245 -20.10 29.39 53.01
N ASN D 246 -19.29 28.37 53.22
CA ASN D 246 -19.21 27.68 54.50
C ASN D 246 -20.58 27.18 55.01
N LEU D 247 -21.21 26.34 54.20
CA LEU D 247 -22.58 25.94 54.43
C LEU D 247 -22.70 24.45 54.73
N TRP D 248 -21.59 23.70 54.64
CA TRP D 248 -21.69 22.25 54.75
C TRP D 248 -22.27 21.83 56.08
N GLN D 249 -21.77 22.44 57.16
CA GLN D 249 -22.25 22.09 58.48
C GLN D 249 -23.72 22.41 58.61
N ARG D 250 -24.08 23.62 58.21
CA ARG D 250 -25.46 24.02 58.32
C ARG D 250 -26.36 23.13 57.46
N ILE D 251 -25.95 22.88 56.21
CA ILE D 251 -26.79 22.04 55.35
C ILE D 251 -27.01 20.67 55.98
N ARG D 252 -26.01 20.10 56.66
CA ARG D 252 -26.25 18.78 57.24
C ARG D 252 -27.19 18.90 58.42
N GLU D 253 -26.89 19.82 59.32
CA GLU D 253 -27.63 19.89 60.58
C GLU D 253 -29.08 20.31 60.38
N GLU D 254 -29.37 21.08 59.35
CA GLU D 254 -30.72 21.58 59.15
C GLU D 254 -31.45 20.84 58.04
N ASN D 255 -30.82 19.82 57.46
CA ASN D 255 -31.46 19.04 56.41
C ASN D 255 -31.97 19.92 55.27
N LEU D 256 -31.08 20.76 54.77
CA LEU D 256 -31.42 21.76 53.77
C LEU D 256 -31.15 21.30 52.35
N TYR D 257 -31.00 20.00 52.11
CA TYR D 257 -30.51 19.54 50.81
C TYR D 257 -31.35 20.04 49.65
N LEU D 258 -32.68 19.90 49.72
CA LEU D 258 -33.45 20.31 48.55
C LEU D 258 -33.39 21.81 48.34
N LYS D 259 -33.59 22.58 49.42
CA LYS D 259 -33.58 24.03 49.28
C LYS D 259 -32.22 24.53 48.84
N ALA D 260 -31.15 23.98 49.41
CA ALA D 260 -29.81 24.42 49.04
C ALA D 260 -29.49 24.06 47.59
N ILE D 261 -29.93 22.89 47.11
CA ILE D 261 -29.69 22.54 45.72
C ILE D 261 -30.46 23.51 44.81
N GLU D 262 -31.70 23.87 45.20
CA GLU D 262 -32.44 24.88 44.42
C GLU D 262 -31.73 26.22 44.42
N GLU D 263 -31.15 26.61 45.55
CA GLU D 263 -30.42 27.87 45.59
C GLU D 263 -29.18 27.80 44.70
N ALA D 264 -28.51 26.65 44.64
CA ALA D 264 -27.41 26.47 43.69
C ALA D 264 -27.90 26.59 42.25
N LEU D 265 -29.06 26.02 41.95
CA LEU D 265 -29.62 26.19 40.61
C LEU D 265 -29.87 27.66 40.27
N ARG D 266 -30.28 28.47 41.25
CA ARG D 266 -30.51 29.89 40.96
C ARG D 266 -29.20 30.62 40.80
N TYR D 267 -28.34 30.45 41.80
CA TYR D 267 -27.13 31.24 41.93
C TYR D 267 -26.09 30.80 40.90
N SER D 268 -25.93 29.49 40.72
CA SER D 268 -24.96 28.98 39.75
C SER D 268 -25.65 28.09 38.72
N PRO D 269 -26.50 28.65 37.90
CA PRO D 269 -27.24 27.85 36.93
C PRO D 269 -26.29 27.20 35.94
N PRO D 270 -26.43 25.90 35.70
CA PRO D 270 -25.55 25.26 34.71
C PRO D 270 -25.69 25.81 33.32
N LEU D 271 -26.90 26.22 32.96
CA LEU D 271 -27.19 26.85 31.68
C LEU D 271 -27.50 28.33 31.89
N MET D 272 -26.68 29.19 31.29
CA MET D 272 -26.70 30.63 31.55
C MET D 272 -27.76 31.36 30.75
N ARG D 273 -28.01 30.92 29.51
CA ARG D 273 -28.94 31.62 28.62
C ARG D 273 -29.53 30.63 27.65
N THR D 274 -30.67 31.02 27.09
CA THR D 274 -31.26 30.28 25.95
C THR D 274 -31.76 31.29 24.92
N VAL D 275 -32.26 30.80 23.79
CA VAL D 275 -32.61 31.66 22.66
C VAL D 275 -33.99 31.36 22.11
N ARG D 276 -34.67 32.40 21.66
CA ARG D 276 -35.89 32.28 20.87
C ARG D 276 -35.74 33.10 19.58
N LYS D 277 -36.56 32.78 18.58
CA LYS D 277 -36.64 33.56 17.33
C LYS D 277 -38.05 34.14 17.22
N THR D 278 -38.16 35.45 16.96
CA THR D 278 -39.50 36.05 16.82
C THR D 278 -40.21 35.60 15.53
N LYS D 279 -41.51 35.33 15.64
CA LYS D 279 -42.30 34.92 14.49
C LYS D 279 -43.04 36.09 13.87
N GLU D 280 -43.15 37.18 14.60
CA GLU D 280 -43.81 38.39 14.15
C GLU D 280 -43.22 39.54 14.96
N ARG D 281 -43.50 40.75 14.52
CA ARG D 281 -43.16 41.95 15.26
C ARG D 281 -43.87 41.92 16.62
N VAL D 282 -43.10 42.10 17.72
CA VAL D 282 -43.64 42.02 19.07
C VAL D 282 -43.25 43.21 19.94
N LYS D 283 -44.11 43.55 20.90
CA LYS D 283 -43.76 44.47 21.97
C LYS D 283 -43.28 43.69 23.18
N LEU D 284 -42.09 44.03 23.66
CA LEU D 284 -41.52 43.50 24.90
C LEU D 284 -41.08 44.61 25.82
N GLY D 285 -41.84 44.87 26.87
CA GLY D 285 -41.54 46.07 27.64
C GLY D 285 -41.73 47.31 26.81
N ASP D 286 -40.70 48.13 26.81
CA ASP D 286 -40.75 49.38 26.07
C ASP D 286 -40.13 49.22 24.70
N GLN D 287 -39.82 48.01 24.31
CA GLN D 287 -39.15 47.76 23.05
C GLN D 287 -40.07 47.10 22.03
N THR D 288 -39.84 47.44 20.78
CA THR D 288 -40.44 46.77 19.63
C THR D 288 -39.36 45.94 18.93
N ILE D 289 -39.59 44.64 18.82
CA ILE D 289 -38.64 43.74 18.20
C ILE D 289 -39.23 43.30 16.87
N GLU D 290 -38.47 43.45 15.80
CA GLU D 290 -39.01 43.15 14.49
C GLU D 290 -39.09 41.64 14.30
N GLU D 291 -39.97 41.25 13.40
CA GLU D 291 -40.09 39.84 13.03
C GLU D 291 -38.73 39.30 12.58
N GLY D 292 -38.37 38.10 13.07
CA GLY D 292 -37.17 37.44 12.60
C GLY D 292 -35.90 37.67 13.37
N GLU D 293 -35.90 38.54 14.36
CA GLU D 293 -34.73 38.80 15.19
C GLU D 293 -34.56 37.69 16.24
N TYR D 294 -33.32 37.49 16.70
CA TYR D 294 -33.07 36.47 17.71
C TYR D 294 -33.08 37.16 19.07
N VAL D 295 -33.68 36.49 20.04
CA VAL D 295 -33.77 37.00 21.40
C VAL D 295 -33.04 36.03 22.31
N ARG D 296 -32.00 36.54 22.95
CA ARG D 296 -31.22 35.83 23.95
C ARG D 296 -31.81 36.17 25.30
N VAL D 297 -32.20 35.14 26.04
CA VAL D 297 -32.72 35.30 27.38
C VAL D 297 -31.66 34.87 28.36
N TRP D 298 -31.33 35.75 29.33
CA TRP D 298 -30.31 35.43 30.32
C TRP D 298 -30.90 34.86 31.61
N ILE D 299 -30.87 33.55 31.72
CA ILE D 299 -31.41 32.92 32.91
C ILE D 299 -30.57 33.33 34.12
N ALA D 300 -29.26 33.36 33.95
CA ALA D 300 -28.40 33.73 35.06
C ALA D 300 -28.70 35.13 35.59
N SER D 301 -28.96 36.10 34.69
CA SER D 301 -29.32 37.43 35.18
C SER D 301 -30.71 37.46 35.83
N ALA D 302 -31.71 36.88 35.19
CA ALA D 302 -33.06 36.89 35.75
C ALA D 302 -33.08 36.26 37.14
N ASN D 303 -32.25 35.24 37.36
CA ASN D 303 -32.29 34.53 38.62
C ASN D 303 -31.73 35.35 39.75
N ARG D 304 -31.24 36.55 39.47
CA ARG D 304 -30.67 37.40 40.49
C ARG D 304 -31.42 38.72 40.60
N ASP D 305 -32.54 38.86 39.89
CA ASP D 305 -33.37 40.07 39.81
C ASP D 305 -33.99 40.40 41.16
N GLU D 306 -33.77 41.64 41.67
CA GLU D 306 -34.24 41.93 43.04
C GLU D 306 -35.76 42.06 43.14
N GLU D 307 -36.46 42.23 42.03
CA GLU D 307 -37.91 42.28 42.08
C GLU D 307 -38.48 40.91 42.44
N VAL D 308 -37.76 39.83 42.22
CA VAL D 308 -38.28 38.50 42.47
C VAL D 308 -37.56 37.84 43.64
N PHE D 309 -36.24 38.02 43.74
CA PHE D 309 -35.47 37.38 44.80
C PHE D 309 -35.01 38.53 45.67
N HIS D 310 -35.60 38.70 46.85
CA HIS D 310 -35.07 39.70 47.78
C HIS D 310 -33.66 39.33 48.23
N ASP D 311 -32.77 40.30 48.20
CA ASP D 311 -31.35 40.07 48.52
C ASP D 311 -30.80 39.00 47.58
N GLY D 312 -31.12 39.17 46.30
CA GLY D 312 -30.83 38.23 45.24
C GLY D 312 -29.36 37.94 44.99
N GLU D 313 -28.46 38.76 45.52
CA GLU D 313 -27.04 38.55 45.27
C GLU D 313 -26.38 37.71 46.34
N LYS D 314 -27.11 37.42 47.42
CA LYS D 314 -26.59 36.60 48.50
C LYS D 314 -27.04 35.17 48.23
N PHE D 315 -26.20 34.22 48.63
CA PHE D 315 -26.57 32.80 48.62
C PHE D 315 -27.26 32.49 49.94
N ILE D 316 -28.55 32.20 49.88
CA ILE D 316 -29.38 31.89 51.03
C ILE D 316 -29.81 30.43 50.94
N PRO D 317 -29.21 29.54 51.74
CA PRO D 317 -29.38 28.10 51.51
C PRO D 317 -30.80 27.65 51.74
N ASP D 318 -31.57 28.40 52.51
CA ASP D 318 -32.95 28.08 52.82
C ASP D 318 -33.95 29.03 52.18
N ARG D 319 -33.53 29.73 51.13
CA ARG D 319 -34.38 30.63 50.39
C ARG D 319 -35.70 29.95 50.03
N ASN D 320 -36.81 30.60 50.33
CA ASN D 320 -38.08 29.98 49.96
C ASN D 320 -39.14 31.09 49.89
N PRO D 321 -39.89 31.26 48.79
CA PRO D 321 -39.90 30.52 47.54
C PRO D 321 -38.69 30.81 46.73
N ASN D 322 -38.40 29.94 45.78
CA ASN D 322 -37.24 30.06 44.92
C ASN D 322 -37.60 29.76 43.49
N PRO D 323 -38.35 30.67 42.82
CA PRO D 323 -38.87 30.41 41.46
C PRO D 323 -37.86 30.69 40.36
N HIS D 324 -36.67 30.11 40.50
CA HIS D 324 -35.66 30.33 39.48
C HIS D 324 -36.10 29.73 38.15
N LEU D 325 -35.39 30.14 37.11
CA LEU D 325 -35.71 29.78 35.74
C LEU D 325 -34.64 28.90 35.14
N SER D 326 -33.86 28.24 36.01
CA SER D 326 -32.70 27.50 35.55
C SER D 326 -33.10 26.32 34.67
N PHE D 327 -34.34 25.82 34.82
CA PHE D 327 -34.93 24.77 34.00
C PHE D 327 -35.87 25.31 32.95
N GLY D 328 -35.88 26.62 32.76
CA GLY D 328 -36.84 27.23 31.88
C GLY D 328 -38.20 27.51 32.49
N SER D 329 -39.11 27.85 31.58
CA SER D 329 -40.49 28.16 31.86
C SER D 329 -41.31 27.82 30.63
N GLY D 330 -42.59 27.54 30.85
CA GLY D 330 -43.52 27.26 29.77
C GLY D 330 -43.52 25.85 29.18
N ILE D 331 -43.83 25.77 27.89
CA ILE D 331 -44.08 24.47 27.29
C ILE D 331 -42.80 23.65 27.15
N HIS D 332 -41.64 24.31 27.19
CA HIS D 332 -40.36 23.64 27.03
C HIS D 332 -39.64 23.47 28.34
N LEU D 333 -40.36 23.61 29.45
CA LEU D 333 -39.82 23.37 30.76
C LEU D 333 -39.12 22.01 30.85
N GLY D 334 -37.87 22.04 31.28
CA GLY D 334 -37.02 20.87 31.35
C GLY D 334 -37.72 19.57 31.69
N LEU D 335 -37.73 18.67 30.71
CA LEU D 335 -38.29 17.33 30.92
C LEU D 335 -37.53 16.57 32.00
N GLY D 336 -36.22 16.77 32.10
CA GLY D 336 -35.40 15.98 33.00
C GLY D 336 -35.17 16.59 34.36
N ALA D 337 -35.86 17.70 34.65
CA ALA D 337 -35.62 18.44 35.87
C ALA D 337 -35.76 17.58 37.11
N PRO D 338 -36.79 16.72 37.24
CA PRO D 338 -36.89 15.92 38.45
C PRO D 338 -35.70 15.00 38.63
N LEU D 339 -35.28 14.35 37.53
CA LEU D 339 -34.11 13.48 37.59
C LEU D 339 -32.85 14.24 37.97
N ALA D 340 -32.60 15.39 37.32
CA ALA D 340 -31.42 16.18 37.67
C ALA D 340 -31.43 16.57 39.14
N ARG D 341 -32.58 17.01 39.64
CA ARG D 341 -32.64 17.38 41.04
C ARG D 341 -32.38 16.20 41.94
N LEU D 342 -32.97 15.06 41.62
CA LEU D 342 -32.79 13.88 42.45
C LEU D 342 -31.33 13.45 42.48
N GLU D 343 -30.68 13.34 41.31
CA GLU D 343 -29.28 12.93 41.28
C GLU D 343 -28.43 13.90 42.09
N ALA D 344 -28.61 15.20 41.87
CA ALA D 344 -27.78 16.13 42.62
C ALA D 344 -28.02 16.02 44.12
N ARG D 345 -29.29 15.90 44.54
CA ARG D 345 -29.60 15.80 45.96
C ARG D 345 -28.91 14.56 46.55
N ILE D 346 -29.03 13.40 45.89
CA ILE D 346 -28.43 12.18 46.45
C ILE D 346 -26.91 12.31 46.48
N ALA D 347 -26.31 12.84 45.41
CA ALA D 347 -24.85 13.04 45.37
C ALA D 347 -24.37 13.95 46.50
N ILE D 348 -25.06 15.05 46.73
CA ILE D 348 -24.59 15.99 47.73
C ILE D 348 -24.82 15.40 49.11
N GLU D 349 -25.97 14.73 49.33
CA GLU D 349 -26.26 14.05 50.60
C GLU D 349 -25.17 13.04 50.96
N GLU D 350 -24.87 12.13 50.03
CA GLU D 350 -23.91 11.07 50.32
C GLU D 350 -22.50 11.64 50.55
N PHE D 351 -22.12 12.62 49.72
CA PHE D 351 -20.83 13.29 49.87
C PHE D 351 -20.72 13.96 51.24
N SER D 352 -21.75 14.67 51.68
CA SER D 352 -21.67 15.38 52.97
C SER D 352 -21.56 14.40 54.11
N LYS D 353 -22.20 13.24 53.97
CA LYS D 353 -22.12 12.20 55.01
C LYS D 353 -20.71 11.65 55.10
N ARG D 354 -19.99 11.61 53.99
CA ARG D 354 -18.70 10.94 54.02
C ARG D 354 -17.52 11.82 54.49
N PHE D 355 -17.43 13.08 54.09
CA PHE D 355 -16.27 13.95 54.33
C PHE D 355 -16.67 15.19 55.12
N ARG D 356 -16.03 15.42 56.27
CA ARG D 356 -16.44 16.51 57.16
C ARG D 356 -15.71 17.83 56.93
N HIS D 357 -14.47 17.82 56.48
CA HIS D 357 -13.73 19.06 56.20
C HIS D 357 -13.41 19.06 54.72
N ILE D 358 -13.77 20.13 54.01
CA ILE D 358 -13.52 20.20 52.58
C ILE D 358 -12.67 21.43 52.32
N GLU D 359 -11.50 21.22 51.73
CA GLU D 359 -10.58 22.27 51.32
C GLU D 359 -10.41 22.24 49.79
N ILE D 360 -10.71 23.34 49.12
CA ILE D 360 -10.53 23.42 47.66
C ILE D 360 -9.09 23.79 47.27
N LEU D 361 -8.43 22.91 46.53
CA LEU D 361 -7.04 23.07 46.13
C LEU D 361 -6.89 23.66 44.75
N ASP D 362 -7.66 23.19 43.77
CA ASP D 362 -7.49 23.68 42.41
C ASP D 362 -8.80 23.58 41.63
N THR D 363 -9.06 24.59 40.79
CA THR D 363 -10.22 24.60 39.89
C THR D 363 -9.80 25.03 38.49
N GLU D 364 -10.43 24.44 37.47
CA GLU D 364 -10.34 24.88 36.07
C GLU D 364 -11.76 24.99 35.53
N LYS D 365 -12.17 26.16 34.99
CA LYS D 365 -13.56 26.29 34.53
C LYS D 365 -13.84 25.68 33.17
N VAL D 366 -15.11 25.30 32.98
CA VAL D 366 -15.61 24.91 31.66
C VAL D 366 -15.56 26.20 30.87
N PRO D 367 -14.82 26.20 29.79
CA PRO D 367 -14.61 27.43 29.02
C PRO D 367 -15.78 27.79 28.14
N ASN D 368 -16.70 28.66 28.55
CA ASN D 368 -17.77 29.00 27.62
C ASN D 368 -18.82 29.92 28.27
N GLU D 369 -19.40 30.85 27.50
CA GLU D 369 -20.32 31.79 28.13
C GLU D 369 -21.73 31.23 28.31
N VAL D 370 -22.05 30.09 27.70
CA VAL D 370 -23.38 29.51 27.75
C VAL D 370 -23.49 28.46 28.86
N LEU D 371 -22.47 27.62 29.04
CA LEU D 371 -22.50 26.58 30.05
C LEU D 371 -21.64 27.06 31.22
N ASN D 372 -22.09 26.75 32.41
CA ASN D 372 -21.41 27.15 33.63
C ASN D 372 -21.04 25.98 34.54
N GLY D 373 -19.77 25.62 34.57
CA GLY D 373 -19.35 24.53 35.43
C GLY D 373 -17.85 24.36 35.47
N TYR D 374 -17.42 23.17 35.89
CA TYR D 374 -16.00 22.94 36.09
C TYR D 374 -15.52 21.69 35.38
N LYS D 375 -14.40 21.86 34.67
CA LYS D 375 -13.65 20.77 34.09
C LYS D 375 -12.88 19.98 35.15
N ARG D 376 -12.37 20.67 36.16
CA ARG D 376 -11.57 20.09 37.22
C ARG D 376 -11.91 20.80 38.50
N LEU D 377 -12.16 20.05 39.55
CA LEU D 377 -12.38 20.58 40.89
C LEU D 377 -11.61 19.69 41.85
N VAL D 378 -10.39 20.10 42.16
CA VAL D 378 -9.50 19.31 43.02
C VAL D 378 -9.64 19.71 44.48
N VAL D 379 -9.87 18.71 45.34
CA VAL D 379 -10.15 18.94 46.74
C VAL D 379 -9.34 18.04 47.66
N ARG D 380 -9.12 18.53 48.86
CA ARG D 380 -8.70 17.80 50.05
C ARG D 380 -9.86 17.63 51.02
N LEU D 381 -10.00 16.42 51.53
CA LEU D 381 -11.06 15.84 52.35
C LEU D 381 -10.46 15.32 53.66
N LYS D 382 -11.22 15.36 54.74
CA LYS D 382 -10.75 14.69 55.95
C LYS D 382 -11.69 13.52 56.25
N SER D 383 -11.17 12.56 57.02
CA SER D 383 -11.99 11.46 57.50
C SER D 383 -12.92 11.82 58.67
N ASN D 384 -14.02 11.08 58.75
CA ASN D 384 -14.94 10.94 59.89
C ASN D 384 -16.22 11.73 59.63
N HIS E 6 -26.01 56.04 11.08
CA HIS E 6 -24.71 56.18 10.43
C HIS E 6 -24.12 54.84 9.95
N HIS E 7 -24.21 53.77 10.75
CA HIS E 7 -23.67 52.50 10.28
C HIS E 7 -24.58 51.29 10.37
N HIS E 8 -25.16 50.95 11.53
CA HIS E 8 -25.96 49.73 11.63
C HIS E 8 -25.21 48.41 11.29
N HIS E 9 -25.48 47.32 12.02
CA HIS E 9 -24.82 46.03 11.87
C HIS E 9 -25.84 45.01 11.39
N HIS E 10 -25.41 44.11 10.50
CA HIS E 10 -25.94 42.76 10.38
C HIS E 10 -24.89 41.86 11.03
N GLU E 11 -24.82 40.59 10.64
CA GLU E 11 -23.68 39.74 10.98
C GLU E 11 -24.07 38.29 11.20
N ASN E 12 -23.13 37.38 10.94
CA ASN E 12 -23.40 35.96 11.03
C ASN E 12 -23.61 35.52 12.48
N LEU E 13 -24.79 34.97 12.78
CA LEU E 13 -25.13 34.50 14.12
C LEU E 13 -25.22 32.98 14.15
N TYR E 14 -25.27 32.46 15.38
CA TYR E 14 -24.90 31.07 15.63
C TYR E 14 -25.72 30.08 14.81
N PHE E 15 -27.03 30.30 14.70
CA PHE E 15 -27.95 29.35 14.10
C PHE E 15 -28.08 29.52 12.58
N GLN E 16 -27.14 30.18 11.92
CA GLN E 16 -27.40 30.66 10.57
C GLN E 16 -26.53 29.99 9.51
N SER E 17 -25.21 29.92 9.68
CA SER E 17 -24.31 29.35 8.66
C SER E 17 -23.90 30.35 7.59
N ASN E 18 -22.62 30.33 7.18
CA ASN E 18 -22.14 31.44 6.37
C ASN E 18 -23.00 31.63 5.14
N TYR E 19 -23.45 30.53 4.53
CA TYR E 19 -24.20 30.70 3.29
C TYR E 19 -25.61 31.22 3.54
N ASP E 20 -26.23 30.83 4.65
CA ASP E 20 -27.51 31.43 5.00
C ASP E 20 -27.36 32.93 5.25
N TRP E 21 -26.29 33.32 5.94
CA TRP E 21 -26.06 34.74 6.13
C TRP E 21 -25.86 35.44 4.79
N PHE E 22 -25.06 34.85 3.90
CA PHE E 22 -24.84 35.41 2.56
C PHE E 22 -26.16 35.60 1.84
N SER E 23 -27.04 34.60 1.93
CA SER E 23 -28.31 34.73 1.26
C SER E 23 -29.07 35.95 1.80
N GLU E 24 -29.09 36.12 3.14
CA GLU E 24 -29.81 37.30 3.64
C GLU E 24 -29.15 38.56 3.17
N MET E 25 -27.83 38.59 3.17
CA MET E 25 -27.24 39.86 2.84
C MET E 25 -27.50 40.19 1.37
N ARG E 26 -27.44 39.17 0.51
CA ARG E 26 -27.76 39.41 -0.88
C ARG E 26 -29.18 39.90 -1.03
N LYS E 27 -30.09 39.46 -0.16
CA LYS E 27 -31.46 39.87 -0.42
C LYS E 27 -31.77 41.24 0.16
N LYS E 28 -31.28 41.48 1.38
CA LYS E 28 -31.59 42.59 2.27
C LYS E 28 -30.56 43.74 2.20
N ASP E 29 -29.25 43.45 2.22
CA ASP E 29 -28.22 44.49 2.34
C ASP E 29 -26.93 44.10 1.58
N PRO E 30 -26.94 44.15 0.24
CA PRO E 30 -25.79 43.65 -0.55
C PRO E 30 -24.48 44.45 -0.51
N VAL E 31 -24.56 45.73 -0.20
CA VAL E 31 -23.40 46.58 0.03
C VAL E 31 -23.60 47.16 1.39
N TYR E 32 -22.74 46.75 2.32
CA TYR E 32 -22.96 46.95 3.73
C TYR E 32 -21.77 47.57 4.43
N TYR E 33 -22.03 48.61 5.22
CA TYR E 33 -21.03 49.22 6.07
C TYR E 33 -21.25 48.68 7.46
N ASP E 34 -20.22 48.08 8.06
CA ASP E 34 -20.41 47.46 9.36
C ASP E 34 -19.87 48.35 10.46
N GLY E 35 -19.53 49.59 10.13
CA GLY E 35 -18.98 50.55 11.05
C GLY E 35 -17.47 50.68 10.91
N ASN E 36 -16.85 49.71 10.24
CA ASN E 36 -15.40 49.63 10.10
C ASN E 36 -15.00 49.43 8.61
N ILE E 37 -15.63 48.48 7.92
CA ILE E 37 -15.27 48.17 6.54
C ILE E 37 -16.52 47.90 5.73
N TRP E 38 -16.48 48.25 4.45
CA TRP E 38 -17.54 47.87 3.53
C TRP E 38 -17.47 46.40 3.08
N GLN E 39 -18.61 45.70 3.08
CA GLN E 39 -18.73 44.31 2.65
C GLN E 39 -19.66 44.22 1.43
N VAL E 40 -19.25 43.49 0.40
CA VAL E 40 -20.01 43.34 -0.83
C VAL E 40 -20.36 41.87 -1.06
N PHE E 41 -21.64 41.59 -1.30
CA PHE E 41 -22.16 40.23 -1.33
C PHE E 41 -22.77 39.80 -2.66
N SER E 42 -23.23 40.75 -3.50
CA SER E 42 -23.91 40.40 -4.75
C SER E 42 -22.88 40.18 -5.87
N TYR E 43 -23.25 39.34 -6.84
CA TYR E 43 -22.38 39.12 -7.99
C TYR E 43 -22.09 40.41 -8.74
N ARG E 44 -23.16 41.18 -9.03
CA ARG E 44 -23.05 42.40 -9.82
C ARG E 44 -22.03 43.37 -9.25
N TYR E 45 -22.16 43.69 -7.97
CA TYR E 45 -21.29 44.68 -7.36
C TYR E 45 -19.90 44.12 -7.08
N THR E 46 -19.80 42.83 -6.74
CA THR E 46 -18.49 42.19 -6.58
C THR E 46 -17.66 42.27 -7.85
N LYS E 47 -18.22 41.84 -8.97
CA LYS E 47 -17.52 41.91 -10.24
C LYS E 47 -17.18 43.37 -10.55
N GLU E 48 -18.12 44.27 -10.29
CA GLU E 48 -17.83 45.68 -10.54
C GLU E 48 -16.59 46.14 -9.76
N VAL E 49 -16.51 45.82 -8.47
CA VAL E 49 -15.36 46.28 -7.67
C VAL E 49 -14.07 45.67 -8.20
N LEU E 50 -14.11 44.38 -8.57
CA LEU E 50 -12.87 43.72 -8.97
C LEU E 50 -12.37 44.25 -10.30
N ASN E 51 -13.28 44.75 -11.12
CA ASN E 51 -12.94 45.15 -12.47
C ASN E 51 -12.49 46.59 -12.56
N ASN E 52 -12.74 47.38 -11.52
CA ASN E 52 -12.52 48.82 -11.52
C ASN E 52 -11.28 49.11 -10.70
N PHE E 53 -10.12 48.82 -11.29
CA PHE E 53 -8.90 48.98 -10.51
C PHE E 53 -8.56 50.44 -10.30
N SER E 54 -9.07 51.34 -11.15
CA SER E 54 -8.81 52.76 -10.97
C SER E 54 -9.48 53.33 -9.72
N LYS E 55 -10.58 52.73 -9.25
CA LYS E 55 -11.33 53.21 -8.09
C LYS E 55 -11.16 52.32 -6.87
N PHE E 56 -10.98 51.00 -7.06
CA PHE E 56 -10.80 50.06 -5.97
C PHE E 56 -9.41 49.49 -6.19
N SER E 57 -8.51 49.82 -5.28
CA SER E 57 -7.09 49.58 -5.48
C SER E 57 -6.68 48.29 -4.81
N SER E 58 -5.71 47.62 -5.43
CA SER E 58 -5.10 46.48 -4.79
C SER E 58 -3.83 46.86 -4.03
N ASP E 59 -3.37 48.13 -4.13
CA ASP E 59 -2.18 48.48 -3.36
C ASP E 59 -2.53 48.63 -1.89
N LEU E 60 -2.43 47.54 -1.15
CA LEU E 60 -2.83 47.49 0.25
C LEU E 60 -1.65 47.33 1.18
N THR E 61 -0.44 47.30 0.63
CA THR E 61 0.78 46.98 1.36
C THR E 61 1.78 48.11 1.32
N GLY E 62 1.46 49.19 0.62
CA GLY E 62 2.37 50.29 0.47
C GLY E 62 3.43 50.01 -0.55
N TYR E 63 3.22 48.99 -1.38
CA TYR E 63 4.22 48.66 -2.38
C TYR E 63 4.56 49.91 -3.16
N HIS E 64 3.52 50.67 -3.58
CA HIS E 64 3.80 51.83 -4.43
C HIS E 64 4.49 52.92 -3.63
N GLU E 65 4.05 53.12 -2.39
CA GLU E 65 4.63 54.16 -1.54
C GLU E 65 6.07 53.87 -1.21
N ARG E 66 6.48 52.61 -1.28
CA ARG E 66 7.79 52.15 -0.85
C ARG E 66 8.66 51.79 -2.04
N LEU E 67 8.12 51.85 -3.26
CA LEU E 67 8.81 51.33 -4.43
C LEU E 67 10.20 51.95 -4.57
N GLU E 68 10.27 53.28 -4.49
CA GLU E 68 11.55 53.97 -4.67
C GLU E 68 12.55 53.53 -3.59
N ASP E 69 12.13 53.54 -2.32
CA ASP E 69 12.96 53.12 -1.19
C ASP E 69 13.32 51.64 -1.29
N LEU E 70 12.88 51.01 -2.38
CA LEU E 70 13.11 49.60 -2.70
C LEU E 70 14.00 49.40 -3.91
N ARG E 71 13.81 50.18 -4.99
CA ARG E 71 14.53 49.91 -6.22
C ARG E 71 15.90 50.53 -6.17
N ASN E 72 16.10 51.52 -5.32
CA ASN E 72 17.39 52.13 -5.10
C ASN E 72 18.10 51.47 -3.91
N GLY E 73 17.45 50.51 -3.26
CA GLY E 73 18.07 49.74 -2.21
C GLY E 73 17.96 50.49 -0.90
N LYS E 74 17.30 49.96 0.14
CA LYS E 74 17.28 50.73 1.38
C LYS E 74 16.51 50.04 2.51
N ILE E 75 15.45 49.29 2.20
CA ILE E 75 14.76 48.45 3.20
C ILE E 75 15.31 47.04 3.12
N ARG E 76 15.45 46.40 4.28
CA ARG E 76 16.09 45.10 4.45
C ARG E 76 15.35 44.06 5.28
N PHE E 77 14.47 44.46 6.20
CA PHE E 77 13.75 43.47 7.01
C PHE E 77 12.27 43.80 6.98
N ASP E 78 11.77 43.74 5.76
CA ASP E 78 10.35 43.87 5.50
C ASP E 78 9.98 42.48 4.99
N ILE E 79 8.71 42.16 5.03
CA ILE E 79 8.15 40.89 4.57
C ILE E 79 7.94 40.86 3.07
N PRO E 80 8.68 40.03 2.34
CA PRO E 80 8.62 40.04 0.86
C PRO E 80 7.21 39.89 0.30
N THR E 81 6.31 39.15 0.96
CA THR E 81 5.03 38.90 0.30
C THR E 81 4.17 40.16 0.23
N ARG E 82 4.63 41.26 0.81
CA ARG E 82 3.95 42.54 0.66
C ARG E 82 4.18 43.16 -0.71
N TYR E 83 5.24 42.76 -1.43
CA TYR E 83 5.66 43.45 -2.65
C TYR E 83 5.59 42.51 -3.86
N THR E 84 4.37 42.15 -4.27
CA THR E 84 4.17 41.27 -5.43
C THR E 84 3.17 41.90 -6.38
N MET E 85 2.94 41.24 -7.51
CA MET E 85 1.97 41.76 -8.47
C MET E 85 0.55 41.75 -7.95
N LEU E 86 0.28 40.97 -6.91
CA LEU E 86 -1.06 40.82 -6.38
C LEU E 86 -1.51 42.03 -5.62
N THR E 87 -0.58 42.80 -5.08
CA THR E 87 -0.81 43.97 -4.21
C THR E 87 -0.41 45.27 -4.89
N SER E 88 -0.46 45.29 -6.22
CA SER E 88 -0.05 46.44 -7.02
C SER E 88 -1.14 46.81 -8.02
N ASP E 89 -1.07 48.04 -8.53
CA ASP E 89 -1.94 48.56 -9.58
C ASP E 89 -1.15 48.96 -10.81
N PRO E 90 -1.80 49.05 -11.97
CA PRO E 90 -1.11 49.53 -13.16
C PRO E 90 -0.52 50.91 -12.93
N PRO E 91 0.60 51.22 -13.57
CA PRO E 91 1.26 50.41 -14.61
C PRO E 91 2.18 49.34 -14.03
N LEU E 92 2.51 49.43 -12.74
CA LEU E 92 3.41 48.46 -12.10
C LEU E 92 2.91 47.02 -12.21
N HIS E 93 1.61 46.80 -11.98
CA HIS E 93 1.07 45.45 -12.12
C HIS E 93 1.38 44.86 -13.49
N ASP E 94 1.11 45.60 -14.57
CA ASP E 94 1.35 45.02 -15.88
C ASP E 94 2.83 44.72 -16.08
N GLU E 95 3.73 45.60 -15.62
CA GLU E 95 5.16 45.34 -15.73
C GLU E 95 5.54 44.03 -15.05
N LEU E 96 5.07 43.82 -13.82
CA LEU E 96 5.46 42.59 -13.13
C LEU E 96 4.83 41.37 -13.80
N ARG E 97 3.54 41.42 -14.06
CA ARG E 97 2.82 40.29 -14.64
C ARG E 97 3.33 39.91 -16.02
N SER E 98 3.75 40.88 -16.84
CA SER E 98 4.12 40.51 -18.21
C SER E 98 5.33 39.60 -18.24
N MET E 99 6.04 39.49 -17.13
CA MET E 99 7.23 38.66 -17.03
C MET E 99 6.87 37.19 -17.08
N SER E 100 5.63 36.83 -16.72
CA SER E 100 5.24 35.45 -16.55
C SER E 100 3.89 35.07 -17.19
N ALA E 101 3.20 36.01 -17.86
CA ALA E 101 1.85 35.74 -18.37
C ALA E 101 1.85 34.47 -19.22
N ASP E 102 2.90 34.28 -20.00
CA ASP E 102 3.09 33.21 -20.98
C ASP E 102 3.34 31.84 -20.33
N ILE E 103 3.68 31.78 -19.03
CA ILE E 103 4.02 30.50 -18.42
C ILE E 103 2.92 29.45 -18.37
N PHE E 104 1.66 29.81 -18.30
CA PHE E 104 0.73 28.70 -18.17
C PHE E 104 -0.01 28.41 -19.48
N SER E 105 0.49 28.95 -20.59
CA SER E 105 -0.01 28.74 -21.94
C SER E 105 -0.56 27.35 -22.17
N PRO E 106 -1.55 27.22 -23.05
CA PRO E 106 -2.11 25.88 -23.32
C PRO E 106 -1.07 24.84 -23.67
N GLN E 107 -0.09 25.23 -24.47
CA GLN E 107 0.93 24.30 -24.93
C GLN E 107 1.79 23.72 -23.80
N LYS E 108 2.26 24.57 -22.86
CA LYS E 108 3.12 23.99 -21.82
C LYS E 108 2.32 23.06 -20.94
N LEU E 109 1.06 23.38 -20.67
CA LEU E 109 0.37 22.48 -19.78
C LEU E 109 -0.01 21.21 -20.53
N GLN E 110 -0.21 21.32 -21.85
CA GLN E 110 -0.50 20.10 -22.58
C GLN E 110 0.72 19.20 -22.51
N THR E 111 1.92 19.79 -22.48
CA THR E 111 3.12 18.96 -22.39
C THR E 111 3.29 18.38 -20.99
N LEU E 112 2.56 18.93 -20.02
CA LEU E 112 2.71 18.45 -18.66
C LEU E 112 1.63 17.47 -18.30
N GLU E 113 0.68 17.25 -19.20
CA GLU E 113 -0.43 16.40 -18.80
C GLU E 113 0.08 15.03 -18.39
N THR E 114 0.92 14.40 -19.22
CA THR E 114 1.42 13.07 -18.89
C THR E 114 2.13 13.06 -17.55
N PHE E 115 2.97 14.07 -17.30
CA PHE E 115 3.67 14.11 -16.02
C PHE E 115 2.69 14.19 -14.86
N ILE E 116 1.72 15.09 -14.96
CA ILE E 116 0.77 15.25 -13.87
C ILE E 116 -0.02 13.97 -13.66
N ARG E 117 -0.42 13.33 -14.75
CA ARG E 117 -1.21 12.12 -14.63
C ARG E 117 -0.41 11.01 -13.95
N GLU E 118 0.83 10.81 -14.41
CA GLU E 118 1.69 9.78 -13.85
C GLU E 118 1.97 10.05 -12.38
N THR E 119 2.22 11.30 -12.05
CA THR E 119 2.44 11.66 -10.66
C THR E 119 1.21 11.33 -9.82
N THR E 120 0.02 11.69 -10.33
CA THR E 120 -1.22 11.42 -9.62
C THR E 120 -1.40 9.94 -9.35
N ARG E 121 -1.15 9.11 -10.36
CA ARG E 121 -1.30 7.66 -10.21
C ARG E 121 -0.33 7.11 -9.19
N SER E 122 0.92 7.58 -9.29
CA SER E 122 1.95 7.16 -8.35
C SER E 122 1.55 7.51 -6.92
N LEU E 123 1.04 8.72 -6.68
CA LEU E 123 0.60 9.12 -5.34
C LEU E 123 -0.57 8.27 -4.85
N LEU E 124 -1.48 7.91 -5.76
CA LEU E 124 -2.64 7.10 -5.40
C LEU E 124 -2.23 5.70 -4.98
N ASP E 125 -1.12 5.21 -5.52
CA ASP E 125 -0.67 3.86 -5.16
C ASP E 125 -0.34 3.71 -3.67
N SER E 126 -0.07 4.80 -2.97
CA SER E 126 0.38 4.73 -1.60
C SER E 126 -0.77 4.75 -0.61
N ILE E 127 -2.01 4.83 -1.09
CA ILE E 127 -3.17 4.96 -0.21
C ILE E 127 -3.61 3.61 0.34
N ASP E 128 -3.80 3.54 1.65
CA ASP E 128 -4.43 2.37 2.24
C ASP E 128 -5.94 2.50 2.09
N PRO E 129 -6.58 1.63 1.32
CA PRO E 129 -8.01 1.80 1.03
C PRO E 129 -8.89 1.60 2.24
N ARG E 130 -8.36 0.96 3.27
CA ARG E 130 -9.14 0.73 4.47
C ARG E 130 -9.39 2.06 5.18
N GLU E 131 -8.41 2.93 5.17
CA GLU E 131 -8.51 4.21 5.85
C GLU E 131 -7.32 5.09 5.55
N ASP E 132 -7.53 6.24 4.91
CA ASP E 132 -6.37 7.09 4.72
C ASP E 132 -6.83 8.53 4.51
N ASP E 133 -5.86 9.44 4.58
CA ASP E 133 -6.09 10.88 4.49
C ASP E 133 -5.76 11.34 3.09
N ILE E 134 -6.78 11.77 2.34
CA ILE E 134 -6.59 12.11 0.93
C ILE E 134 -5.79 13.40 0.85
N VAL E 135 -6.02 14.31 1.79
CA VAL E 135 -5.30 15.59 1.84
C VAL E 135 -3.80 15.32 1.93
N LYS E 136 -3.42 14.40 2.82
CA LYS E 136 -2.01 14.09 3.05
C LYS E 136 -1.39 13.33 1.88
N LYS E 137 -2.14 12.40 1.28
CA LYS E 137 -1.56 11.46 0.35
C LYS E 137 -1.66 11.93 -1.10
N LEU E 138 -2.56 12.87 -1.38
CA LEU E 138 -2.84 13.27 -2.75
C LEU E 138 -2.94 14.78 -2.87
N ALA E 139 -3.84 15.40 -2.09
CA ALA E 139 -4.19 16.81 -2.31
C ALA E 139 -3.02 17.73 -2.02
N VAL E 140 -2.19 17.40 -1.03
CA VAL E 140 -1.08 18.26 -0.65
C VAL E 140 0.14 18.03 -1.54
N PRO E 141 0.57 16.79 -1.78
CA PRO E 141 1.85 16.60 -2.51
C PRO E 141 1.78 16.93 -4.00
N LEU E 142 0.62 16.75 -4.65
CA LEU E 142 0.54 16.89 -6.10
C LEU E 142 0.91 18.30 -6.55
N PRO E 143 0.29 19.36 -6.01
CA PRO E 143 0.66 20.70 -6.51
C PRO E 143 2.10 21.04 -6.23
N ILE E 144 2.67 20.50 -5.12
CA ILE E 144 4.06 20.78 -4.78
C ILE E 144 4.99 20.15 -5.81
N ILE E 145 4.71 18.91 -6.19
CA ILE E 145 5.54 18.23 -7.16
C ILE E 145 5.45 18.90 -8.53
N VAL E 146 4.22 19.25 -8.94
CA VAL E 146 4.05 19.85 -10.27
C VAL E 146 4.69 21.24 -10.34
N ILE E 147 4.46 22.08 -9.33
CA ILE E 147 5.04 23.43 -9.41
C ILE E 147 6.55 23.33 -9.30
N SER E 148 7.08 22.39 -8.51
CA SER E 148 8.52 22.18 -8.46
C SER E 148 9.07 21.84 -9.85
N LYS E 149 8.38 20.98 -10.59
CA LYS E 149 8.81 20.69 -11.95
C LYS E 149 8.72 21.92 -12.84
N ILE E 150 7.63 22.67 -12.74
CA ILE E 150 7.45 23.84 -13.62
C ILE E 150 8.49 24.93 -13.37
N LEU E 151 8.87 25.15 -12.12
CA LEU E 151 9.80 26.25 -11.90
C LEU E 151 11.24 25.77 -11.88
N GLY E 152 11.42 24.46 -11.83
CA GLY E 152 12.72 23.82 -11.77
C GLY E 152 13.42 23.92 -10.43
N LEU E 153 12.67 24.04 -9.32
CA LEU E 153 13.21 24.09 -7.95
C LEU E 153 13.17 22.72 -7.28
N PRO E 154 14.26 21.97 -7.20
CA PRO E 154 14.17 20.66 -6.55
C PRO E 154 13.78 20.76 -5.07
N ILE E 155 12.77 19.98 -4.65
CA ILE E 155 12.23 20.04 -3.30
C ILE E 155 12.51 18.73 -2.58
N GLU E 156 13.48 18.76 -1.66
CA GLU E 156 13.93 17.57 -0.97
C GLU E 156 12.86 17.02 -0.01
N ASP E 157 12.63 17.77 1.08
CA ASP E 157 11.73 17.39 2.17
C ASP E 157 10.34 18.01 2.07
N LYS E 158 9.37 17.21 1.59
CA LYS E 158 8.04 17.75 1.31
C LYS E 158 7.37 18.34 2.56
N GLU E 159 7.62 17.77 3.74
CA GLU E 159 7.00 18.30 4.96
C GLU E 159 7.55 19.67 5.38
N LYS E 160 8.85 19.93 5.21
CA LYS E 160 9.30 21.27 5.56
C LYS E 160 8.64 22.26 4.63
N PHE E 161 8.48 21.87 3.36
CA PHE E 161 7.87 22.75 2.39
C PHE E 161 6.41 22.99 2.76
N LYS E 162 5.71 21.98 3.27
CA LYS E 162 4.33 22.21 3.70
C LYS E 162 4.33 23.24 4.81
N GLU E 163 5.20 23.04 5.80
CA GLU E 163 5.28 23.99 6.89
C GLU E 163 5.59 25.41 6.41
N TRP E 164 6.53 25.55 5.48
CA TRP E 164 6.87 26.88 5.02
C TRP E 164 5.70 27.50 4.25
N SER E 165 4.99 26.69 3.45
CA SER E 165 3.84 27.20 2.72
C SER E 165 2.76 27.68 3.68
N ASP E 166 2.48 26.89 4.73
CA ASP E 166 1.47 27.28 5.73
C ASP E 166 1.90 28.54 6.49
N LEU E 167 3.22 28.69 6.69
CA LEU E 167 3.80 29.81 7.44
C LEU E 167 3.63 31.10 6.65
N VAL E 168 3.82 31.02 5.34
CA VAL E 168 3.84 32.18 4.50
C VAL E 168 2.40 32.54 4.19
N ALA E 169 1.57 31.53 3.95
CA ALA E 169 0.17 31.75 3.61
C ALA E 169 -0.58 32.43 4.75
N PHE E 170 -0.35 31.99 6.00
CA PHE E 170 -1.12 32.50 7.11
C PHE E 170 -0.88 33.99 7.30
N ARG E 171 0.37 34.43 7.21
CA ARG E 171 0.73 35.79 7.55
C ARG E 171 0.91 36.68 6.30
N TRP E 172 0.40 36.24 5.15
CA TRP E 172 0.32 37.07 3.94
C TRP E 172 -0.21 38.48 3.99
N GLY E 173 0.72 39.42 3.95
CA GLY E 173 0.44 40.84 3.93
C GLY E 173 0.66 41.55 5.24
N LYS E 174 1.10 40.82 6.29
CA LYS E 174 1.31 41.40 7.61
C LYS E 174 2.41 42.43 7.77
N PRO E 175 2.04 43.72 7.84
CA PRO E 175 3.08 44.74 7.95
C PRO E 175 3.87 44.40 9.19
N GLY E 176 5.10 43.92 9.08
CA GLY E 176 5.81 43.47 10.25
C GLY E 176 7.26 43.24 9.92
N GLU E 177 7.96 42.63 10.86
CA GLU E 177 9.40 42.45 10.72
C GLU E 177 9.65 41.03 10.21
N ILE E 178 10.78 40.81 9.52
CA ILE E 178 11.03 39.48 8.97
C ILE E 178 11.30 38.51 10.09
N PHE E 179 11.77 39.03 11.23
CA PHE E 179 12.10 38.22 12.39
C PHE E 179 10.88 37.52 12.99
N GLU E 180 9.69 38.12 12.88
CA GLU E 180 8.43 37.58 13.42
C GLU E 180 8.49 36.05 13.59
N LEU E 181 9.08 35.34 12.62
CA LEU E 181 9.21 33.89 12.67
C LEU E 181 10.72 33.74 12.56
N GLY E 182 11.28 33.47 11.40
CA GLY E 182 12.66 33.08 11.36
C GLY E 182 13.04 31.63 11.57
N LYS E 183 12.33 30.85 12.38
CA LYS E 183 12.99 29.58 12.59
C LYS E 183 12.74 28.75 11.36
N LYS E 184 11.51 28.81 10.87
CA LYS E 184 11.10 28.11 9.67
C LYS E 184 11.34 28.98 8.44
N TYR E 185 11.01 30.25 8.59
CA TYR E 185 11.17 31.24 7.54
C TYR E 185 12.62 31.47 7.12
N LEU E 186 13.57 31.48 8.05
CA LEU E 186 14.94 31.68 7.60
C LEU E 186 15.40 30.51 6.75
N GLU E 187 14.96 29.30 7.10
CA GLU E 187 15.29 28.14 6.29
C GLU E 187 14.72 28.29 4.89
N LEU E 188 13.49 28.78 4.77
CA LEU E 188 12.90 28.98 3.44
C LEU E 188 13.70 29.98 2.61
N ILE E 189 14.08 31.11 3.20
CA ILE E 189 14.85 32.09 2.44
C ILE E 189 16.19 31.51 2.01
N GLY E 190 16.89 30.85 2.93
CA GLY E 190 18.17 30.26 2.57
C GLY E 190 18.00 29.31 1.41
N TYR E 191 16.93 28.53 1.43
CA TYR E 191 16.67 27.60 0.33
C TYR E 191 16.47 28.32 -1.00
N VAL E 192 15.62 29.34 -1.01
CA VAL E 192 15.38 29.99 -2.30
C VAL E 192 16.66 30.63 -2.83
N LYS E 193 17.44 31.31 -1.97
CA LYS E 193 18.69 31.88 -2.48
C LYS E 193 19.63 30.78 -2.98
N ASP E 194 19.71 29.65 -2.25
CA ASP E 194 20.63 28.61 -2.67
C ASP E 194 20.21 27.97 -3.99
N HIS E 195 18.97 28.19 -4.45
CA HIS E 195 18.46 27.51 -5.65
C HIS E 195 18.03 28.44 -6.79
N LEU E 196 18.38 29.74 -6.77
CA LEU E 196 17.99 30.68 -7.83
C LEU E 196 18.64 30.47 -9.18
N ASN E 197 19.55 29.52 -9.38
CA ASN E 197 20.03 29.35 -10.74
C ASN E 197 19.38 28.17 -11.44
N SER E 198 19.31 27.01 -10.79
CA SER E 198 18.76 25.83 -11.46
C SER E 198 17.38 26.11 -12.05
N GLY E 199 16.65 27.09 -11.50
CA GLY E 199 15.37 27.56 -12.04
C GLY E 199 15.20 27.62 -13.54
N THR E 200 13.98 27.36 -14.01
CA THR E 200 13.61 27.45 -15.42
C THR E 200 13.61 28.88 -15.95
N GLU E 201 13.06 29.03 -17.16
CA GLU E 201 13.02 30.31 -17.86
C GLU E 201 12.46 31.44 -17.01
N VAL E 202 11.35 31.17 -16.33
CA VAL E 202 10.67 32.21 -15.57
C VAL E 202 11.48 32.66 -14.36
N VAL E 203 12.04 31.72 -13.59
CA VAL E 203 12.81 32.12 -12.42
C VAL E 203 14.02 32.94 -12.84
N SER E 204 14.71 32.52 -13.90
CA SER E 204 15.86 33.28 -14.37
C SER E 204 15.43 34.67 -14.83
N ARG E 205 14.27 34.76 -15.48
CA ARG E 205 13.79 36.07 -15.92
C ARG E 205 13.57 36.97 -14.72
N VAL E 206 12.96 36.43 -13.67
CA VAL E 206 12.71 37.26 -12.49
C VAL E 206 14.01 37.63 -11.76
N VAL E 207 14.93 36.68 -11.57
CA VAL E 207 16.13 37.04 -10.80
C VAL E 207 16.95 38.07 -11.54
N ASN E 208 17.02 37.94 -12.87
CA ASN E 208 17.81 38.81 -13.74
C ASN E 208 16.91 39.95 -14.23
N SER E 209 16.49 40.77 -13.28
CA SER E 209 15.62 41.89 -13.58
C SER E 209 16.03 43.06 -12.70
N ASN E 210 15.37 44.18 -12.91
CA ASN E 210 15.69 45.38 -12.15
C ASN E 210 14.94 45.46 -10.85
N LEU E 211 14.28 44.38 -10.44
CA LEU E 211 13.58 44.34 -9.16
C LEU E 211 14.59 44.31 -8.02
N SER E 212 14.20 44.92 -6.90
CA SER E 212 14.96 44.80 -5.67
C SER E 212 15.01 43.35 -5.20
N ASP E 213 15.93 43.07 -4.27
CA ASP E 213 16.01 41.72 -3.73
C ASP E 213 14.71 41.32 -3.05
N ILE E 214 14.04 42.27 -2.40
CA ILE E 214 12.79 41.94 -1.73
C ILE E 214 11.70 41.62 -2.75
N GLU E 215 11.69 42.35 -3.87
CA GLU E 215 10.73 42.08 -4.92
C GLU E 215 11.00 40.72 -5.55
N LYS E 216 12.27 40.39 -5.77
CA LYS E 216 12.60 39.11 -6.40
C LYS E 216 12.12 37.96 -5.52
N LEU E 217 12.38 38.04 -4.21
CA LEU E 217 11.91 36.98 -3.32
C LEU E 217 10.39 36.91 -3.30
N GLY E 218 9.72 38.05 -3.17
CA GLY E 218 8.26 38.03 -3.18
C GLY E 218 7.68 37.38 -4.42
N TYR E 219 8.27 37.66 -5.58
CA TYR E 219 7.71 37.11 -6.82
C TYR E 219 7.89 35.59 -6.85
N ILE E 220 9.09 35.11 -6.49
CA ILE E 220 9.31 33.67 -6.50
C ILE E 220 8.47 32.97 -5.45
N ILE E 221 8.35 33.56 -4.26
CA ILE E 221 7.51 32.92 -3.26
C ILE E 221 6.08 32.85 -3.74
N LEU E 222 5.59 33.92 -4.35
CA LEU E 222 4.22 33.86 -4.85
C LEU E 222 4.02 32.67 -5.79
N LEU E 223 4.87 32.56 -6.82
CA LEU E 223 4.69 31.46 -7.77
C LEU E 223 4.88 30.07 -7.14
N LEU E 224 5.94 29.90 -6.32
CA LEU E 224 6.22 28.59 -5.74
C LEU E 224 5.24 28.14 -4.65
N ILE E 225 4.83 29.05 -3.76
CA ILE E 225 4.10 28.67 -2.56
C ILE E 225 2.63 29.06 -2.53
N ALA E 226 2.22 30.14 -3.19
CA ALA E 226 0.84 30.60 -3.08
C ALA E 226 -0.20 29.62 -3.59
N GLY E 227 -0.18 29.32 -4.88
CA GLY E 227 -1.08 28.28 -5.35
C GLY E 227 -1.17 26.91 -4.72
N ASN E 228 -0.23 26.57 -3.83
CA ASN E 228 -0.25 25.24 -3.22
C ASN E 228 -1.49 24.99 -2.37
N GLU E 229 -1.83 25.94 -1.49
CA GLU E 229 -2.96 25.70 -0.60
C GLU E 229 -4.24 25.77 -1.40
N GLY E 230 -4.33 26.69 -2.35
CA GLY E 230 -5.53 26.77 -3.16
C GLY E 230 -5.80 25.50 -3.94
N THR E 231 -4.78 24.95 -4.59
CA THR E 231 -5.03 23.76 -5.39
C THR E 231 -5.28 22.55 -4.50
N THR E 232 -4.54 22.43 -3.39
CA THR E 232 -4.84 21.37 -2.45
C THR E 232 -6.31 21.42 -2.05
N ASN E 233 -6.81 22.63 -1.72
CA ASN E 233 -8.18 22.78 -1.22
C ASN E 233 -9.22 22.59 -2.30
N LEU E 234 -8.94 23.00 -3.55
CA LEU E 234 -9.88 22.72 -4.63
C LEU E 234 -10.05 21.21 -4.76
N ILE E 235 -8.93 20.47 -4.75
CA ILE E 235 -9.02 19.01 -4.89
C ILE E 235 -9.78 18.41 -3.72
N SER E 236 -9.43 18.80 -2.49
CA SER E 236 -10.10 18.23 -1.32
C SER E 236 -11.58 18.63 -1.23
N ASN E 237 -11.90 19.92 -1.45
CA ASN E 237 -13.28 20.35 -1.44
C ASN E 237 -14.08 19.54 -2.46
N SER E 238 -13.47 19.28 -3.63
CA SER E 238 -14.13 18.51 -4.67
C SER E 238 -14.46 17.12 -4.18
N VAL E 239 -13.51 16.47 -3.50
CA VAL E 239 -13.80 15.12 -3.02
C VAL E 239 -14.99 15.16 -2.07
N ILE E 240 -15.00 16.14 -1.18
CA ILE E 240 -16.10 16.21 -0.22
C ILE E 240 -17.41 16.44 -0.95
N ASP E 241 -17.45 17.44 -1.85
CA ASP E 241 -18.69 17.78 -2.53
C ASP E 241 -19.20 16.62 -3.37
N PHE E 242 -18.32 15.94 -4.10
CA PHE E 242 -18.81 14.86 -4.95
C PHE E 242 -19.36 13.74 -4.08
N THR E 243 -18.79 13.55 -2.90
CA THR E 243 -19.29 12.50 -2.01
C THR E 243 -20.62 12.90 -1.37
N ARG E 244 -20.70 14.13 -0.86
CA ARG E 244 -21.88 14.63 -0.15
C ARG E 244 -23.10 14.62 -1.03
N PHE E 245 -22.92 14.87 -2.31
CA PHE E 245 -24.05 14.97 -3.19
C PHE E 245 -24.24 13.73 -4.05
N ASN E 246 -23.49 12.66 -3.78
CA ASN E 246 -23.58 11.38 -4.46
C ASN E 246 -23.47 11.48 -5.98
N LEU E 247 -22.35 12.05 -6.44
CA LEU E 247 -22.23 12.39 -7.85
C LEU E 247 -21.14 11.62 -8.55
N TRP E 248 -20.38 10.80 -7.82
CA TRP E 248 -19.19 10.17 -8.41
C TRP E 248 -19.53 9.29 -9.59
N GLN E 249 -20.55 8.44 -9.44
CA GLN E 249 -20.87 7.54 -10.54
C GLN E 249 -21.32 8.34 -11.75
N ARG E 250 -22.20 9.31 -11.51
CA ARG E 250 -22.71 10.13 -12.61
C ARG E 250 -21.56 10.88 -13.29
N ILE E 251 -20.66 11.51 -12.52
CA ILE E 251 -19.56 12.24 -13.14
C ILE E 251 -18.72 11.30 -14.02
N ARG E 252 -18.52 10.03 -13.58
CA ARG E 252 -17.74 9.11 -14.42
C ARG E 252 -18.51 8.70 -15.66
N GLU E 253 -19.75 8.26 -15.49
CA GLU E 253 -20.45 7.69 -16.63
C GLU E 253 -20.72 8.74 -17.69
N GLU E 254 -20.85 9.98 -17.29
CA GLU E 254 -21.21 11.06 -18.18
C GLU E 254 -20.01 11.95 -18.52
N ASN E 255 -18.81 11.62 -18.02
CA ASN E 255 -17.62 12.43 -18.30
C ASN E 255 -17.78 13.91 -17.97
N LEU E 256 -18.18 14.20 -16.74
CA LEU E 256 -18.50 15.56 -16.35
C LEU E 256 -17.34 16.28 -15.69
N TYR E 257 -16.12 15.81 -15.86
CA TYR E 257 -15.03 16.33 -15.04
C TYR E 257 -14.84 17.84 -15.14
N LEU E 258 -14.79 18.42 -16.34
CA LEU E 258 -14.50 19.87 -16.37
C LEU E 258 -15.61 20.68 -15.75
N LYS E 259 -16.85 20.37 -16.11
CA LYS E 259 -17.96 21.13 -15.58
C LYS E 259 -18.03 20.93 -14.08
N ALA E 260 -17.84 19.69 -13.61
CA ALA E 260 -17.92 19.42 -12.17
C ALA E 260 -16.81 20.12 -11.39
N ILE E 261 -15.60 20.17 -11.92
CA ILE E 261 -14.58 20.89 -11.19
C ILE E 261 -14.95 22.38 -11.13
N GLU E 262 -15.49 22.91 -12.23
CA GLU E 262 -15.93 24.30 -12.19
C GLU E 262 -17.04 24.51 -11.16
N GLU E 263 -17.96 23.57 -11.06
CA GLU E 263 -19.03 23.70 -10.09
C GLU E 263 -18.47 23.62 -8.68
N ALA E 264 -17.45 22.80 -8.45
CA ALA E 264 -16.78 22.81 -7.15
C ALA E 264 -16.14 24.16 -6.85
N LEU E 265 -15.50 24.77 -7.84
CA LEU E 265 -14.97 26.13 -7.68
C LEU E 265 -16.07 27.13 -7.37
N ARG E 266 -17.25 26.95 -7.96
CA ARG E 266 -18.29 27.94 -7.67
C ARG E 266 -18.81 27.71 -6.27
N TYR E 267 -19.17 26.48 -5.99
CA TYR E 267 -19.89 26.15 -4.78
C TYR E 267 -18.98 26.18 -3.56
N SER E 268 -17.77 25.64 -3.66
CA SER E 268 -16.84 25.61 -2.54
C SER E 268 -15.55 26.31 -2.90
N PRO E 269 -15.58 27.62 -3.10
CA PRO E 269 -14.36 28.34 -3.53
C PRO E 269 -13.28 28.24 -2.49
N PRO E 270 -12.07 27.87 -2.89
CA PRO E 270 -10.97 27.81 -1.93
C PRO E 270 -10.67 29.15 -1.31
N LEU E 271 -10.85 30.22 -2.08
CA LEU E 271 -10.69 31.58 -1.57
C LEU E 271 -12.07 32.21 -1.48
N MET E 272 -12.44 32.58 -0.26
CA MET E 272 -13.78 33.01 0.09
C MET E 272 -13.99 34.49 -0.21
N ARG E 273 -12.95 35.27 -0.02
CA ARG E 273 -13.09 36.70 -0.18
C ARG E 273 -11.76 37.29 -0.55
N THR E 274 -11.81 38.49 -1.11
CA THR E 274 -10.59 39.28 -1.29
C THR E 274 -10.90 40.73 -0.88
N VAL E 275 -9.90 41.60 -0.90
CA VAL E 275 -10.09 42.95 -0.37
C VAL E 275 -9.57 44.01 -1.33
N ARG E 276 -10.25 45.16 -1.39
CA ARG E 276 -9.74 46.35 -2.08
C ARG E 276 -9.77 47.58 -1.20
N LYS E 277 -8.96 48.61 -1.52
CA LYS E 277 -9.03 49.92 -0.84
C LYS E 277 -9.39 51.00 -1.86
N THR E 278 -10.41 51.81 -1.57
CA THR E 278 -10.80 52.89 -2.47
C THR E 278 -9.79 54.05 -2.52
N LYS E 279 -9.58 54.58 -3.73
CA LYS E 279 -8.68 55.72 -3.93
C LYS E 279 -9.42 57.05 -3.99
N GLU E 280 -10.73 57.04 -4.17
CA GLU E 280 -11.57 58.23 -4.25
C GLU E 280 -12.98 57.87 -3.83
N ARG E 281 -13.79 58.89 -3.61
CA ARG E 281 -15.21 58.69 -3.35
C ARG E 281 -15.89 57.96 -4.49
N VAL E 282 -16.59 56.86 -4.19
CA VAL E 282 -17.24 56.06 -5.22
C VAL E 282 -18.67 55.74 -4.85
N LYS E 283 -19.53 55.60 -5.86
CA LYS E 283 -20.85 55.04 -5.69
C LYS E 283 -20.80 53.57 -6.05
N LEU E 284 -21.29 52.73 -5.14
CA LEU E 284 -21.45 51.32 -5.38
C LEU E 284 -22.88 50.92 -5.03
N GLY E 285 -23.69 50.69 -6.06
CA GLY E 285 -25.11 50.53 -5.82
C GLY E 285 -25.69 51.82 -5.29
N ASP E 286 -26.39 51.71 -4.18
CA ASP E 286 -27.02 52.85 -3.56
C ASP E 286 -26.16 53.43 -2.47
N GLN E 287 -24.92 52.97 -2.36
CA GLN E 287 -24.07 53.43 -1.28
C GLN E 287 -22.96 54.32 -1.80
N THR E 288 -22.58 55.28 -0.98
CA THR E 288 -21.39 56.09 -1.22
C THR E 288 -20.29 55.66 -0.27
N ILE E 289 -19.15 55.26 -0.83
CA ILE E 289 -17.99 54.79 -0.08
C ILE E 289 -16.91 55.86 -0.17
N GLU E 290 -16.42 56.29 0.98
CA GLU E 290 -15.46 57.37 0.99
C GLU E 290 -14.09 56.87 0.57
N GLU E 291 -13.28 57.80 0.08
CA GLU E 291 -11.90 57.49 -0.26
C GLU E 291 -11.19 56.89 0.95
N GLY E 292 -10.41 55.82 0.73
CA GLY E 292 -9.58 55.25 1.78
C GLY E 292 -10.17 54.14 2.61
N GLU E 293 -11.43 53.82 2.41
CA GLU E 293 -12.13 52.76 3.13
C GLU E 293 -11.77 51.39 2.53
N TYR E 294 -11.85 50.34 3.34
CA TYR E 294 -11.57 49.00 2.85
C TYR E 294 -12.88 48.34 2.45
N VAL E 295 -12.86 47.65 1.33
CA VAL E 295 -14.00 46.94 0.77
C VAL E 295 -13.63 45.47 0.67
N ARG E 296 -14.37 44.64 1.41
CA ARG E 296 -14.27 43.20 1.39
C ARG E 296 -15.26 42.67 0.39
N VAL E 297 -14.76 41.90 -0.57
CA VAL E 297 -15.61 41.30 -1.56
C VAL E 297 -15.73 39.83 -1.23
N TRP E 298 -16.98 39.34 -1.15
CA TRP E 298 -17.23 37.94 -0.83
C TRP E 298 -17.41 37.13 -2.10
N ILE E 299 -16.35 36.47 -2.51
CA ILE E 299 -16.46 35.69 -3.72
C ILE E 299 -17.46 34.56 -3.49
N ALA E 300 -17.40 33.95 -2.30
CA ALA E 300 -18.29 32.84 -2.02
C ALA E 300 -19.75 33.23 -2.13
N SER E 301 -20.12 34.41 -1.64
CA SER E 301 -21.50 34.83 -1.76
C SER E 301 -21.85 35.14 -3.21
N ALA E 302 -20.99 35.87 -3.91
CA ALA E 302 -21.29 36.21 -5.30
C ALA E 302 -21.51 34.96 -6.15
N ASN E 303 -20.78 33.89 -5.86
CA ASN E 303 -20.86 32.69 -6.67
C ASN E 303 -22.16 31.96 -6.48
N ARG E 304 -23.01 32.45 -5.58
CA ARG E 304 -24.28 31.80 -5.31
C ARG E 304 -25.49 32.67 -5.59
N ASP E 305 -25.29 33.86 -6.18
CA ASP E 305 -26.30 34.88 -6.51
C ASP E 305 -27.33 34.39 -7.53
N GLU E 306 -28.63 34.46 -7.17
CA GLU E 306 -29.61 33.86 -8.08
C GLU E 306 -29.80 34.66 -9.35
N GLU E 307 -29.37 35.92 -9.38
CA GLU E 307 -29.48 36.68 -10.60
C GLU E 307 -28.53 36.13 -11.65
N VAL E 308 -27.48 35.42 -11.25
CA VAL E 308 -26.51 34.91 -12.19
C VAL E 308 -26.54 33.40 -12.27
N PHE E 309 -26.73 32.70 -11.15
CA PHE E 309 -26.72 31.23 -11.14
C PHE E 309 -28.16 30.84 -10.76
N HIS E 310 -28.94 30.39 -11.73
CA HIS E 310 -30.26 29.84 -11.44
C HIS E 310 -30.15 28.59 -10.59
N ASP E 311 -30.97 28.51 -9.55
CA ASP E 311 -30.94 27.42 -8.59
C ASP E 311 -29.54 27.32 -7.98
N GLY E 312 -29.00 28.47 -7.60
CA GLY E 312 -27.62 28.66 -7.12
C GLY E 312 -27.25 27.94 -5.83
N GLU E 313 -28.21 27.44 -5.08
CA GLU E 313 -27.85 26.79 -3.83
C GLU E 313 -27.67 25.29 -4.02
N LYS E 314 -28.02 24.78 -5.21
CA LYS E 314 -27.89 23.38 -5.54
C LYS E 314 -26.56 23.17 -6.25
N PHE E 315 -25.98 22.01 -6.02
CA PHE E 315 -24.78 21.63 -6.76
C PHE E 315 -25.18 20.92 -8.05
N ILE E 316 -24.95 21.58 -9.17
CA ILE E 316 -25.30 20.98 -10.45
C ILE E 316 -24.04 20.69 -11.22
N PRO E 317 -23.63 19.42 -11.30
CA PRO E 317 -22.30 19.09 -11.79
C PRO E 317 -22.10 19.46 -13.23
N ASP E 318 -23.17 19.60 -14.00
CA ASP E 318 -23.03 19.95 -15.41
C ASP E 318 -23.53 21.35 -15.75
N ARG E 319 -23.60 22.20 -14.71
CA ARG E 319 -23.99 23.60 -14.84
C ARG E 319 -23.19 24.25 -15.96
N ASN E 320 -23.90 24.91 -16.83
CA ASN E 320 -23.23 25.58 -17.92
C ASN E 320 -24.16 26.69 -18.42
N PRO E 321 -23.72 27.97 -18.50
CA PRO E 321 -22.42 28.56 -18.20
C PRO E 321 -22.25 28.62 -16.72
N ASN E 322 -21.01 28.78 -16.31
CA ASN E 322 -20.64 28.84 -14.90
C ASN E 322 -19.65 29.96 -14.66
N PRO E 323 -20.11 31.21 -14.72
CA PRO E 323 -19.21 32.38 -14.63
C PRO E 323 -18.84 32.75 -13.20
N HIS E 324 -18.36 31.77 -12.45
CA HIS E 324 -17.97 32.02 -11.08
C HIS E 324 -16.77 32.97 -11.00
N LEU E 325 -16.55 33.51 -9.80
CA LEU E 325 -15.54 34.52 -9.56
C LEU E 325 -14.44 34.00 -8.67
N SER E 326 -14.30 32.68 -8.61
CA SER E 326 -13.40 32.06 -7.67
C SER E 326 -11.93 32.37 -7.95
N PHE E 327 -11.59 32.71 -9.19
CA PHE E 327 -10.23 33.11 -9.57
C PHE E 327 -10.13 34.62 -9.70
N GLY E 328 -11.13 35.34 -9.25
CA GLY E 328 -11.20 36.76 -9.42
C GLY E 328 -11.77 37.18 -10.77
N SER E 329 -11.63 38.48 -11.04
CA SER E 329 -12.10 39.07 -12.27
C SER E 329 -11.23 40.30 -12.54
N GLY E 330 -11.13 40.66 -13.82
CA GLY E 330 -10.37 41.85 -14.22
C GLY E 330 -8.87 41.65 -14.32
N ILE E 331 -8.11 42.72 -14.02
CA ILE E 331 -6.69 42.66 -14.32
C ILE E 331 -5.95 41.69 -13.42
N HIS E 332 -6.52 41.31 -12.29
CA HIS E 332 -5.81 40.41 -11.37
C HIS E 332 -6.34 38.98 -11.42
N LEU E 333 -7.09 38.63 -12.48
CA LEU E 333 -7.56 37.27 -12.71
C LEU E 333 -6.44 36.24 -12.64
N GLY E 334 -6.64 35.24 -11.80
CA GLY E 334 -5.65 34.22 -11.54
C GLY E 334 -4.77 33.77 -12.67
N LEU E 335 -3.48 34.10 -12.53
CA LEU E 335 -2.47 33.67 -13.47
C LEU E 335 -2.37 32.15 -13.52
N GLY E 336 -2.60 31.48 -12.39
CA GLY E 336 -2.41 30.04 -12.31
C GLY E 336 -3.69 29.26 -12.54
N ALA E 337 -4.75 29.94 -12.92
CA ALA E 337 -6.06 29.31 -13.06
C ALA E 337 -6.00 28.10 -13.97
N PRO E 338 -5.35 28.17 -15.14
CA PRO E 338 -5.29 26.98 -16.00
C PRO E 338 -4.56 25.82 -15.34
N LEU E 339 -3.44 26.09 -14.68
CA LEU E 339 -2.73 25.02 -14.00
C LEU E 339 -3.57 24.40 -12.90
N ALA E 340 -4.20 25.25 -12.07
CA ALA E 340 -5.05 24.73 -11.01
C ALA E 340 -6.17 23.83 -11.55
N ARG E 341 -6.82 24.28 -12.62
CA ARG E 341 -7.90 23.49 -13.17
C ARG E 341 -7.38 22.16 -13.66
N LEU E 342 -6.24 22.15 -14.36
CA LEU E 342 -5.69 20.90 -14.89
C LEU E 342 -5.32 19.92 -13.77
N GLU E 343 -4.61 20.38 -12.76
CA GLU E 343 -4.24 19.50 -11.65
C GLU E 343 -5.49 18.92 -10.97
N ALA E 344 -6.45 19.78 -10.65
CA ALA E 344 -7.62 19.24 -9.98
C ALA E 344 -8.34 18.24 -10.86
N ARG E 345 -8.49 18.56 -12.16
CA ARG E 345 -9.19 17.66 -13.08
C ARG E 345 -8.50 16.30 -13.13
N ILE E 346 -7.17 16.29 -13.30
CA ILE E 346 -6.46 15.01 -13.39
C ILE E 346 -6.52 14.23 -12.07
N ALA E 347 -6.33 14.93 -10.93
CA ALA E 347 -6.40 14.25 -9.63
C ALA E 347 -7.75 13.59 -9.42
N ILE E 348 -8.82 14.32 -9.75
CA ILE E 348 -10.16 13.81 -9.51
C ILE E 348 -10.48 12.67 -10.48
N GLU E 349 -10.08 12.80 -11.75
CA GLU E 349 -10.29 11.71 -12.70
C GLU E 349 -9.61 10.43 -12.21
N GLU E 350 -8.31 10.52 -11.89
CA GLU E 350 -7.61 9.30 -11.54
C GLU E 350 -8.13 8.69 -10.25
N PHE E 351 -8.41 9.54 -9.28
CA PHE E 351 -8.97 9.09 -8.01
C PHE E 351 -10.30 8.38 -8.23
N SER E 352 -11.19 8.96 -9.05
CA SER E 352 -12.51 8.37 -9.25
C SER E 352 -12.40 7.06 -9.98
N LYS E 353 -11.42 6.93 -10.88
CA LYS E 353 -11.27 5.68 -11.62
C LYS E 353 -10.86 4.57 -10.66
N ARG E 354 -10.15 4.93 -9.61
CA ARG E 354 -9.62 3.93 -8.73
C ARG E 354 -10.59 3.48 -7.64
N PHE E 355 -11.87 3.88 -7.66
CA PHE E 355 -12.78 3.59 -6.53
C PHE E 355 -14.27 3.83 -6.78
N ARG E 356 -15.11 2.80 -6.62
CA ARG E 356 -16.54 2.98 -6.93
C ARG E 356 -17.39 3.36 -5.72
N HIS E 357 -17.05 2.95 -4.50
CA HIS E 357 -17.78 3.33 -3.30
C HIS E 357 -16.83 4.07 -2.36
N ILE E 358 -17.21 5.28 -1.94
CA ILE E 358 -16.40 6.12 -1.06
C ILE E 358 -17.20 6.45 0.19
N GLU E 359 -16.65 6.15 1.35
CA GLU E 359 -17.24 6.49 2.63
C GLU E 359 -16.32 7.47 3.36
N ILE E 360 -16.85 8.63 3.74
CA ILE E 360 -16.05 9.61 4.49
C ILE E 360 -16.04 9.31 5.98
N LEU E 361 -14.83 9.08 6.52
CA LEU E 361 -14.66 8.68 7.91
C LEU E 361 -14.37 9.85 8.84
N ASP E 362 -13.46 10.78 8.49
CA ASP E 362 -13.13 11.87 9.41
C ASP E 362 -12.69 13.12 8.65
N THR E 363 -13.06 14.31 9.13
CA THR E 363 -12.58 15.56 8.53
C THR E 363 -12.13 16.54 9.59
N GLU E 364 -11.09 17.31 9.26
CA GLU E 364 -10.66 18.45 10.05
C GLU E 364 -10.49 19.66 9.14
N LYS E 365 -11.17 20.79 9.43
CA LYS E 365 -11.08 21.94 8.54
C LYS E 365 -9.82 22.76 8.75
N VAL E 366 -9.40 23.46 7.69
CA VAL E 366 -8.37 24.49 7.75
C VAL E 366 -9.02 25.62 8.53
N PRO E 367 -8.47 25.98 9.65
CA PRO E 367 -9.11 26.99 10.50
C PRO E 367 -8.91 28.42 10.04
N ASN E 368 -9.87 29.01 9.32
CA ASN E 368 -9.69 30.40 8.92
C ASN E 368 -10.88 30.85 8.05
N GLU E 369 -11.32 32.11 8.17
CA GLU E 369 -12.52 32.55 7.44
C GLU E 369 -12.24 32.95 5.99
N VAL E 370 -10.99 33.06 5.60
CA VAL E 370 -10.62 33.50 4.27
C VAL E 370 -10.37 32.30 3.36
N LEU E 371 -9.70 31.24 3.86
CA LEU E 371 -9.38 30.05 3.08
C LEU E 371 -10.34 28.91 3.43
N ASN E 372 -10.72 28.15 2.41
CA ASN E 372 -11.67 27.05 2.53
C ASN E 372 -11.21 25.68 2.08
N GLY E 373 -10.91 24.82 3.04
CA GLY E 373 -10.48 23.48 2.71
C GLY E 373 -10.30 22.60 3.92
N TYR E 374 -9.53 21.55 3.73
CA TYR E 374 -9.37 20.55 4.78
C TYR E 374 -7.91 20.29 5.03
N LYS E 375 -7.58 20.32 6.32
CA LYS E 375 -6.29 19.90 6.84
C LYS E 375 -6.16 18.39 6.78
N ARG E 376 -7.28 17.69 7.02
CA ARG E 376 -7.32 16.23 7.05
C ARG E 376 -8.65 15.82 6.43
N LEU E 377 -8.61 14.86 5.49
CA LEU E 377 -9.82 14.27 4.90
C LEU E 377 -9.64 12.76 4.82
N VAL E 378 -10.12 12.03 5.81
CA VAL E 378 -9.94 10.58 5.92
C VAL E 378 -11.11 9.84 5.27
N VAL E 379 -10.77 8.90 4.36
CA VAL E 379 -11.79 8.19 3.60
C VAL E 379 -11.52 6.69 3.66
N ARG E 380 -12.60 5.90 3.51
CA ARG E 380 -12.63 4.48 3.18
C ARG E 380 -13.08 4.27 1.74
N LEU E 381 -12.40 3.38 1.03
CA LEU E 381 -12.57 3.19 -0.41
C LEU E 381 -12.95 1.73 -0.68
N LYS E 382 -13.82 1.54 -1.68
CA LYS E 382 -14.15 0.23 -2.19
C LYS E 382 -13.64 0.26 -3.63
N SER E 383 -12.83 -0.75 -3.97
CA SER E 383 -12.35 -0.97 -5.33
C SER E 383 -13.36 -1.57 -6.29
N ASN E 384 -13.10 -1.26 -7.56
CA ASN E 384 -13.61 -1.84 -8.81
C ASN E 384 -14.41 -0.74 -9.47
N HIS F 6 -24.82 59.97 17.51
CA HIS F 6 -24.32 59.25 18.68
C HIS F 6 -23.67 57.89 18.41
N HIS F 7 -22.45 57.68 18.93
CA HIS F 7 -21.71 56.41 18.84
C HIS F 7 -21.15 56.14 17.43
N HIS F 8 -20.05 55.38 17.35
CA HIS F 8 -19.29 55.24 16.09
C HIS F 8 -18.03 54.34 16.22
N HIS F 9 -17.72 53.50 15.21
CA HIS F 9 -16.57 52.57 15.27
C HIS F 9 -15.50 52.97 14.27
N HIS F 10 -14.26 52.88 14.71
CA HIS F 10 -13.08 52.58 13.91
C HIS F 10 -12.70 51.15 14.25
N GLU F 11 -11.42 50.83 14.14
CA GLU F 11 -10.82 49.63 14.69
C GLU F 11 -9.67 49.23 13.80
N ASN F 12 -8.68 48.58 14.41
CA ASN F 12 -7.51 48.12 13.67
C ASN F 12 -7.94 47.01 12.71
N LEU F 13 -7.67 47.19 11.42
CA LEU F 13 -8.02 46.20 10.42
C LEU F 13 -6.75 45.55 9.85
N TYR F 14 -6.98 44.43 9.15
CA TYR F 14 -5.92 43.43 8.99
C TYR F 14 -4.64 43.99 8.37
N PHE F 15 -4.76 44.85 7.37
CA PHE F 15 -3.62 45.33 6.61
C PHE F 15 -2.94 46.56 7.22
N GLN F 16 -3.16 46.86 8.49
CA GLN F 16 -2.83 48.18 8.96
C GLN F 16 -1.69 48.21 9.97
N SER F 17 -1.71 47.39 11.03
CA SER F 17 -0.69 47.47 12.07
C SER F 17 -1.02 48.49 13.16
N ASN F 18 -0.73 48.15 14.41
CA ASN F 18 -1.26 49.00 15.47
C ASN F 18 -0.74 50.42 15.33
N TYR F 19 0.52 50.62 14.94
CA TYR F 19 0.99 52.00 14.92
C TYR F 19 0.41 52.80 13.74
N ASP F 20 0.17 52.16 12.59
CA ASP F 20 -0.54 52.86 11.53
C ASP F 20 -1.94 53.22 11.99
N TRP F 21 -2.59 52.30 12.70
CA TRP F 21 -3.91 52.62 13.24
C TRP F 21 -3.82 53.77 14.21
N PHE F 22 -2.85 53.75 15.12
CA PHE F 22 -2.69 54.84 16.06
C PHE F 22 -2.50 56.15 15.30
N SER F 23 -1.66 56.13 14.26
CA SER F 23 -1.43 57.37 13.54
C SER F 23 -2.74 57.92 12.97
N GLU F 24 -3.55 57.04 12.38
CA GLU F 24 -4.82 57.53 11.84
C GLU F 24 -5.67 58.06 12.95
N MET F 25 -5.69 57.39 14.09
CA MET F 25 -6.62 57.82 15.11
C MET F 25 -6.16 59.16 15.66
N ARG F 26 -4.86 59.32 15.80
CA ARG F 26 -4.30 60.59 16.23
C ARG F 26 -4.67 61.70 15.29
N LYS F 27 -4.78 61.40 14.00
CA LYS F 27 -5.05 62.48 13.09
C LYS F 27 -6.54 62.76 12.98
N LYS F 28 -7.37 61.72 12.94
CA LYS F 28 -8.79 61.74 12.60
C LYS F 28 -9.72 61.80 13.82
N ASP F 29 -9.47 60.97 14.85
CA ASP F 29 -10.39 60.83 15.98
C ASP F 29 -9.65 60.52 17.29
N PRO F 30 -8.95 61.52 17.86
CA PRO F 30 -8.08 61.28 19.04
C PRO F 30 -8.77 60.95 20.37
N VAL F 31 -10.03 61.31 20.53
CA VAL F 31 -10.87 60.92 21.65
C VAL F 31 -12.09 60.28 21.05
N TYR F 32 -12.23 58.97 21.26
CA TYR F 32 -13.15 58.12 20.52
C TYR F 32 -14.01 57.25 21.39
N TYR F 33 -15.32 57.29 21.11
CA TYR F 33 -16.26 56.40 21.76
C TYR F 33 -16.57 55.25 20.81
N ASP F 34 -16.36 54.02 21.26
CA ASP F 34 -16.53 52.87 20.38
C ASP F 34 -17.85 52.15 20.63
N GLY F 35 -18.74 52.78 21.40
CA GLY F 35 -20.02 52.22 21.75
C GLY F 35 -19.99 51.61 23.12
N ASN F 36 -18.80 51.38 23.65
CA ASN F 36 -18.56 50.72 24.92
C ASN F 36 -17.60 51.50 25.82
N ILE F 37 -16.44 51.93 25.30
CA ILE F 37 -15.44 52.63 26.11
C ILE F 37 -14.80 53.77 25.32
N TRP F 38 -14.45 54.83 26.01
CA TRP F 38 -13.67 55.90 25.39
C TRP F 38 -12.20 55.51 25.25
N GLN F 39 -11.62 55.76 24.09
CA GLN F 39 -10.21 55.52 23.79
C GLN F 39 -9.52 56.86 23.50
N VAL F 40 -8.37 57.10 24.11
CA VAL F 40 -7.62 58.34 23.93
C VAL F 40 -6.25 58.02 23.35
N PHE F 41 -5.89 58.72 22.26
CA PHE F 41 -4.73 58.39 21.46
C PHE F 41 -3.67 59.48 21.38
N SER F 42 -4.03 60.75 21.59
CA SER F 42 -3.11 61.86 21.43
C SER F 42 -2.33 62.06 22.72
N TYR F 43 -1.12 62.59 22.59
CA TYR F 43 -0.30 62.90 23.77
C TYR F 43 -1.00 63.85 24.73
N ARG F 44 -1.53 64.95 24.20
CA ARG F 44 -2.13 65.98 25.04
C ARG F 44 -3.24 65.41 25.93
N TYR F 45 -4.19 64.70 25.33
CA TYR F 45 -5.33 64.23 26.11
C TYR F 45 -4.99 63.05 27.01
N THR F 46 -4.08 62.18 26.55
CA THR F 46 -3.58 61.10 27.41
C THR F 46 -2.95 61.65 28.67
N LYS F 47 -2.01 62.59 28.52
CA LYS F 47 -1.39 63.17 29.70
C LYS F 47 -2.44 63.84 30.56
N GLU F 48 -3.40 64.54 29.93
CA GLU F 48 -4.47 65.18 30.70
C GLU F 48 -5.23 64.15 31.55
N VAL F 49 -5.61 63.03 30.96
CA VAL F 49 -6.35 62.02 31.69
C VAL F 49 -5.51 61.45 32.82
N LEU F 50 -4.22 61.20 32.55
CA LEU F 50 -3.44 60.56 33.60
C LEU F 50 -3.21 61.49 34.77
N ASN F 51 -3.21 62.81 34.50
CA ASN F 51 -2.85 63.77 35.53
C ASN F 51 -4.04 64.27 36.33
N ASN F 52 -5.25 64.11 35.82
CA ASN F 52 -6.43 64.71 36.41
C ASN F 52 -7.19 63.63 37.15
N PHE F 53 -6.60 63.24 38.30
CA PHE F 53 -7.13 62.11 39.07
C PHE F 53 -8.43 62.43 39.77
N SER F 54 -8.71 63.70 40.01
CA SER F 54 -9.98 64.02 40.64
C SER F 54 -11.16 63.68 39.73
N LYS F 55 -10.93 63.66 38.41
CA LYS F 55 -11.96 63.41 37.41
C LYS F 55 -11.85 62.05 36.76
N PHE F 56 -10.64 61.51 36.64
CA PHE F 56 -10.41 60.21 36.03
C PHE F 56 -9.81 59.37 37.15
N SER F 57 -10.56 58.38 37.59
CA SER F 57 -10.26 57.62 38.79
C SER F 57 -9.50 56.35 38.47
N SER F 58 -8.63 55.97 39.39
CA SER F 58 -7.98 54.67 39.31
C SER F 58 -8.71 53.62 40.14
N ASP F 59 -9.78 53.98 40.88
CA ASP F 59 -10.51 52.95 41.64
C ASP F 59 -11.34 52.06 40.74
N LEU F 60 -10.72 51.00 40.24
CA LEU F 60 -11.37 50.13 39.27
C LEU F 60 -11.69 48.74 39.80
N THR F 61 -11.38 48.46 41.07
CA THR F 61 -11.49 47.12 41.61
C THR F 61 -12.43 47.03 42.80
N GLY F 62 -12.99 48.18 43.20
CA GLY F 62 -13.86 48.32 44.35
C GLY F 62 -13.10 48.41 45.64
N TYR F 63 -11.79 48.67 45.56
CA TYR F 63 -10.98 48.77 46.75
C TYR F 63 -11.63 49.76 47.71
N HIS F 64 -12.07 50.93 47.22
CA HIS F 64 -12.62 51.96 48.12
C HIS F 64 -13.98 51.53 48.67
N GLU F 65 -14.81 50.92 47.83
CA GLU F 65 -16.14 50.50 48.27
C GLU F 65 -16.06 49.40 49.31
N ARG F 66 -14.95 48.68 49.34
CA ARG F 66 -14.78 47.51 50.17
C ARG F 66 -13.82 47.76 51.33
N LEU F 67 -13.22 48.96 51.40
CA LEU F 67 -12.14 49.20 52.36
C LEU F 67 -12.57 48.88 53.79
N GLU F 68 -13.73 49.38 54.21
CA GLU F 68 -14.15 49.15 55.58
C GLU F 68 -14.31 47.66 55.84
N ASP F 69 -15.01 46.95 54.95
CA ASP F 69 -15.20 45.51 55.08
C ASP F 69 -13.84 44.82 54.98
N LEU F 70 -12.79 45.61 54.88
CA LEU F 70 -11.40 45.16 54.78
C LEU F 70 -10.58 45.51 56.00
N ARG F 71 -10.73 46.72 56.56
CA ARG F 71 -9.82 47.09 57.63
C ARG F 71 -10.33 46.54 58.93
N ASN F 72 -11.62 46.22 58.99
CA ASN F 72 -12.22 45.57 60.14
C ASN F 72 -12.27 44.06 59.96
N GLY F 73 -11.81 43.53 58.83
CA GLY F 73 -11.73 42.09 58.70
C GLY F 73 -13.06 41.52 58.25
N LYS F 74 -13.17 40.81 57.12
CA LYS F 74 -14.46 40.23 56.75
C LYS F 74 -14.47 39.52 55.40
N ILE F 75 -13.69 39.97 54.41
CA ILE F 75 -13.53 39.21 53.17
C ILE F 75 -12.26 38.35 53.27
N ARG F 76 -12.30 37.17 52.63
CA ARG F 76 -11.27 36.13 52.73
C ARG F 76 -10.82 35.47 51.42
N PHE F 77 -11.64 35.43 50.35
CA PHE F 77 -11.22 34.80 49.10
C PHE F 77 -11.51 35.74 47.94
N ASP F 78 -10.87 36.90 48.04
CA ASP F 78 -10.91 37.85 46.94
C ASP F 78 -9.46 37.80 46.44
N ILE F 79 -9.22 38.40 45.28
CA ILE F 79 -7.93 38.48 44.64
C ILE F 79 -7.08 39.64 45.15
N PRO F 80 -5.98 39.36 45.84
CA PRO F 80 -5.19 40.43 46.46
C PRO F 80 -4.79 41.52 45.47
N THR F 81 -4.52 41.15 44.22
CA THR F 81 -3.98 42.17 43.34
C THR F 81 -5.01 43.21 42.99
N ARG F 82 -6.26 43.03 43.42
CA ARG F 82 -7.26 44.07 43.27
C ARG F 82 -7.02 45.21 44.25
N TYR F 83 -6.31 44.96 45.35
CA TYR F 83 -6.24 45.90 46.47
C TYR F 83 -4.80 46.39 46.68
N THR F 84 -4.30 47.22 45.76
CA THR F 84 -2.94 47.78 45.84
C THR F 84 -3.05 49.30 45.65
N MET F 85 -1.91 50.00 45.76
CA MET F 85 -1.88 51.45 45.59
C MET F 85 -2.19 51.87 44.17
N LEU F 86 -2.09 50.93 43.22
CA LEU F 86 -2.31 51.16 41.81
C LEU F 86 -3.78 51.29 41.44
N THR F 87 -4.70 50.72 42.23
CA THR F 87 -6.13 50.71 41.93
C THR F 87 -6.88 51.57 42.93
N SER F 88 -6.18 52.57 43.50
CA SER F 88 -6.72 53.47 44.52
C SER F 88 -6.44 54.91 44.15
N ASP F 89 -7.21 55.81 44.76
CA ASP F 89 -7.11 57.27 44.70
C ASP F 89 -6.85 57.86 46.08
N PRO F 90 -6.33 59.08 46.15
CA PRO F 90 -6.15 59.72 47.44
C PRO F 90 -7.47 59.79 48.18
N PRO F 91 -7.43 59.72 49.51
CA PRO F 91 -6.22 59.74 50.33
C PRO F 91 -5.60 58.36 50.50
N LEU F 92 -6.32 57.28 50.20
CA LEU F 92 -5.76 55.94 50.38
C LEU F 92 -4.48 55.74 49.59
N HIS F 93 -4.45 56.18 48.34
CA HIS F 93 -3.23 56.10 47.54
C HIS F 93 -2.05 56.78 48.23
N ASP F 94 -2.24 57.99 48.71
CA ASP F 94 -1.11 58.70 49.29
C ASP F 94 -0.56 57.96 50.52
N GLU F 95 -1.47 57.46 51.36
CA GLU F 95 -1.09 56.66 52.52
C GLU F 95 -0.30 55.43 52.12
N LEU F 96 -0.80 54.70 51.11
CA LEU F 96 -0.14 53.45 50.69
C LEU F 96 1.20 53.73 50.04
N ARG F 97 1.24 54.66 49.10
CA ARG F 97 2.50 54.94 48.41
C ARG F 97 3.57 55.43 49.37
N SER F 98 3.19 56.21 50.39
CA SER F 98 4.22 56.79 51.25
C SER F 98 5.00 55.73 52.02
N MET F 99 4.52 54.50 52.08
CA MET F 99 5.23 53.49 52.86
C MET F 99 6.54 53.12 52.17
N SER F 100 6.62 53.32 50.87
CA SER F 100 7.78 52.84 50.12
C SER F 100 8.35 53.84 49.12
N ALA F 101 7.80 55.05 48.98
CA ALA F 101 8.24 55.96 47.91
C ALA F 101 9.76 56.13 47.98
N ASP F 102 10.27 56.21 49.20
CA ASP F 102 11.65 56.48 49.57
C ASP F 102 12.58 55.30 49.24
N ILE F 103 12.04 54.11 48.98
CA ILE F 103 12.83 52.90 48.73
C ILE F 103 13.70 52.92 47.50
N PHE F 104 13.38 53.67 46.46
CA PHE F 104 14.24 53.55 45.29
C PHE F 104 15.19 54.73 45.15
N SER F 105 15.37 55.51 46.23
CA SER F 105 16.28 56.65 46.32
C SER F 105 17.60 56.48 45.58
N PRO F 106 18.17 57.58 45.07
CA PRO F 106 19.45 57.51 44.35
C PRO F 106 20.59 56.81 45.07
N GLN F 107 20.72 57.00 46.39
CA GLN F 107 21.82 56.39 47.14
C GLN F 107 21.74 54.88 47.10
N LYS F 108 20.54 54.33 47.29
CA LYS F 108 20.44 52.88 47.31
C LYS F 108 20.76 52.31 45.93
N LEU F 109 20.37 53.00 44.86
CA LEU F 109 20.67 52.32 43.62
C LEU F 109 22.15 52.46 43.29
N GLN F 110 22.77 53.56 43.75
CA GLN F 110 24.19 53.62 43.47
C GLN F 110 24.90 52.52 44.23
N THR F 111 24.37 52.15 45.42
CA THR F 111 25.01 51.08 46.17
C THR F 111 24.70 49.73 45.55
N LEU F 112 23.73 49.69 44.64
CA LEU F 112 23.38 48.40 44.07
C LEU F 112 24.01 48.22 42.71
N GLU F 113 24.68 49.25 42.19
CA GLU F 113 25.19 49.17 40.82
C GLU F 113 26.16 48.00 40.69
N THR F 114 27.11 47.91 41.61
CA THR F 114 28.10 46.84 41.56
C THR F 114 27.42 45.47 41.58
N PHE F 115 26.41 45.30 42.44
CA PHE F 115 25.74 44.02 42.50
C PHE F 115 25.09 43.69 41.16
N ILE F 116 24.35 44.65 40.61
CA ILE F 116 23.64 44.42 39.33
C ILE F 116 24.62 44.16 38.20
N ARG F 117 25.71 44.91 38.15
CA ARG F 117 26.68 44.73 37.08
C ARG F 117 27.31 43.34 37.19
N GLU F 118 27.71 42.94 38.39
CA GLU F 118 28.31 41.62 38.56
C GLU F 118 27.30 40.52 38.23
N THR F 119 26.05 40.69 38.64
CA THR F 119 25.02 39.71 38.31
C THR F 119 24.85 39.60 36.81
N THR F 120 24.81 40.75 36.12
CA THR F 120 24.69 40.78 34.67
C THR F 120 25.84 40.03 34.02
N ARG F 121 27.06 40.23 34.50
CA ARG F 121 28.18 39.51 33.91
C ARG F 121 28.01 38.02 34.12
N SER F 122 27.61 37.62 35.32
CA SER F 122 27.39 36.20 35.62
C SER F 122 26.35 35.60 34.69
N LEU F 123 25.24 36.29 34.47
CA LEU F 123 24.23 35.78 33.56
C LEU F 123 24.74 35.69 32.13
N LEU F 124 25.56 36.65 31.71
CA LEU F 124 26.11 36.66 30.35
C LEU F 124 27.05 35.49 30.13
N ASP F 125 27.73 35.05 31.18
CA ASP F 125 28.65 33.92 31.04
C ASP F 125 27.94 32.65 30.58
N SER F 126 26.63 32.54 30.76
CA SER F 126 25.91 31.30 30.48
C SER F 126 25.39 31.25 29.05
N ILE F 127 25.62 32.30 28.28
CA ILE F 127 25.09 32.42 26.92
C ILE F 127 26.01 31.70 25.94
N ASP F 128 25.42 30.83 25.09
CA ASP F 128 26.10 30.25 23.92
C ASP F 128 26.10 31.17 22.71
N PRO F 129 27.25 31.66 22.27
CA PRO F 129 27.25 32.67 21.19
C PRO F 129 26.83 32.14 19.84
N ARG F 130 26.87 30.83 19.61
CA ARG F 130 26.43 30.32 18.32
C ARG F 130 24.93 30.49 18.17
N GLU F 131 24.21 30.27 19.27
CA GLU F 131 22.77 30.33 19.31
C GLU F 131 22.22 30.19 20.73
N ASP F 132 21.54 31.22 21.23
CA ASP F 132 20.92 31.12 22.55
C ASP F 132 19.78 32.13 22.65
N ASP F 133 18.96 31.96 23.70
CA ASP F 133 17.75 32.76 23.97
C ASP F 133 18.03 33.80 25.06
N ILE F 134 18.02 35.07 24.67
CA ILE F 134 18.40 36.15 25.58
C ILE F 134 17.33 36.34 26.63
N VAL F 135 16.06 36.16 26.25
CA VAL F 135 14.96 36.31 27.19
C VAL F 135 15.13 35.35 28.38
N LYS F 136 15.45 34.07 28.11
CA LYS F 136 15.58 33.08 29.18
C LYS F 136 16.83 33.30 30.02
N LYS F 137 17.93 33.68 29.39
CA LYS F 137 19.24 33.68 30.04
C LYS F 137 19.59 34.98 30.70
N LEU F 138 18.94 36.08 30.34
CA LEU F 138 19.32 37.41 30.80
C LEU F 138 18.12 38.24 31.23
N ALA F 139 17.16 38.40 30.31
CA ALA F 139 16.08 39.37 30.48
C ALA F 139 15.16 38.99 31.62
N VAL F 140 14.96 37.70 31.81
CA VAL F 140 14.05 37.23 32.85
C VAL F 140 14.75 37.17 34.21
N PRO F 141 15.95 36.57 34.31
CA PRO F 141 16.51 36.37 35.66
C PRO F 141 16.98 37.64 36.32
N LEU F 142 17.42 38.62 35.55
CA LEU F 142 18.02 39.80 36.17
C LEU F 142 17.03 40.54 37.06
N PRO F 143 15.85 40.93 36.59
CA PRO F 143 14.96 41.68 37.49
C PRO F 143 14.53 40.85 38.67
N ILE F 144 14.42 39.53 38.50
CA ILE F 144 14.00 38.65 39.61
C ILE F 144 15.07 38.60 40.68
N ILE F 145 16.35 38.51 40.28
CA ILE F 145 17.47 38.47 41.22
C ILE F 145 17.59 39.79 41.97
N VAL F 146 17.42 40.88 41.23
CA VAL F 146 17.58 42.20 41.81
C VAL F 146 16.46 42.46 42.82
N ILE F 147 15.22 42.18 42.43
CA ILE F 147 14.13 42.44 43.35
C ILE F 147 14.22 41.52 44.55
N SER F 148 14.66 40.26 44.36
CA SER F 148 14.88 39.39 45.52
C SER F 148 15.89 39.98 46.49
N LYS F 149 16.98 40.55 45.98
CA LYS F 149 17.92 41.20 46.91
C LYS F 149 17.29 42.41 47.59
N ILE F 150 16.56 43.25 46.84
CA ILE F 150 16.00 44.46 47.44
C ILE F 150 14.96 44.15 48.51
N LEU F 151 14.17 43.10 48.31
CA LEU F 151 13.12 42.84 49.29
C LEU F 151 13.53 41.85 50.36
N GLY F 152 14.67 41.18 50.16
CA GLY F 152 15.23 40.18 51.05
C GLY F 152 14.50 38.85 51.01
N LEU F 153 13.83 38.55 49.89
CA LEU F 153 13.11 37.30 49.69
C LEU F 153 13.97 36.28 48.94
N PRO F 154 14.59 35.31 49.60
CA PRO F 154 15.41 34.35 48.84
C PRO F 154 14.55 33.57 47.85
N ILE F 155 15.00 33.50 46.59
CA ILE F 155 14.21 32.87 45.53
C ILE F 155 14.93 31.63 45.04
N GLU F 156 14.43 30.47 45.45
CA GLU F 156 15.04 29.18 45.15
C GLU F 156 14.94 28.78 43.68
N ASP F 157 13.74 28.43 43.24
CA ASP F 157 13.49 27.93 41.89
C ASP F 157 13.03 29.03 40.92
N LYS F 158 13.97 29.54 40.11
CA LYS F 158 13.62 30.68 39.27
C LYS F 158 12.46 30.36 38.33
N GLU F 159 12.37 29.11 37.86
CA GLU F 159 11.31 28.71 36.95
C GLU F 159 9.92 28.73 37.61
N LYS F 160 9.82 28.31 38.88
CA LYS F 160 8.52 28.41 39.52
C LYS F 160 8.14 29.86 39.66
N PHE F 161 9.12 30.70 39.98
CA PHE F 161 8.84 32.11 40.17
C PHE F 161 8.39 32.75 38.87
N LYS F 162 8.98 32.34 37.74
CA LYS F 162 8.52 32.89 36.47
C LYS F 162 7.06 32.51 36.28
N GLU F 163 6.74 31.24 36.53
CA GLU F 163 5.35 30.80 36.39
C GLU F 163 4.41 31.60 37.28
N TRP F 164 4.80 31.85 38.53
CA TRP F 164 3.92 32.60 39.41
C TRP F 164 3.75 34.03 38.94
N SER F 165 4.84 34.63 38.47
CA SER F 165 4.79 36.00 37.95
C SER F 165 3.87 36.08 36.73
N ASP F 166 3.97 35.13 35.80
CA ASP F 166 3.09 35.13 34.63
C ASP F 166 1.64 34.92 35.02
N LEU F 167 1.41 34.14 36.08
CA LEU F 167 0.07 33.80 36.54
C LEU F 167 -0.61 35.04 37.08
N VAL F 168 0.15 35.84 37.80
CA VAL F 168 -0.46 36.97 38.48
C VAL F 168 -0.61 38.09 37.49
N ALA F 169 0.38 38.27 36.63
CA ALA F 169 0.35 39.37 35.66
C ALA F 169 -0.83 39.21 34.71
N PHE F 170 -1.08 37.99 34.22
CA PHE F 170 -2.12 37.84 33.21
C PHE F 170 -3.48 38.21 33.76
N ARG F 171 -3.80 37.80 34.99
CA ARG F 171 -5.14 37.93 35.55
C ARG F 171 -5.26 39.08 36.55
N TRP F 172 -4.30 40.01 36.58
CA TRP F 172 -4.41 41.26 37.33
C TRP F 172 -5.64 42.13 37.27
N GLY F 173 -6.44 42.05 38.32
CA GLY F 173 -7.63 42.87 38.47
C GLY F 173 -8.92 42.14 38.19
N LYS F 174 -8.84 40.85 37.86
CA LYS F 174 -10.01 40.04 37.56
C LYS F 174 -10.97 39.76 38.69
N PRO F 175 -12.11 40.44 38.72
CA PRO F 175 -13.04 40.24 39.83
C PRO F 175 -13.34 38.75 39.87
N GLY F 176 -12.87 38.04 40.89
CA GLY F 176 -13.06 36.61 40.88
C GLY F 176 -12.70 36.04 42.23
N GLU F 177 -12.63 34.71 42.26
CA GLU F 177 -12.41 33.98 43.49
C GLU F 177 -10.93 33.60 43.58
N ILE F 178 -10.41 33.41 44.79
CA ILE F 178 -8.98 33.11 44.87
C ILE F 178 -8.72 31.70 44.31
N PHE F 179 -9.74 30.85 44.36
CA PHE F 179 -9.60 29.48 43.89
C PHE F 179 -9.35 29.41 42.38
N GLU F 180 -9.86 30.37 41.60
CA GLU F 180 -9.70 30.43 40.14
C GLU F 180 -8.50 29.62 39.65
N LEU F 181 -7.37 29.71 40.36
CA LEU F 181 -6.16 29.00 40.03
C LEU F 181 -5.93 28.23 41.32
N GLY F 182 -5.10 28.70 42.24
CA GLY F 182 -4.71 27.86 43.34
C GLY F 182 -3.54 26.91 43.21
N LYS F 183 -3.26 26.35 42.04
CA LYS F 183 -2.25 25.31 42.15
C LYS F 183 -0.91 26.02 42.23
N LYS F 184 -0.75 27.08 41.45
CA LYS F 184 0.47 27.85 41.43
C LYS F 184 0.35 29.05 42.37
N TYR F 185 -0.81 29.70 42.32
CA TYR F 185 -1.11 30.86 43.16
C TYR F 185 -1.11 30.55 44.65
N LEU F 186 -1.66 29.39 45.06
CA LEU F 186 -1.64 29.10 46.49
C LEU F 186 -0.21 28.88 46.98
N GLU F 187 0.62 28.26 46.15
CA GLU F 187 2.03 28.08 46.50
C GLU F 187 2.72 29.42 46.67
N LEU F 188 2.43 30.37 45.77
CA LEU F 188 3.02 31.71 45.85
C LEU F 188 2.59 32.43 47.14
N ILE F 189 1.31 32.37 47.49
CA ILE F 189 0.87 33.02 48.73
C ILE F 189 1.58 32.39 49.91
N GLY F 190 1.62 31.05 49.94
CA GLY F 190 2.32 30.37 51.03
C GLY F 190 3.77 30.83 51.11
N TYR F 191 4.41 31.00 49.96
CA TYR F 191 5.79 31.46 49.95
C TYR F 191 5.92 32.84 50.57
N VAL F 192 5.06 33.77 50.15
CA VAL F 192 5.20 35.12 50.69
C VAL F 192 4.96 35.14 52.19
N LYS F 193 3.94 34.40 52.66
CA LYS F 193 3.72 34.36 54.10
C LYS F 193 4.91 33.74 54.82
N ASP F 194 5.51 32.69 54.24
CA ASP F 194 6.63 32.01 54.88
C ASP F 194 7.87 32.88 54.94
N HIS F 195 7.92 33.97 54.18
CA HIS F 195 9.13 34.77 54.07
C HIS F 195 8.95 36.22 54.55
N LEU F 196 7.84 36.53 55.25
CA LEU F 196 7.56 37.88 55.77
C LEU F 196 8.52 38.30 56.86
N ASN F 197 9.44 37.43 57.28
CA ASN F 197 10.44 37.80 58.28
C ASN F 197 11.79 38.14 57.64
N SER F 198 12.33 37.23 56.83
CA SER F 198 13.66 37.46 56.27
C SER F 198 13.72 38.80 55.55
N GLY F 199 12.56 39.28 55.10
CA GLY F 199 12.37 40.59 54.50
C GLY F 199 13.08 41.83 55.00
N THR F 200 13.30 42.71 54.03
CA THR F 200 13.86 44.05 54.07
C THR F 200 12.93 45.02 54.79
N GLU F 201 13.53 46.13 55.25
CA GLU F 201 12.83 47.14 56.04
C GLU F 201 11.48 47.52 55.45
N VAL F 202 11.40 47.70 54.15
CA VAL F 202 10.13 48.14 53.56
C VAL F 202 9.07 47.05 53.74
N VAL F 203 9.43 45.78 53.49
CA VAL F 203 8.46 44.70 53.65
C VAL F 203 7.99 44.66 55.11
N SER F 204 8.92 44.85 56.04
CA SER F 204 8.56 44.86 57.45
C SER F 204 7.59 45.99 57.72
N ARG F 205 7.80 47.13 57.08
CA ARG F 205 6.91 48.28 57.24
C ARG F 205 5.51 47.93 56.79
N VAL F 206 5.39 47.25 55.65
CA VAL F 206 4.06 46.92 55.15
C VAL F 206 3.40 45.91 56.08
N VAL F 207 4.12 44.89 56.53
CA VAL F 207 3.46 43.91 57.38
C VAL F 207 3.04 44.61 58.65
N ASN F 208 3.88 45.52 59.13
CA ASN F 208 3.69 46.25 60.37
C ASN F 208 2.95 47.56 60.05
N SER F 209 1.72 47.40 59.59
CA SER F 209 0.90 48.54 59.24
C SER F 209 -0.53 48.21 59.61
N ASN F 210 -1.42 49.17 59.43
CA ASN F 210 -2.80 48.93 59.79
C ASN F 210 -3.61 48.31 58.67
N LEU F 211 -2.95 47.85 57.61
CA LEU F 211 -3.65 47.18 56.53
C LEU F 211 -4.13 45.80 56.94
N SER F 212 -5.26 45.40 56.36
CA SER F 212 -5.74 44.03 56.48
C SER F 212 -4.72 43.08 55.86
N ASP F 213 -4.87 41.79 56.18
CA ASP F 213 -3.96 40.81 55.61
C ASP F 213 -4.00 40.79 54.08
N ILE F 214 -5.17 40.99 53.49
CA ILE F 214 -5.29 40.96 52.03
C ILE F 214 -4.56 42.15 51.40
N GLU F 215 -4.63 43.30 52.04
CA GLU F 215 -3.92 44.46 51.51
C GLU F 215 -2.42 44.22 51.60
N LYS F 216 -1.98 43.64 52.72
CA LYS F 216 -0.56 43.38 52.89
C LYS F 216 -0.05 42.46 51.80
N LEU F 217 -0.83 41.40 51.50
CA LEU F 217 -0.42 40.48 50.43
C LEU F 217 -0.38 41.19 49.08
N GLY F 218 -1.42 41.95 48.75
CA GLY F 218 -1.41 42.66 47.47
C GLY F 218 -0.22 43.61 47.33
N TYR F 219 0.15 44.30 48.39
CA TYR F 219 1.23 45.28 48.34
C TYR F 219 2.55 44.55 48.12
N ILE F 220 2.74 43.46 48.85
CA ILE F 220 3.98 42.69 48.71
C ILE F 220 4.05 42.06 47.33
N ILE F 221 2.93 41.53 46.83
CA ILE F 221 2.90 40.95 45.49
C ILE F 221 3.23 41.97 44.42
N LEU F 222 2.65 43.18 44.53
CA LEU F 222 2.97 44.23 43.57
C LEU F 222 4.46 44.52 43.52
N LEU F 223 5.08 44.77 44.67
CA LEU F 223 6.50 45.09 44.64
C LEU F 223 7.35 43.93 44.12
N LEU F 224 7.08 42.70 44.58
CA LEU F 224 7.89 41.54 44.17
C LEU F 224 7.69 41.10 42.71
N ILE F 225 6.45 41.14 42.23
CA ILE F 225 6.12 40.53 40.96
C ILE F 225 5.83 41.48 39.81
N ALA F 226 5.33 42.68 40.05
CA ALA F 226 4.98 43.47 38.89
C ALA F 226 6.08 43.90 37.92
N GLY F 227 7.01 44.71 38.39
CA GLY F 227 8.16 45.05 37.57
C GLY F 227 8.95 43.98 36.87
N ASN F 228 8.72 42.71 37.20
CA ASN F 228 9.49 41.66 36.56
C ASN F 228 9.21 41.58 35.05
N GLU F 229 7.94 41.56 34.68
CA GLU F 229 7.61 41.41 33.27
C GLU F 229 7.93 42.70 32.51
N GLY F 230 7.66 43.85 33.15
CA GLY F 230 7.98 45.11 32.51
C GLY F 230 9.47 45.28 32.23
N THR F 231 10.31 44.95 33.21
CA THR F 231 11.74 45.14 32.99
C THR F 231 12.29 44.10 32.04
N THR F 232 11.83 42.85 32.15
CA THR F 232 12.24 41.85 31.18
C THR F 232 11.95 42.34 29.77
N ASN F 233 10.74 42.90 29.57
CA ASN F 233 10.34 43.33 28.25
C ASN F 233 11.09 44.58 27.79
N LEU F 234 11.41 45.49 28.71
CA LEU F 234 12.21 46.65 28.33
C LEU F 234 13.55 46.20 27.79
N ILE F 235 14.19 45.27 28.50
CA ILE F 235 15.50 44.80 28.07
C ILE F 235 15.41 44.09 26.73
N SER F 236 14.44 43.16 26.59
CA SER F 236 14.34 42.43 25.33
C SER F 236 13.95 43.34 24.16
N ASN F 237 12.98 44.23 24.37
CA ASN F 237 12.60 45.18 23.32
C ASN F 237 13.78 46.05 22.92
N SER F 238 14.60 46.46 23.88
CA SER F 238 15.77 47.28 23.58
C SER F 238 16.72 46.51 22.70
N VAL F 239 16.97 45.25 23.05
CA VAL F 239 17.87 44.44 22.24
C VAL F 239 17.35 44.33 20.82
N ILE F 240 16.04 44.13 20.69
CA ILE F 240 15.45 44.00 19.37
C ILE F 240 15.64 45.30 18.59
N ASP F 241 15.27 46.43 19.21
CA ASP F 241 15.35 47.73 18.53
C ASP F 241 16.79 48.09 18.15
N PHE F 242 17.74 47.88 19.05
CA PHE F 242 19.10 48.27 18.71
C PHE F 242 19.62 47.40 17.58
N THR F 243 19.18 46.14 17.52
CA THR F 243 19.60 45.23 16.45
C THR F 243 18.88 45.58 15.14
N ARG F 244 17.57 45.79 15.20
CA ARG F 244 16.70 46.06 14.06
C ARG F 244 17.12 47.31 13.31
N PHE F 245 17.62 48.30 14.02
CA PHE F 245 17.97 49.59 13.44
C PHE F 245 19.47 49.76 13.25
N ASN F 246 20.26 48.72 13.49
CA ASN F 246 21.72 48.73 13.30
C ASN F 246 22.40 49.87 14.07
N LEU F 247 22.18 49.90 15.38
CA LEU F 247 22.58 51.06 16.16
C LEU F 247 23.65 50.78 17.19
N TRP F 248 24.05 49.52 17.34
CA TRP F 248 24.95 49.10 18.42
C TRP F 248 26.30 49.80 18.35
N GLN F 249 26.90 49.89 17.15
CA GLN F 249 28.21 50.52 17.04
C GLN F 249 28.14 51.99 17.44
N ARG F 250 27.12 52.68 16.92
CA ARG F 250 26.96 54.08 17.23
C ARG F 250 26.72 54.29 18.72
N ILE F 251 25.83 53.49 19.30
CA ILE F 251 25.51 53.61 20.73
C ILE F 251 26.76 53.42 21.58
N ARG F 252 27.64 52.51 21.15
CA ARG F 252 28.85 52.23 21.92
C ARG F 252 29.79 53.40 21.82
N GLU F 253 30.03 53.86 20.60
CA GLU F 253 31.02 54.88 20.34
C GLU F 253 30.62 56.23 20.93
N GLU F 254 29.32 56.48 21.04
CA GLU F 254 28.80 57.76 21.47
C GLU F 254 28.25 57.76 22.90
N ASN F 255 28.33 56.64 23.63
CA ASN F 255 27.83 56.57 25.00
C ASN F 255 26.36 57.00 25.11
N LEU F 256 25.50 56.40 24.30
CA LEU F 256 24.10 56.81 24.23
C LEU F 256 23.20 55.98 25.12
N TYR F 257 23.77 55.29 26.10
CA TYR F 257 23.00 54.30 26.85
C TYR F 257 21.74 54.89 27.48
N LEU F 258 21.84 56.02 28.18
CA LEU F 258 20.63 56.49 28.84
C LEU F 258 19.60 56.94 27.80
N LYS F 259 20.04 57.71 26.82
CA LYS F 259 19.13 58.21 25.80
C LYS F 259 18.51 57.07 25.00
N ALA F 260 19.31 56.08 24.61
CA ALA F 260 18.78 54.97 23.83
C ALA F 260 17.77 54.13 24.62
N ILE F 261 18.01 53.92 25.92
CA ILE F 261 17.03 53.18 26.72
C ILE F 261 15.72 53.96 26.80
N GLU F 262 15.81 55.29 26.94
CA GLU F 262 14.61 56.11 26.95
C GLU F 262 13.87 56.04 25.61
N GLU F 263 14.60 56.04 24.50
CA GLU F 263 13.94 55.92 23.21
C GLU F 263 13.26 54.55 23.07
N ALA F 264 13.87 53.50 23.60
CA ALA F 264 13.18 52.21 23.60
C ALA F 264 11.90 52.28 24.43
N LEU F 265 11.94 52.95 25.59
CA LEU F 265 10.71 53.13 26.37
C LEU F 265 9.63 53.88 25.59
N ARG F 266 10.02 54.87 24.79
CA ARG F 266 9.03 55.62 24.02
C ARG F 266 8.49 54.79 22.87
N TYR F 267 9.41 54.24 22.07
CA TYR F 267 9.09 53.59 20.81
C TYR F 267 8.46 52.21 21.04
N SER F 268 9.00 51.44 21.97
CA SER F 268 8.49 50.10 22.26
C SER F 268 8.10 50.00 23.73
N PRO F 269 7.06 50.70 24.16
CA PRO F 269 6.71 50.70 25.58
C PRO F 269 6.32 49.30 26.03
N PRO F 270 6.88 48.82 27.13
CA PRO F 270 6.47 47.50 27.62
C PRO F 270 5.00 47.42 28.00
N LEU F 271 4.45 48.52 28.50
CA LEU F 271 3.03 48.65 28.82
C LEU F 271 2.39 49.63 27.82
N MET F 272 1.41 49.13 27.07
CA MET F 272 0.81 49.81 25.93
C MET F 272 -0.29 50.79 26.33
N ARG F 273 -1.07 50.47 27.34
CA ARG F 273 -2.18 51.31 27.70
C ARG F 273 -2.48 51.13 29.17
N THR F 274 -3.17 52.11 29.71
CA THR F 274 -3.73 51.99 31.04
C THR F 274 -5.15 52.54 31.01
N VAL F 275 -5.82 52.45 32.14
CA VAL F 275 -7.24 52.79 32.20
C VAL F 275 -7.60 53.69 33.36
N ARG F 276 -8.58 54.56 33.13
CA ARG F 276 -9.24 55.31 34.19
C ARG F 276 -10.75 55.15 34.07
N LYS F 277 -11.47 55.44 35.16
CA LYS F 277 -12.93 55.49 35.15
C LYS F 277 -13.34 56.91 35.53
N THR F 278 -14.22 57.52 34.74
CA THR F 278 -14.67 58.86 35.08
C THR F 278 -15.57 58.82 36.32
N LYS F 279 -15.39 59.81 37.21
CA LYS F 279 -16.18 59.97 38.44
C LYS F 279 -17.30 60.99 38.27
N GLU F 280 -17.24 61.81 37.24
CA GLU F 280 -18.24 62.83 36.94
C GLU F 280 -18.20 63.11 35.45
N ARG F 281 -19.22 63.82 34.96
CA ARG F 281 -19.22 64.29 33.58
C ARG F 281 -18.02 65.19 33.30
N VAL F 282 -17.23 64.87 32.26
CA VAL F 282 -16.02 65.63 31.94
C VAL F 282 -15.95 65.99 30.45
N LYS F 283 -15.31 67.12 30.14
CA LYS F 283 -14.91 67.45 28.77
C LYS F 283 -13.47 67.02 28.57
N LEU F 284 -13.24 66.24 27.52
CA LEU F 284 -11.92 65.85 27.07
C LEU F 284 -11.79 66.17 25.60
N GLY F 285 -11.07 67.23 25.30
CA GLY F 285 -11.08 67.75 23.95
C GLY F 285 -12.46 68.24 23.62
N ASP F 286 -12.98 67.77 22.49
CA ASP F 286 -14.29 68.17 22.05
C ASP F 286 -15.36 67.18 22.43
N GLN F 287 -15.04 66.20 23.27
CA GLN F 287 -16.01 65.18 23.60
C GLN F 287 -16.46 65.36 25.04
N THR F 288 -17.71 65.01 25.30
CA THR F 288 -18.25 64.94 26.65
C THR F 288 -18.42 63.50 27.05
N ILE F 289 -17.76 63.12 28.13
CA ILE F 289 -17.78 61.76 28.65
C ILE F 289 -18.60 61.76 29.91
N GLU F 290 -19.60 60.87 29.96
CA GLU F 290 -20.52 60.84 31.08
C GLU F 290 -19.84 60.18 32.28
N GLU F 291 -20.35 60.49 33.47
CA GLU F 291 -19.87 59.84 34.68
C GLU F 291 -20.00 58.32 34.55
N GLY F 292 -18.94 57.61 34.95
CA GLY F 292 -18.99 56.15 34.99
C GLY F 292 -18.48 55.44 33.76
N GLU F 293 -18.11 56.14 32.70
CA GLU F 293 -17.57 55.53 31.50
C GLU F 293 -16.07 55.21 31.70
N TYR F 294 -15.56 54.22 30.97
CA TYR F 294 -14.17 53.80 31.07
C TYR F 294 -13.33 54.50 29.99
N VAL F 295 -12.15 54.93 30.37
CA VAL F 295 -11.24 55.60 29.46
C VAL F 295 -9.98 54.76 29.35
N ARG F 296 -9.72 54.30 28.13
CA ARG F 296 -8.53 53.57 27.79
C ARG F 296 -7.57 54.61 27.27
N VAL F 297 -6.41 54.70 27.91
CA VAL F 297 -5.39 55.62 27.48
C VAL F 297 -4.33 54.80 26.80
N TRP F 298 -3.99 55.20 25.58
CA TRP F 298 -2.98 54.49 24.80
C TRP F 298 -1.64 55.15 24.95
N ILE F 299 -0.81 54.60 25.83
CA ILE F 299 0.51 55.16 26.03
C ILE F 299 1.32 55.04 24.75
N ALA F 300 1.20 53.90 24.07
CA ALA F 300 1.95 53.68 22.84
C ALA F 300 1.63 54.70 21.77
N SER F 301 0.34 55.06 21.59
CA SER F 301 -0.01 56.09 20.62
C SER F 301 0.48 57.46 21.04
N ALA F 302 0.22 57.83 22.29
CA ALA F 302 0.65 59.15 22.76
C ALA F 302 2.16 59.30 22.57
N ASN F 303 2.92 58.23 22.75
CA ASN F 303 4.37 58.28 22.67
C ASN F 303 4.86 58.48 21.27
N ARG F 304 3.97 58.53 20.27
CA ARG F 304 4.40 58.70 18.89
C ARG F 304 3.82 59.96 18.28
N ASP F 305 3.18 60.78 19.11
CA ASP F 305 2.51 62.04 18.73
C ASP F 305 3.49 63.08 18.18
N GLU F 306 3.23 63.60 16.96
CA GLU F 306 4.21 64.49 16.33
C GLU F 306 4.25 65.88 16.98
N GLU F 307 3.22 66.25 17.75
CA GLU F 307 3.29 67.53 18.44
C GLU F 307 4.36 67.48 19.52
N VAL F 308 4.73 66.31 20.01
CA VAL F 308 5.69 66.19 21.07
C VAL F 308 6.98 65.53 20.59
N PHE F 309 6.90 64.52 19.74
CA PHE F 309 8.10 63.84 19.30
C PHE F 309 8.17 64.19 17.82
N HIS F 310 9.07 65.09 17.43
CA HIS F 310 9.29 65.35 16.02
C HIS F 310 9.86 64.10 15.33
N ASP F 311 9.29 63.78 14.18
CA ASP F 311 9.66 62.58 13.44
C ASP F 311 9.45 61.40 14.37
N GLY F 312 8.27 61.40 15.00
CA GLY F 312 7.90 60.47 16.04
C GLY F 312 7.84 59.02 15.63
N GLU F 313 7.85 58.71 14.33
CA GLU F 313 7.75 57.34 13.89
C GLU F 313 9.13 56.73 13.64
N LYS F 314 10.19 57.56 13.69
CA LYS F 314 11.57 57.08 13.53
C LYS F 314 12.13 56.83 14.92
N PHE F 315 13.01 55.84 15.01
CA PHE F 315 13.76 55.59 16.23
C PHE F 315 15.04 56.41 16.19
N ILE F 316 15.10 57.38 17.08
CA ILE F 316 16.25 58.26 17.19
C ILE F 316 16.96 58.02 18.51
N PRO F 317 18.10 57.32 18.48
CA PRO F 317 18.70 56.81 19.73
C PRO F 317 19.14 57.90 20.65
N ASP F 318 19.38 59.10 20.11
CA ASP F 318 19.83 60.23 20.90
C ASP F 318 18.77 61.34 21.01
N ARG F 319 17.50 60.96 20.79
CA ARG F 319 16.37 61.87 20.92
C ARG F 319 16.40 62.59 22.25
N ASN F 320 16.29 63.91 22.21
CA ASN F 320 16.28 64.68 23.45
C ASN F 320 15.59 66.01 23.11
N PRO F 321 14.56 66.41 23.83
CA PRO F 321 13.92 65.75 24.98
C PRO F 321 13.13 64.54 24.66
N ASN F 322 12.87 63.72 25.66
CA ASN F 322 12.11 62.49 25.45
C ASN F 322 11.06 62.30 26.55
N PRO F 323 10.00 63.13 26.54
CA PRO F 323 8.98 63.13 27.60
C PRO F 323 7.90 62.07 27.39
N HIS F 324 8.33 60.84 27.18
CA HIS F 324 7.41 59.74 26.97
C HIS F 324 6.58 59.46 28.22
N LEU F 325 5.51 58.70 28.03
CA LEU F 325 4.54 58.42 29.08
C LEU F 325 4.56 56.94 29.45
N SER F 326 5.65 56.25 29.14
CA SER F 326 5.70 54.81 29.31
C SER F 326 5.59 54.37 30.76
N PHE F 327 5.95 55.24 31.71
CA PHE F 327 5.83 55.01 33.14
C PHE F 327 4.60 55.71 33.71
N GLY F 328 3.74 56.21 32.86
CA GLY F 328 2.61 57.00 33.30
C GLY F 328 3.00 58.45 33.52
N SER F 329 2.05 59.17 34.13
CA SER F 329 2.19 60.57 34.45
C SER F 329 1.33 60.87 35.67
N GLY F 330 1.71 61.91 36.40
CA GLY F 330 0.96 62.35 37.56
C GLY F 330 1.22 61.57 38.85
N ILE F 331 0.17 61.46 39.66
CA ILE F 331 0.40 60.96 41.01
C ILE F 331 0.71 59.47 40.99
N HIS F 332 0.42 58.78 39.89
CA HIS F 332 0.64 57.36 39.82
C HIS F 332 1.86 57.02 38.98
N LEU F 333 2.72 58.00 38.72
CA LEU F 333 3.97 57.71 38.03
C LEU F 333 4.76 56.57 38.68
N GLY F 334 5.08 55.56 37.87
CA GLY F 334 5.76 54.34 38.26
C GLY F 334 6.77 54.48 39.37
N LEU F 335 6.47 53.85 40.51
CA LEU F 335 7.39 53.85 41.64
C LEU F 335 8.75 53.25 41.28
N GLY F 336 8.78 52.27 40.41
CA GLY F 336 9.98 51.53 40.08
C GLY F 336 10.74 52.05 38.88
N ALA F 337 10.32 53.19 38.35
CA ALA F 337 10.93 53.70 37.12
C ALA F 337 12.44 53.81 37.23
N PRO F 338 13.00 54.36 38.31
CA PRO F 338 14.46 54.47 38.39
C PRO F 338 15.15 53.13 38.36
N LEU F 339 14.61 52.15 39.10
CA LEU F 339 15.17 50.81 39.08
C LEU F 339 15.11 50.18 37.71
N ALA F 340 13.95 50.27 37.06
CA ALA F 340 13.85 49.71 35.73
C ALA F 340 14.89 50.30 34.80
N ARG F 341 15.04 51.62 34.86
CA ARG F 341 16.02 52.28 34.01
C ARG F 341 17.42 51.81 34.31
N LEU F 342 17.79 51.71 35.60
CA LEU F 342 19.13 51.27 35.98
C LEU F 342 19.41 49.84 35.52
N GLU F 343 18.49 48.90 35.79
CA GLU F 343 18.72 47.53 35.36
C GLU F 343 18.88 47.43 33.85
N ALA F 344 17.95 48.03 33.10
CA ALA F 344 18.05 47.96 31.65
C ALA F 344 19.32 48.63 31.13
N ARG F 345 19.68 49.80 31.67
CA ARG F 345 20.87 50.51 31.23
C ARG F 345 22.11 49.63 31.45
N ILE F 346 22.26 49.06 32.66
CA ILE F 346 23.43 48.23 32.97
C ILE F 346 23.46 46.97 32.10
N ALA F 347 22.30 46.33 31.94
CA ALA F 347 22.23 45.14 31.11
C ALA F 347 22.69 45.45 29.70
N ILE F 348 22.24 46.56 29.14
CA ILE F 348 22.58 46.87 27.75
C ILE F 348 24.06 47.26 27.65
N GLU F 349 24.57 48.02 28.63
CA GLU F 349 25.98 48.36 28.63
C GLU F 349 26.85 47.11 28.61
N GLU F 350 26.62 46.19 29.55
CA GLU F 350 27.48 45.01 29.66
C GLU F 350 27.34 44.10 28.44
N PHE F 351 26.11 43.93 27.94
CA PHE F 351 25.87 43.13 26.75
C PHE F 351 26.64 43.71 25.56
N SER F 352 26.60 45.04 25.40
CA SER F 352 27.28 45.67 24.27
C SER F 352 28.79 45.52 24.40
N LYS F 353 29.30 45.53 25.65
CA LYS F 353 30.74 45.37 25.85
C LYS F 353 31.18 43.97 25.48
N ARG F 354 30.30 42.98 25.66
CA ARG F 354 30.71 41.59 25.45
C ARG F 354 30.58 41.10 24.01
N PHE F 355 29.53 41.46 23.29
CA PHE F 355 29.26 40.89 21.97
C PHE F 355 29.22 41.97 20.89
N ARG F 356 30.06 41.81 19.86
CA ARG F 356 30.17 42.85 18.84
C ARG F 356 29.27 42.64 17.61
N HIS F 357 28.98 41.41 17.20
CA HIS F 357 28.10 41.18 16.05
C HIS F 357 26.89 40.39 16.51
N ILE F 358 25.69 40.90 16.24
CA ILE F 358 24.44 40.25 16.65
C ILE F 358 23.53 40.00 15.45
N GLU F 359 23.16 38.73 15.25
CA GLU F 359 22.20 38.27 14.25
C GLU F 359 20.98 37.67 14.95
N ILE F 360 19.79 38.17 14.64
CA ILE F 360 18.55 37.63 15.23
C ILE F 360 18.10 36.39 14.46
N LEU F 361 17.99 35.26 15.17
CA LEU F 361 17.64 34.00 14.54
C LEU F 361 16.15 33.68 14.67
N ASP F 362 15.55 33.84 15.84
CA ASP F 362 14.15 33.47 15.99
C ASP F 362 13.52 34.33 17.07
N THR F 363 12.26 34.75 16.89
CA THR F 363 11.53 35.50 17.91
C THR F 363 10.11 34.98 18.10
N GLU F 364 9.64 34.99 19.34
CA GLU F 364 8.25 34.75 19.67
C GLU F 364 7.75 35.84 20.59
N LYS F 365 6.67 36.55 20.20
CA LYS F 365 6.17 37.67 21.03
C LYS F 365 5.31 37.16 22.18
N VAL F 366 5.26 37.98 23.24
CA VAL F 366 4.30 37.79 24.34
C VAL F 366 2.96 38.08 23.70
N PRO F 367 2.06 37.12 23.71
CA PRO F 367 0.79 37.28 23.01
C PRO F 367 -0.20 38.14 23.76
N ASN F 368 -0.29 39.43 23.44
CA ASN F 368 -1.26 40.24 24.16
C ASN F 368 -1.20 41.70 23.73
N GLU F 369 -2.34 42.41 23.64
CA GLU F 369 -2.28 43.77 23.12
C GLU F 369 -1.89 44.81 24.17
N VAL F 370 -1.84 44.42 25.43
CA VAL F 370 -1.56 45.35 26.52
C VAL F 370 -0.09 45.34 26.87
N LEU F 371 0.55 44.17 26.89
CA LEU F 371 1.96 44.05 27.23
C LEU F 371 2.71 43.85 25.92
N ASN F 372 3.88 44.45 25.82
CA ASN F 372 4.69 44.39 24.62
C ASN F 372 6.08 43.83 24.88
N GLY F 373 6.30 42.59 24.47
CA GLY F 373 7.62 42.02 24.66
C GLY F 373 7.72 40.68 23.98
N TYR F 374 8.69 39.90 24.42
CA TYR F 374 9.00 38.64 23.77
C TYR F 374 9.07 37.50 24.77
N LYS F 375 8.39 36.40 24.43
CA LYS F 375 8.54 35.16 25.16
C LYS F 375 9.88 34.52 24.85
N ARG F 376 10.35 34.65 23.60
CA ARG F 376 11.59 34.02 23.17
C ARG F 376 12.32 34.96 22.23
N LEU F 377 13.61 35.16 22.46
CA LEU F 377 14.44 35.93 21.54
C LEU F 377 15.77 35.23 21.34
N VAL F 378 15.86 34.42 20.29
CA VAL F 378 17.05 33.63 19.99
C VAL F 378 17.93 34.41 19.04
N VAL F 379 19.21 34.58 19.41
CA VAL F 379 20.18 35.39 18.68
C VAL F 379 21.46 34.61 18.47
N ARG F 380 22.19 34.97 17.42
CA ARG F 380 23.59 34.60 17.20
C ARG F 380 24.52 35.77 17.48
N LEU F 381 25.58 35.48 18.24
CA LEU F 381 26.54 36.39 18.84
C LEU F 381 28.00 36.14 18.46
N LYS F 382 28.76 37.22 18.36
CA LYS F 382 30.21 37.13 18.22
C LYS F 382 30.70 37.77 19.52
N SER F 383 31.53 37.02 20.26
CA SER F 383 32.25 37.46 21.46
C SER F 383 33.50 38.30 21.22
N ASN F 384 33.82 39.11 22.24
CA ASN F 384 35.09 39.79 22.49
C ASN F 384 34.94 41.30 22.38
#